data_3PU0
#
_entry.id   3PU0
#
_cell.length_a   164.652
_cell.length_b   235.554
_cell.length_c   75.857
_cell.angle_alpha   90.00
_cell.angle_beta   90.00
_cell.angle_gamma   90.00
#
_symmetry.space_group_name_H-M   'P 21 21 2'
#
loop_
_entity.id
_entity.type
_entity.pdbx_description
1 polymer Nucleoprotein
2 polymer 'RNA (45-MER)'
3 non-polymer 'URANYL (VI) ION'
#
loop_
_entity_poly.entity_id
_entity_poly.type
_entity_poly.pdbx_seq_one_letter_code
_entity_poly.pdbx_strand_id
1 'polypeptide(L)'
;SVTVKRIIDNTVIVPKLPANEDPVEYPADYFRKSKEIPLYINTTKSLSDLRGYVYQGLKSGNVSIIHVNSYLYGALKDIR
GKLDKDWSSFGINIGKAGDTIGIFDLVSLKALDGVLPDGVSDASRTSADDKWLPLYLLGLYRVGRTQMPEYRKKLMDGLT
NQCKMINEQFEPLVPEGRDIFDVWGNDSNYTKIVAAVDMFFHMFKKHECASFRYGTIVSRFKDCAALATFGHLCKITGMS
TEDVTTWILNREVADEMVQMMLPGQEIDKADSYMPYLIDFGLSSKSPYSSVKNPAFHFWGQLTALLLRSTRARNARQPDD
IEYTSLTTAGLLYAYAVGSSADLAQQFCVGDNKYTPDDSTGGLTTNAPPQGRDVVEWLGWFEDQNRKPTPDMMQYAKRAV
MSLQGLREKTIGKYAKSEFDK
;
A,B,C,D,E
2 'polyribonucleotide' CCCCCCCCCCCCCCCCCCCCCCCCCCCCCCCCCCCCCCCCCCCCC R
#
loop_
_chem_comp.id
_chem_comp.type
_chem_comp.name
_chem_comp.formula
C RNA linking CYTIDINE-5'-MONOPHOSPHATE 'C9 H14 N3 O8 P'
IUM non-polymer 'URANYL (VI) ION' 'O2 U 2'
#
# COMPACT_ATOMS: atom_id res chain seq x y z
N SER A 1 35.82 -10.35 -5.36
CA SER A 1 34.37 -10.55 -5.46
C SER A 1 33.87 -10.96 -6.90
N VAL A 2 34.59 -11.85 -7.60
CA VAL A 2 34.09 -12.46 -8.86
C VAL A 2 34.16 -13.99 -8.81
N THR A 3 33.64 -14.55 -7.73
CA THR A 3 33.57 -15.99 -7.52
C THR A 3 33.14 -16.27 -6.08
N VAL A 4 31.95 -16.87 -5.94
CA VAL A 4 31.33 -17.02 -4.64
C VAL A 4 31.18 -18.51 -4.32
N LYS A 5 31.12 -18.87 -3.04
CA LYS A 5 30.91 -20.27 -2.70
C LYS A 5 30.17 -20.44 -1.40
N ARG A 6 29.27 -21.42 -1.37
CA ARG A 6 28.55 -21.78 -0.16
C ARG A 6 29.52 -22.32 0.89
N ILE A 7 29.66 -21.62 1.99
CA ILE A 7 30.64 -22.02 2.98
C ILE A 7 30.25 -23.26 3.77
N ILE A 8 29.24 -24.00 3.33
CA ILE A 8 28.83 -25.15 4.14
C ILE A 8 29.16 -26.44 3.42
N ASP A 9 28.98 -26.44 2.10
CA ASP A 9 29.26 -27.62 1.29
C ASP A 9 30.30 -27.28 0.24
N ASN A 10 30.97 -26.15 0.46
CA ASN A 10 31.91 -25.58 -0.49
C ASN A 10 31.58 -25.84 -1.96
N THR A 11 30.43 -25.34 -2.40
CA THR A 11 30.09 -25.39 -3.83
C THR A 11 29.99 -24.00 -4.43
N VAL A 12 30.18 -23.93 -5.74
CA VAL A 12 30.11 -22.65 -6.44
C VAL A 12 28.65 -22.25 -6.66
N ILE A 13 28.36 -20.97 -6.47
CA ILE A 13 27.09 -20.40 -6.89
C ILE A 13 27.45 -19.21 -7.79
N VAL A 14 26.66 -18.97 -8.83
CA VAL A 14 27.01 -17.91 -9.78
C VAL A 14 25.96 -16.82 -9.80
N PRO A 15 26.02 -15.91 -8.81
CA PRO A 15 25.12 -14.76 -8.78
C PRO A 15 25.03 -14.07 -10.13
N LYS A 16 23.91 -14.28 -10.81
CA LYS A 16 23.57 -13.55 -12.02
C LYS A 16 22.12 -13.08 -11.89
N LEU A 17 21.74 -12.08 -12.69
CA LEU A 17 20.36 -11.58 -12.67
C LEU A 17 19.93 -10.94 -14.01
N PRO A 18 18.63 -11.06 -14.36
CA PRO A 18 18.03 -10.70 -15.65
C PRO A 18 18.61 -9.46 -16.30
N ALA A 19 18.85 -9.53 -17.60
CA ALA A 19 19.49 -8.43 -18.33
C ALA A 19 18.54 -7.27 -18.61
N ASN A 20 19.10 -6.06 -18.57
CA ASN A 20 18.38 -4.86 -19.00
C ASN A 20 19.12 -4.26 -20.17
N GLU A 21 18.39 -3.74 -21.13
CA GLU A 21 19.01 -3.37 -22.40
C GLU A 21 18.79 -1.91 -22.73
N ASP A 22 17.95 -1.68 -23.73
CA ASP A 22 17.82 -0.39 -24.42
C ASP A 22 18.93 0.63 -24.08
N PRO A 23 20.00 0.60 -24.87
CA PRO A 23 21.05 1.61 -24.86
C PRO A 23 20.46 2.96 -25.26
N VAL A 24 21.22 4.02 -25.07
CA VAL A 24 20.78 5.33 -25.50
C VAL A 24 21.16 5.50 -26.96
N GLU A 25 20.80 6.64 -27.51
CA GLU A 25 21.12 6.94 -28.90
C GLU A 25 21.39 8.43 -29.05
N TYR A 26 22.64 8.79 -29.33
CA TYR A 26 23.00 10.19 -29.47
C TYR A 26 22.61 10.71 -30.85
N PRO A 27 22.27 11.99 -30.93
CA PRO A 27 21.98 12.63 -32.21
C PRO A 27 23.10 12.40 -33.20
N ALA A 28 24.19 13.15 -33.04
CA ALA A 28 25.32 13.09 -33.97
C ALA A 28 25.52 11.67 -34.48
N ASP A 29 25.74 10.74 -33.56
CA ASP A 29 26.05 9.37 -33.92
C ASP A 29 24.88 8.72 -34.67
N TYR A 30 24.28 9.47 -35.57
CA TYR A 30 23.17 8.97 -36.39
C TYR A 30 23.14 9.64 -37.75
N PHE A 31 23.62 10.88 -37.81
CA PHE A 31 23.83 11.56 -39.08
C PHE A 31 25.05 10.94 -39.76
N ARG A 32 25.45 9.79 -39.23
CA ARG A 32 26.47 8.96 -39.85
C ARG A 32 25.74 7.99 -40.77
N LYS A 33 24.43 7.82 -40.52
CA LYS A 33 23.51 7.12 -41.46
C LYS A 33 22.96 8.10 -42.50
N SER A 34 21.72 8.53 -42.33
CA SER A 34 21.09 9.52 -43.23
C SER A 34 21.71 10.89 -43.12
N LYS A 35 21.39 11.80 -44.04
CA LYS A 35 21.88 13.17 -43.97
C LYS A 35 20.76 14.17 -44.23
N GLU A 36 19.53 13.75 -43.94
CA GLU A 36 18.34 14.61 -44.08
C GLU A 36 17.21 14.10 -43.19
N ILE A 37 16.39 15.02 -42.69
CA ILE A 37 15.21 14.60 -41.93
C ILE A 37 13.96 14.54 -42.83
N PRO A 38 13.49 13.31 -43.12
CA PRO A 38 12.45 13.08 -44.13
C PRO A 38 11.05 13.39 -43.60
N LEU A 39 10.45 14.50 -44.03
CA LEU A 39 9.08 14.84 -43.63
C LEU A 39 8.07 14.35 -44.67
N TYR A 40 7.46 13.20 -44.42
CA TYR A 40 6.45 12.68 -45.35
C TYR A 40 5.13 13.39 -45.13
N ILE A 41 4.95 14.54 -45.77
CA ILE A 41 3.62 15.06 -45.95
C ILE A 41 3.15 14.58 -47.30
N ASN A 42 2.44 13.46 -47.30
CA ASN A 42 1.87 12.95 -48.53
C ASN A 42 0.85 13.94 -49.10
N THR A 43 -0.22 13.39 -49.64
CA THR A 43 -1.37 14.18 -50.05
C THR A 43 -1.03 15.70 -50.03
N THR A 44 -0.63 16.19 -51.21
CA THR A 44 -0.58 17.62 -51.49
C THR A 44 -1.75 17.95 -52.45
N LYS A 45 -2.86 18.43 -51.85
CA LYS A 45 -4.11 18.73 -52.56
C LYS A 45 -4.35 20.22 -52.65
N SER A 46 -5.37 20.72 -51.96
CA SER A 46 -5.68 22.14 -52.08
C SER A 46 -5.74 22.83 -50.71
N LEU A 47 -5.21 24.04 -50.63
CA LEU A 47 -5.21 24.74 -49.35
C LEU A 47 -6.63 25.08 -48.86
N SER A 48 -7.41 25.73 -49.71
CA SER A 48 -8.78 26.09 -49.36
C SER A 48 -9.57 24.84 -49.05
N ASP A 49 -9.29 23.77 -49.79
CA ASP A 49 -9.92 22.49 -49.55
C ASP A 49 -9.56 21.97 -48.16
N LEU A 50 -8.27 22.03 -47.83
CA LEU A 50 -7.73 21.54 -46.55
C LEU A 50 -8.22 22.35 -45.35
N ARG A 51 -8.12 23.66 -45.44
CA ARG A 51 -8.69 24.56 -44.45
C ARG A 51 -10.08 24.09 -44.02
N GLY A 52 -10.82 23.56 -44.98
CA GLY A 52 -12.13 22.99 -44.71
C GLY A 52 -12.10 21.65 -43.98
N TYR A 53 -11.43 20.66 -44.57
CA TYR A 53 -11.47 19.30 -44.02
C TYR A 53 -11.27 19.31 -42.51
N VAL A 54 -10.42 20.20 -42.04
CA VAL A 54 -10.14 20.28 -40.61
C VAL A 54 -11.04 21.27 -39.87
N TYR A 55 -11.25 22.47 -40.42
CA TYR A 55 -12.10 23.42 -39.71
C TYR A 55 -13.36 22.71 -39.25
N GLN A 56 -13.98 21.99 -40.19
CA GLN A 56 -15.14 21.16 -39.89
C GLN A 56 -14.69 19.91 -39.15
N GLY A 57 -13.79 19.14 -39.76
CA GLY A 57 -13.28 17.92 -39.14
C GLY A 57 -12.99 18.02 -37.66
N LEU A 58 -12.60 19.22 -37.20
CA LEU A 58 -12.35 19.47 -35.80
C LEU A 58 -13.64 19.44 -34.99
N LYS A 59 -14.56 20.35 -35.29
CA LYS A 59 -15.94 20.24 -34.85
C LYS A 59 -16.49 18.83 -35.12
N SER A 60 -16.19 17.91 -34.21
CA SER A 60 -16.57 16.52 -34.39
C SER A 60 -15.39 15.79 -33.74
N GLY A 61 -15.57 14.50 -33.48
CA GLY A 61 -14.66 13.78 -32.61
C GLY A 61 -13.85 12.95 -33.60
N ASN A 62 -13.33 13.63 -34.61
CA ASN A 62 -12.61 12.95 -35.70
C ASN A 62 -12.03 13.94 -36.72
N VAL A 63 -10.78 13.72 -37.07
CA VAL A 63 -10.13 14.47 -38.15
C VAL A 63 -8.85 13.71 -38.44
N SER A 64 -8.55 13.49 -39.72
CA SER A 64 -7.38 12.70 -40.06
C SER A 64 -6.13 13.50 -39.76
N ILE A 65 -5.29 12.94 -38.89
CA ILE A 65 -4.01 13.54 -38.65
C ILE A 65 -3.36 13.89 -39.98
N ILE A 66 -3.46 12.99 -40.96
CA ILE A 66 -2.79 13.18 -42.26
C ILE A 66 -3.30 14.44 -42.98
N HIS A 67 -4.46 14.92 -42.56
CA HIS A 67 -5.00 16.16 -43.10
C HIS A 67 -4.31 17.36 -42.46
N VAL A 68 -4.36 17.43 -41.14
CA VAL A 68 -3.74 18.53 -40.39
C VAL A 68 -2.27 18.76 -40.76
N ASN A 69 -1.53 17.67 -40.97
CA ASN A 69 -0.15 17.79 -41.45
C ASN A 69 -0.07 18.60 -42.73
N SER A 70 -0.80 18.16 -43.75
CA SER A 70 -0.83 18.84 -45.04
C SER A 70 -1.34 20.28 -44.92
N TYR A 71 -2.34 20.50 -44.07
CA TYR A 71 -2.84 21.85 -43.86
C TYR A 71 -1.73 22.73 -43.34
N LEU A 72 -1.04 22.24 -42.32
CA LEU A 72 0.07 22.97 -41.71
C LEU A 72 1.14 23.27 -42.75
N TYR A 73 1.60 22.24 -43.46
CA TYR A 73 2.51 22.50 -44.57
C TYR A 73 1.93 23.66 -45.36
N GLY A 74 0.62 23.62 -45.59
CA GLY A 74 -0.10 24.66 -46.31
C GLY A 74 0.21 26.08 -45.86
N ALA A 75 -0.26 26.45 -44.66
CA ALA A 75 -0.12 27.82 -44.12
C ALA A 75 1.34 28.20 -43.88
N LEU A 76 2.16 27.20 -43.62
CA LEU A 76 3.55 27.42 -43.26
C LEU A 76 4.51 27.19 -44.42
N LYS A 77 4.47 28.06 -45.42
CA LYS A 77 5.67 28.30 -46.21
C LYS A 77 5.83 29.79 -46.38
N ASP A 78 5.34 30.51 -45.36
CA ASP A 78 5.93 31.79 -44.99
C ASP A 78 7.48 31.59 -44.94
N ILE A 79 8.07 31.64 -46.12
CA ILE A 79 9.51 31.52 -46.29
C ILE A 79 10.19 32.54 -45.36
N ARG A 80 9.43 33.55 -44.94
CA ARG A 80 9.91 34.67 -44.11
C ARG A 80 11.06 34.30 -43.15
N GLY A 81 12.30 34.61 -43.54
CA GLY A 81 13.45 34.33 -42.71
C GLY A 81 14.78 34.69 -43.35
N LYS A 82 15.34 35.84 -42.98
CA LYS A 82 16.66 36.29 -43.49
C LYS A 82 17.82 35.93 -42.57
N LEU A 83 18.50 34.83 -42.88
CA LEU A 83 19.59 34.29 -42.06
C LEU A 83 20.76 35.27 -41.91
N ASP A 84 20.67 36.16 -40.92
CA ASP A 84 21.69 37.17 -40.69
C ASP A 84 22.96 36.58 -40.09
N LYS A 85 23.31 35.37 -40.48
CA LYS A 85 24.47 34.67 -39.95
C LYS A 85 24.86 33.53 -40.87
N ASP A 86 25.26 32.42 -40.27
CA ASP A 86 25.40 31.16 -41.01
C ASP A 86 24.52 30.13 -40.32
N TRP A 87 24.67 28.85 -40.66
CA TRP A 87 23.84 27.80 -40.04
C TRP A 87 24.19 26.39 -40.51
N SER A 88 25.00 25.68 -39.73
CA SER A 88 25.21 24.25 -39.96
C SER A 88 24.82 23.49 -38.69
N SER A 89 25.18 22.22 -38.64
CA SER A 89 24.83 21.37 -37.51
C SER A 89 24.91 19.91 -37.91
N PHE A 90 25.92 19.22 -37.41
CA PHE A 90 26.09 17.79 -37.65
C PHE A 90 26.56 17.48 -39.07
N GLY A 91 26.95 18.53 -39.80
CA GLY A 91 27.39 18.38 -41.18
C GLY A 91 26.41 19.07 -42.12
N ILE A 92 25.12 18.97 -41.78
CA ILE A 92 24.03 19.52 -42.57
C ILE A 92 24.00 21.05 -42.63
N ASN A 93 24.07 21.60 -43.84
CA ASN A 93 23.98 23.04 -44.01
C ASN A 93 22.53 23.47 -44.11
N ILE A 94 22.24 24.73 -43.82
CA ILE A 94 20.85 25.21 -43.80
C ILE A 94 20.74 26.61 -44.39
N GLY A 95 21.87 27.27 -44.60
CA GLY A 95 21.87 28.61 -45.19
C GLY A 95 23.14 29.39 -44.93
N LYS A 96 23.39 30.42 -45.74
CA LYS A 96 24.54 31.30 -45.52
C LYS A 96 24.10 32.74 -45.28
N ALA A 97 25.05 33.65 -45.22
CA ALA A 97 24.75 35.07 -45.00
C ALA A 97 23.67 35.61 -45.94
N GLY A 98 22.71 36.36 -45.40
CA GLY A 98 21.67 37.00 -46.20
C GLY A 98 20.60 36.05 -46.70
N ASP A 99 21.05 34.86 -47.13
CA ASP A 99 20.20 33.74 -47.52
C ASP A 99 18.78 33.80 -46.94
N THR A 100 17.80 33.49 -47.77
CA THR A 100 16.43 33.36 -47.28
C THR A 100 16.06 31.87 -47.20
N ILE A 101 15.24 31.53 -46.21
CA ILE A 101 14.87 30.14 -45.94
C ILE A 101 13.56 30.06 -45.14
N GLY A 102 12.80 28.98 -45.38
CA GLY A 102 11.52 28.75 -44.72
C GLY A 102 11.56 27.63 -43.70
N ILE A 103 10.43 27.43 -43.02
CA ILE A 103 10.35 26.46 -41.93
C ILE A 103 10.77 25.07 -42.37
N PHE A 104 10.57 24.78 -43.65
CA PHE A 104 10.72 23.41 -44.13
C PHE A 104 12.02 23.15 -44.90
N ASP A 105 12.99 24.04 -44.77
CA ASP A 105 14.29 23.78 -45.38
C ASP A 105 14.97 22.71 -44.57
N LEU A 106 14.13 21.77 -44.12
CA LEU A 106 14.53 20.56 -43.40
C LEU A 106 13.76 19.36 -44.01
N VAL A 107 13.84 19.28 -45.34
CA VAL A 107 13.79 18.05 -46.17
C VAL A 107 12.46 17.28 -46.48
N SER A 108 11.59 17.89 -47.30
CA SER A 108 10.20 17.40 -47.56
C SER A 108 10.04 16.28 -48.62
N LEU A 109 9.41 15.18 -48.23
CA LEU A 109 9.09 14.08 -49.13
C LEU A 109 7.58 13.84 -49.11
N LYS A 110 7.11 12.86 -49.89
CA LYS A 110 5.67 12.56 -50.01
C LYS A 110 5.43 11.04 -50.08
N ALA A 111 4.17 10.60 -49.91
CA ALA A 111 3.86 9.16 -50.01
C ALA A 111 2.38 8.74 -50.13
N LEU A 112 2.01 7.73 -49.33
CA LEU A 112 0.88 6.82 -49.59
C LEU A 112 -0.50 7.46 -49.89
N ASP A 113 -1.40 6.64 -50.46
CA ASP A 113 -2.55 7.12 -51.27
C ASP A 113 -3.91 7.28 -50.58
N GLY A 114 -4.00 6.96 -49.30
CA GLY A 114 -5.25 7.05 -48.57
C GLY A 114 -5.66 8.47 -48.20
N VAL A 115 -6.83 8.89 -48.67
CA VAL A 115 -7.37 10.20 -48.35
C VAL A 115 -8.87 10.06 -48.06
N LEU A 116 -9.40 10.88 -47.16
CA LEU A 116 -10.81 10.75 -46.77
C LEU A 116 -11.81 11.63 -47.54
N PRO A 117 -12.00 12.92 -47.16
CA PRO A 117 -12.95 13.71 -47.96
C PRO A 117 -12.42 14.21 -49.32
N ASP A 118 -13.31 14.76 -50.14
CA ASP A 118 -12.99 15.20 -51.50
C ASP A 118 -13.44 16.64 -51.78
N GLY A 119 -12.57 17.42 -52.41
CA GLY A 119 -12.88 18.79 -52.77
C GLY A 119 -13.42 19.70 -51.67
N VAL A 120 -14.66 20.18 -51.86
CA VAL A 120 -15.32 21.16 -50.98
C VAL A 120 -16.00 20.55 -49.73
N SER A 121 -15.30 20.55 -48.58
CA SER A 121 -15.88 20.07 -47.31
C SER A 121 -16.57 21.22 -46.58
N ASP A 122 -17.44 21.90 -47.31
CA ASP A 122 -18.09 23.14 -46.87
C ASP A 122 -17.17 24.34 -47.12
N ALA A 123 -17.42 25.02 -48.24
CA ALA A 123 -16.58 26.13 -48.69
C ALA A 123 -16.51 27.29 -47.69
N SER A 124 -17.26 27.15 -46.58
CA SER A 124 -17.46 28.21 -45.59
C SER A 124 -16.24 29.08 -45.24
N ARG A 125 -15.10 28.44 -45.00
CA ARG A 125 -13.93 29.11 -44.41
C ARG A 125 -13.16 30.09 -45.30
N THR A 126 -13.01 31.30 -44.79
CA THR A 126 -12.21 32.34 -45.42
C THR A 126 -10.72 32.16 -45.06
N SER A 127 -9.87 33.08 -45.55
CA SER A 127 -8.43 33.01 -45.26
C SER A 127 -8.05 33.54 -43.86
N ALA A 128 -9.04 33.61 -42.96
CA ALA A 128 -8.77 33.64 -41.53
C ALA A 128 -8.06 32.31 -41.27
N ASP A 129 -6.74 32.32 -41.41
CA ASP A 129 -5.99 31.12 -41.76
C ASP A 129 -4.61 31.11 -41.13
N ASP A 130 -3.59 31.44 -41.94
CA ASP A 130 -2.20 31.52 -41.50
C ASP A 130 -2.07 32.51 -40.34
N LYS A 131 -3.17 32.77 -39.67
CA LYS A 131 -3.23 33.75 -38.62
C LYS A 131 -3.38 33.04 -37.29
N TRP A 132 -4.20 32.00 -37.27
CA TRP A 132 -4.54 31.39 -35.98
C TRP A 132 -4.71 29.87 -36.01
N LEU A 133 -5.28 29.34 -37.09
CA LEU A 133 -5.52 27.89 -37.17
C LEU A 133 -4.21 27.09 -37.04
N PRO A 134 -3.12 27.55 -37.68
CA PRO A 134 -1.90 26.76 -37.50
C PRO A 134 -1.52 26.75 -36.02
N LEU A 135 -1.65 27.90 -35.36
CA LEU A 135 -1.29 28.00 -33.96
C LEU A 135 -2.06 27.00 -33.11
N TYR A 136 -3.39 27.02 -33.29
CA TYR A 136 -4.26 26.10 -32.57
C TYR A 136 -3.71 24.69 -32.72
N LEU A 137 -3.66 24.23 -33.96
CA LEU A 137 -3.22 22.88 -34.29
C LEU A 137 -1.92 22.51 -33.60
N LEU A 138 -0.99 23.46 -33.58
CA LEU A 138 0.25 23.24 -32.88
C LEU A 138 0.01 23.26 -31.38
N GLY A 139 -0.66 24.30 -30.90
CA GLY A 139 -0.97 24.42 -29.50
C GLY A 139 -1.50 23.14 -28.88
N LEU A 140 -2.28 22.40 -29.65
CA LEU A 140 -2.89 21.17 -29.16
C LEU A 140 -1.84 20.12 -28.76
N TYR A 141 -0.72 20.10 -29.50
CA TYR A 141 0.37 19.17 -29.19
C TYR A 141 0.80 19.33 -27.73
N ARG A 142 0.88 20.58 -27.26
CA ARG A 142 1.21 20.85 -25.87
C ARG A 142 0.17 20.24 -24.93
N VAL A 143 -1.10 20.57 -25.16
CA VAL A 143 -2.17 20.06 -24.32
C VAL A 143 -2.25 18.53 -24.36
N GLY A 144 -1.78 17.94 -25.45
CA GLY A 144 -1.79 16.50 -25.61
C GLY A 144 -0.95 15.75 -24.58
N ARG A 145 0.23 16.30 -24.25
CA ARG A 145 1.21 15.66 -23.34
C ARG A 145 0.79 15.62 -21.85
N THR A 146 -0.15 16.49 -21.48
CA THR A 146 -0.51 16.76 -20.09
C THR A 146 -1.26 15.65 -19.32
N GLN A 147 -1.39 15.82 -18.00
CA GLN A 147 -1.98 14.81 -17.12
C GLN A 147 -3.16 15.29 -16.26
N MET A 148 -2.98 16.43 -15.57
CA MET A 148 -3.89 16.91 -14.52
C MET A 148 -4.66 18.19 -14.95
N PRO A 149 -5.60 18.71 -14.11
CA PRO A 149 -6.33 19.98 -14.38
C PRO A 149 -5.46 21.13 -14.84
N GLU A 150 -4.19 20.79 -15.11
CA GLU A 150 -3.28 21.61 -15.89
C GLU A 150 -3.67 21.50 -17.36
N TYR A 151 -4.35 20.43 -17.73
CA TYR A 151 -4.90 20.31 -19.09
C TYR A 151 -5.83 21.47 -19.37
N ARG A 152 -6.89 21.59 -18.56
CA ARG A 152 -7.90 22.61 -18.75
C ARG A 152 -7.35 23.99 -18.37
N LYS A 153 -6.18 23.98 -17.76
CA LYS A 153 -5.42 25.21 -17.54
C LYS A 153 -4.60 25.52 -18.79
N LYS A 154 -3.87 24.52 -19.27
CA LYS A 154 -3.03 24.66 -20.47
C LYS A 154 -3.86 25.09 -21.67
N LEU A 155 -5.09 24.58 -21.74
CA LEU A 155 -6.02 24.95 -22.82
C LEU A 155 -6.62 26.34 -22.61
N MET A 156 -7.35 26.53 -21.50
CA MET A 156 -8.04 27.79 -21.23
C MET A 156 -7.15 28.98 -21.57
N ASP A 157 -5.87 28.84 -21.27
CA ASP A 157 -4.90 29.90 -21.53
C ASP A 157 -4.49 29.84 -23.00
N GLY A 158 -4.21 28.63 -23.46
CA GLY A 158 -3.82 28.39 -24.85
C GLY A 158 -4.98 28.53 -25.82
N LEU A 159 -6.03 29.24 -25.39
CA LEU A 159 -7.20 29.56 -26.22
C LEU A 159 -7.44 31.07 -26.23
N THR A 160 -6.93 31.80 -25.23
CA THR A 160 -7.00 33.26 -25.26
C THR A 160 -5.83 33.75 -26.12
N ASN A 161 -5.10 32.78 -26.66
CA ASN A 161 -3.95 33.07 -27.50
C ASN A 161 -4.26 33.28 -28.98
N GLN A 162 -5.34 32.68 -29.46
CA GLN A 162 -5.77 32.91 -30.83
C GLN A 162 -6.73 34.08 -30.83
N CYS A 163 -7.42 34.27 -29.70
CA CYS A 163 -8.26 35.45 -29.49
C CYS A 163 -7.47 36.73 -29.79
N LYS A 164 -6.15 36.60 -29.78
CA LYS A 164 -5.28 37.76 -29.98
C LYS A 164 -5.10 38.08 -31.46
N MET A 165 -5.27 39.34 -31.81
CA MET A 165 -5.14 39.77 -33.21
C MET A 165 -6.36 39.40 -34.02
N ILE A 166 -7.09 38.39 -33.55
CA ILE A 166 -7.99 37.63 -34.42
C ILE A 166 -9.41 37.59 -33.85
N ASN A 167 -9.50 37.24 -32.57
CA ASN A 167 -10.79 37.22 -31.88
C ASN A 167 -11.67 36.06 -32.32
N GLU A 168 -11.10 34.86 -32.32
CA GLU A 168 -11.88 33.63 -32.60
C GLU A 168 -11.60 32.42 -31.65
N GLN A 169 -12.62 31.57 -31.48
CA GLN A 169 -12.84 30.82 -30.22
C GLN A 169 -12.46 29.32 -30.12
N PHE A 170 -13.33 28.54 -29.47
CA PHE A 170 -13.13 27.10 -29.18
C PHE A 170 -13.38 26.17 -30.39
N GLU A 171 -13.44 24.86 -30.19
CA GLU A 171 -13.55 23.92 -31.33
C GLU A 171 -13.90 22.43 -31.09
N PRO A 172 -13.00 21.64 -30.47
CA PRO A 172 -13.45 20.26 -30.19
C PRO A 172 -14.55 20.24 -29.14
N LEU A 173 -14.50 19.29 -28.21
CA LEU A 173 -15.66 19.03 -27.37
C LEU A 173 -15.31 18.25 -26.10
N VAL A 174 -14.98 16.97 -26.30
CA VAL A 174 -14.60 16.04 -25.23
C VAL A 174 -13.33 16.50 -24.53
N PRO A 175 -13.45 16.93 -23.25
CA PRO A 175 -12.33 17.47 -22.46
C PRO A 175 -10.96 16.82 -22.76
N GLU A 176 -10.69 15.67 -22.13
CA GLU A 176 -9.50 14.90 -22.45
C GLU A 176 -9.51 13.44 -21.97
N GLY A 177 -8.45 13.06 -21.24
CA GLY A 177 -8.22 11.71 -20.79
C GLY A 177 -6.95 11.15 -21.41
N ARG A 178 -6.26 11.99 -22.16
CA ARG A 178 -5.20 11.52 -23.05
C ARG A 178 -5.83 10.64 -24.14
N ASP A 179 -6.70 11.24 -24.97
CA ASP A 179 -7.37 10.50 -26.05
C ASP A 179 -7.71 11.21 -27.35
N ILE A 180 -8.33 12.38 -27.27
CA ILE A 180 -9.03 12.94 -28.43
C ILE A 180 -8.16 13.24 -29.67
N PHE A 181 -7.30 14.25 -29.51
CA PHE A 181 -6.30 14.70 -30.47
C PHE A 181 -4.96 14.39 -29.81
N ASP A 182 -5.03 13.65 -28.71
CA ASP A 182 -3.84 13.31 -27.96
C ASP A 182 -3.11 12.21 -28.68
N VAL A 183 -3.61 11.83 -29.85
CA VAL A 183 -2.95 10.80 -30.63
C VAL A 183 -1.83 11.45 -31.42
N TRP A 184 -2.08 12.69 -31.85
CA TRP A 184 -1.19 13.43 -32.75
C TRP A 184 0.28 13.26 -32.42
N GLY A 185 0.58 13.23 -31.12
CA GLY A 185 1.93 13.04 -30.65
C GLY A 185 2.56 11.79 -31.23
N ASN A 186 1.79 10.71 -31.31
CA ASN A 186 2.31 9.47 -31.87
C ASN A 186 2.52 9.50 -33.40
N ASP A 187 2.23 10.64 -34.04
CA ASP A 187 2.39 10.74 -35.49
C ASP A 187 3.73 11.30 -35.91
N SER A 188 4.62 10.41 -36.31
CA SER A 188 5.99 10.73 -36.72
C SER A 188 6.15 12.01 -37.56
N ASN A 189 5.23 12.21 -38.50
CA ASN A 189 5.34 13.31 -39.46
C ASN A 189 4.82 14.61 -38.88
N TYR A 190 4.01 14.48 -37.83
CA TYR A 190 3.45 15.62 -37.09
C TYR A 190 4.48 16.22 -36.13
N THR A 191 5.02 15.38 -35.25
CA THR A 191 6.08 15.83 -34.37
C THR A 191 7.09 16.54 -35.27
N LYS A 192 7.54 15.86 -36.32
CA LYS A 192 8.54 16.40 -37.23
C LYS A 192 8.21 17.85 -37.64
N ILE A 193 6.95 18.22 -37.52
CA ILE A 193 6.57 19.57 -37.91
C ILE A 193 6.73 20.50 -36.74
N VAL A 194 6.21 20.14 -35.57
CA VAL A 194 6.28 21.03 -34.42
C VAL A 194 7.73 21.35 -34.17
N ALA A 195 8.60 20.35 -34.34
CA ALA A 195 10.02 20.53 -34.15
C ALA A 195 10.62 21.54 -35.12
N ALA A 196 10.27 21.45 -36.40
CA ALA A 196 10.74 22.45 -37.37
C ALA A 196 10.25 23.89 -37.05
N VAL A 197 8.99 24.03 -36.66
CA VAL A 197 8.46 25.35 -36.29
C VAL A 197 9.25 25.92 -35.13
N ASP A 198 9.27 25.22 -34.00
CA ASP A 198 10.01 25.65 -32.83
C ASP A 198 11.44 26.00 -33.18
N MET A 199 12.14 25.10 -33.86
CA MET A 199 13.55 25.31 -34.20
C MET A 199 13.75 26.47 -35.15
N PHE A 200 12.75 26.73 -35.98
CA PHE A 200 12.76 27.87 -36.87
C PHE A 200 12.61 29.17 -36.07
N PHE A 201 11.52 29.26 -35.32
CA PHE A 201 11.22 30.44 -34.52
C PHE A 201 12.09 30.54 -33.27
N HIS A 202 13.01 29.60 -33.11
CA HIS A 202 14.06 29.79 -32.15
C HIS A 202 15.13 30.64 -32.81
N MET A 203 15.42 30.35 -34.07
CA MET A 203 16.42 31.09 -34.82
C MET A 203 15.97 32.52 -35.13
N PHE A 204 14.70 32.68 -35.50
CA PHE A 204 14.16 34.00 -35.77
C PHE A 204 13.21 34.40 -34.66
N LYS A 205 13.72 34.41 -33.43
CA LYS A 205 12.93 34.69 -32.24
C LYS A 205 12.00 35.89 -32.41
N LYS A 206 12.31 36.76 -33.37
CA LYS A 206 11.60 38.02 -33.57
C LYS A 206 10.35 37.95 -34.43
N HIS A 207 10.45 37.23 -35.54
CA HIS A 207 9.39 37.11 -36.58
C HIS A 207 7.92 37.25 -36.13
N GLU A 208 7.12 37.94 -36.93
CA GLU A 208 5.73 38.21 -36.58
C GLU A 208 4.98 36.93 -36.18
N CYS A 209 5.28 35.84 -36.88
CA CYS A 209 4.58 34.59 -36.68
C CYS A 209 5.17 33.75 -35.56
N ALA A 210 6.34 34.16 -35.06
CA ALA A 210 7.06 33.38 -34.05
C ALA A 210 6.25 33.09 -32.77
N SER A 211 5.04 33.63 -32.69
CA SER A 211 4.17 33.36 -31.55
C SER A 211 3.67 31.93 -31.62
N PHE A 212 3.92 31.30 -32.77
CA PHE A 212 3.45 29.95 -33.08
C PHE A 212 4.08 28.91 -32.16
N ARG A 213 5.03 29.33 -31.35
CA ARG A 213 5.70 28.40 -30.49
C ARG A 213 4.87 28.03 -29.27
N TYR A 214 3.70 28.65 -29.11
CA TYR A 214 3.01 28.50 -27.83
C TYR A 214 2.94 27.05 -27.37
N GLY A 215 2.71 26.14 -28.31
CA GLY A 215 2.60 24.75 -27.92
C GLY A 215 3.74 23.96 -28.54
N THR A 216 4.62 24.65 -29.23
CA THR A 216 5.69 23.98 -29.96
C THR A 216 6.98 23.96 -29.13
N ILE A 217 6.93 24.73 -28.04
CA ILE A 217 8.10 24.93 -27.22
C ILE A 217 8.42 23.73 -26.33
N VAL A 218 7.42 22.95 -25.95
CA VAL A 218 7.66 21.82 -25.05
C VAL A 218 8.26 20.70 -25.83
N SER A 219 8.81 21.05 -26.98
CA SER A 219 9.52 20.10 -27.80
C SER A 219 11.03 20.19 -27.67
N ARG A 220 11.50 21.40 -27.38
CA ARG A 220 12.92 21.68 -27.25
C ARG A 220 13.42 21.09 -25.94
N PHE A 221 14.36 20.16 -26.04
CA PHE A 221 14.85 19.45 -24.86
C PHE A 221 13.77 18.60 -24.21
N LYS A 222 12.91 18.04 -25.05
CA LYS A 222 11.97 17.03 -24.62
C LYS A 222 12.80 15.80 -24.28
N ASP A 223 12.58 15.26 -23.09
CA ASP A 223 13.29 14.07 -22.65
C ASP A 223 14.77 14.35 -22.35
N CYS A 224 15.05 15.56 -21.85
CA CYS A 224 16.40 16.01 -21.51
C CYS A 224 16.40 16.58 -20.10
N ALA A 225 15.76 15.87 -19.19
CA ALA A 225 15.52 16.37 -17.83
C ALA A 225 16.80 16.58 -17.09
N ALA A 226 17.52 15.49 -16.84
CA ALA A 226 18.79 15.53 -16.13
C ALA A 226 19.65 16.63 -16.70
N LEU A 227 19.88 16.58 -18.00
CA LEU A 227 20.69 17.58 -18.69
C LEU A 227 20.29 19.02 -18.34
N ALA A 228 19.13 19.20 -17.76
CA ALA A 228 18.66 20.54 -17.46
C ALA A 228 18.57 20.73 -15.97
N THR A 229 18.51 19.63 -15.24
CA THR A 229 18.55 19.73 -13.80
C THR A 229 20.00 19.91 -13.41
N PHE A 230 20.86 20.04 -14.41
CA PHE A 230 22.29 20.19 -14.19
C PHE A 230 22.67 21.66 -14.32
N GLY A 231 22.12 22.33 -15.31
CA GLY A 231 22.38 23.75 -15.46
C GLY A 231 21.66 24.45 -14.33
N HIS A 232 20.79 23.71 -13.66
CA HIS A 232 20.00 24.27 -12.58
C HIS A 232 20.81 24.19 -11.31
N LEU A 233 21.32 23.00 -11.04
CA LEU A 233 22.23 22.79 -9.93
C LEU A 233 23.40 23.79 -9.97
N CYS A 234 23.78 24.24 -11.15
CA CYS A 234 24.86 25.21 -11.30
C CYS A 234 24.39 26.58 -10.92
N LYS A 235 23.26 27.00 -11.48
CA LYS A 235 22.73 28.34 -11.28
C LYS A 235 22.40 28.57 -9.82
N ILE A 236 22.04 27.49 -9.15
CA ILE A 236 21.52 27.57 -7.80
C ILE A 236 22.60 27.52 -6.71
N THR A 237 23.82 27.12 -7.09
CA THR A 237 24.98 27.09 -6.20
C THR A 237 26.03 28.10 -6.66
N GLY A 238 25.73 28.82 -7.73
CA GLY A 238 26.65 29.81 -8.25
C GLY A 238 27.96 29.21 -8.75
N MET A 239 28.15 27.93 -8.47
CA MET A 239 29.39 27.23 -8.83
C MET A 239 29.59 27.06 -10.31
N SER A 240 30.86 27.02 -10.70
CA SER A 240 31.18 26.83 -12.11
C SER A 240 30.65 25.49 -12.58
N THR A 241 30.59 25.33 -13.88
CA THR A 241 30.21 24.04 -14.43
C THR A 241 31.27 22.95 -14.12
N GLU A 242 32.53 23.33 -14.21
CA GLU A 242 33.61 22.41 -13.90
C GLU A 242 33.72 22.10 -12.39
N ASP A 243 33.47 23.09 -11.53
CA ASP A 243 33.54 22.86 -10.08
C ASP A 243 32.43 21.90 -9.60
N VAL A 244 31.22 22.15 -10.05
CA VAL A 244 30.09 21.32 -9.69
C VAL A 244 30.39 19.87 -10.01
N THR A 245 30.93 19.66 -11.21
CA THR A 245 31.28 18.32 -11.66
C THR A 245 32.15 17.57 -10.66
N THR A 246 33.07 18.29 -10.02
CA THR A 246 33.97 17.67 -9.06
C THR A 246 33.26 17.22 -7.80
N TRP A 247 32.17 17.90 -7.47
CA TRP A 247 31.36 17.57 -6.30
C TRP A 247 30.50 16.30 -6.42
N ILE A 248 30.57 15.64 -7.56
CA ILE A 248 29.99 14.30 -7.73
C ILE A 248 30.77 13.29 -6.89
N LEU A 249 30.04 12.54 -6.08
CA LEU A 249 30.67 11.69 -5.09
C LEU A 249 30.18 10.24 -5.12
N ASN A 250 29.42 9.86 -6.14
CA ASN A 250 28.98 8.47 -6.30
C ASN A 250 29.27 7.90 -7.71
N ARG A 251 29.87 6.70 -7.76
CA ARG A 251 30.21 6.08 -9.04
C ARG A 251 29.15 6.31 -10.14
N GLU A 252 27.99 5.67 -9.98
CA GLU A 252 26.98 5.69 -11.01
C GLU A 252 26.37 7.07 -11.22
N VAL A 253 26.79 8.05 -10.43
CA VAL A 253 26.44 9.42 -10.80
C VAL A 253 27.47 9.95 -11.75
N ALA A 254 28.73 9.70 -11.46
CA ALA A 254 29.79 9.99 -12.41
C ALA A 254 29.46 9.30 -13.74
N ASP A 255 29.30 7.98 -13.70
CA ASP A 255 28.88 7.23 -14.88
C ASP A 255 27.94 8.01 -15.76
N GLU A 256 26.85 8.50 -15.17
CA GLU A 256 25.81 9.17 -15.92
C GLU A 256 26.21 10.56 -16.34
N MET A 257 27.02 11.24 -15.52
CA MET A 257 27.47 12.58 -15.86
C MET A 257 28.34 12.51 -17.09
N VAL A 258 29.15 11.46 -17.15
CA VAL A 258 29.94 11.13 -18.33
C VAL A 258 29.01 10.97 -19.53
N GLN A 259 28.21 9.92 -19.49
CA GLN A 259 27.18 9.69 -20.49
C GLN A 259 26.61 11.00 -21.07
N MET A 260 26.17 11.91 -20.21
CA MET A 260 25.53 13.14 -20.69
C MET A 260 26.50 14.07 -21.41
N MET A 261 27.77 14.05 -21.04
CA MET A 261 28.70 15.06 -21.53
C MET A 261 29.47 14.64 -22.76
N LEU A 262 29.17 13.43 -23.27
CA LEU A 262 29.82 12.87 -24.46
C LEU A 262 29.98 13.90 -25.55
N PRO A 263 31.25 14.14 -25.93
CA PRO A 263 31.62 15.25 -26.82
C PRO A 263 31.06 15.08 -28.23
N GLY A 264 30.94 16.20 -28.94
CA GLY A 264 30.45 16.22 -30.31
C GLY A 264 28.99 15.84 -30.40
N GLN A 265 28.13 16.64 -29.76
CA GLN A 265 26.71 16.39 -29.80
C GLN A 265 25.95 17.69 -29.83
N GLU A 266 26.68 18.79 -29.99
CA GLU A 266 26.09 20.11 -30.21
C GLU A 266 25.27 20.63 -29.02
N ILE A 267 25.37 19.99 -27.86
CA ILE A 267 24.49 20.36 -26.74
C ILE A 267 24.71 21.80 -26.29
N ASP A 268 25.98 22.21 -26.23
CA ASP A 268 26.34 23.57 -25.89
C ASP A 268 26.11 24.56 -27.04
N LYS A 269 25.70 24.03 -28.20
CA LYS A 269 25.59 24.80 -29.44
C LYS A 269 24.38 25.71 -29.48
N ALA A 270 24.49 26.80 -30.24
CA ALA A 270 23.47 27.83 -30.34
C ALA A 270 22.10 27.29 -30.77
N ASP A 271 21.92 27.14 -32.09
CA ASP A 271 20.74 26.52 -32.66
C ASP A 271 21.15 25.25 -33.37
N SER A 272 20.70 24.12 -32.85
CA SER A 272 21.10 22.83 -33.37
C SER A 272 19.92 21.88 -33.34
N TYR A 273 20.06 20.73 -33.98
CA TYR A 273 19.02 19.70 -33.95
C TYR A 273 19.02 18.95 -32.62
N MET A 274 20.07 19.12 -31.83
CA MET A 274 20.21 18.35 -30.60
C MET A 274 18.98 18.37 -29.68
N PRO A 275 18.46 19.57 -29.39
CA PRO A 275 17.30 19.69 -28.50
C PRO A 275 16.07 18.86 -28.97
N TYR A 276 15.87 18.80 -30.29
CA TYR A 276 14.71 18.10 -30.82
C TYR A 276 15.13 16.71 -31.23
N LEU A 277 16.17 16.18 -30.61
CA LEU A 277 16.65 14.85 -30.99
C LEU A 277 15.52 13.85 -30.93
N ILE A 278 14.54 14.11 -30.08
CA ILE A 278 13.43 13.16 -29.88
C ILE A 278 12.28 13.31 -30.91
N ASP A 279 11.88 14.56 -31.20
CA ASP A 279 10.76 14.80 -32.10
C ASP A 279 11.08 14.84 -33.59
N PHE A 280 12.34 15.08 -33.97
CA PHE A 280 12.75 14.81 -35.35
C PHE A 280 13.13 13.32 -35.50
N GLY A 281 12.97 12.54 -34.45
CA GLY A 281 13.26 11.13 -34.49
C GLY A 281 14.71 10.79 -34.74
N LEU A 282 15.62 11.60 -34.23
CA LEU A 282 17.05 11.28 -34.29
C LEU A 282 17.42 10.21 -33.26
N SER A 283 16.62 10.13 -32.20
CA SER A 283 16.90 9.24 -31.09
C SER A 283 15.62 8.60 -30.60
N SER A 284 15.67 7.31 -30.34
CA SER A 284 14.51 6.62 -29.79
C SER A 284 14.62 6.41 -28.28
N LYS A 285 15.75 6.83 -27.72
CA LYS A 285 16.01 6.73 -26.29
C LYS A 285 17.02 7.78 -25.96
N SER A 286 16.59 8.86 -25.34
CA SER A 286 17.44 10.01 -25.05
C SER A 286 18.46 9.67 -23.97
N PRO A 287 19.70 10.11 -24.17
CA PRO A 287 20.73 9.94 -23.15
C PRO A 287 20.72 11.05 -22.09
N TYR A 288 19.80 12.00 -22.20
CA TYR A 288 19.74 13.13 -21.30
C TYR A 288 18.52 13.06 -20.39
N SER A 289 17.73 12.00 -20.56
CA SER A 289 16.50 11.83 -19.80
C SER A 289 16.78 11.62 -18.33
N SER A 290 15.77 11.84 -17.50
CA SER A 290 15.90 11.60 -16.07
C SER A 290 15.70 10.13 -15.76
N VAL A 291 15.50 9.33 -16.79
CA VAL A 291 15.20 7.92 -16.59
C VAL A 291 16.46 7.12 -16.87
N LYS A 292 17.36 7.76 -17.62
CA LYS A 292 18.67 7.20 -17.92
C LYS A 292 19.72 7.86 -17.03
N ASN A 293 19.28 8.85 -16.28
CA ASN A 293 20.16 9.53 -15.33
C ASN A 293 19.52 9.65 -13.96
N PRO A 294 19.03 8.53 -13.41
CA PRO A 294 18.25 8.53 -12.17
C PRO A 294 19.06 9.05 -11.00
N ALA A 295 20.23 8.47 -10.77
CA ALA A 295 21.13 8.92 -9.71
C ALA A 295 21.44 10.40 -9.91
N PHE A 296 21.96 10.76 -11.09
CA PHE A 296 22.24 12.16 -11.29
C PHE A 296 21.03 12.99 -10.93
N HIS A 297 19.90 12.68 -11.53
CA HIS A 297 18.68 13.44 -11.32
C HIS A 297 18.35 13.59 -9.81
N PHE A 298 18.33 12.48 -9.10
CA PHE A 298 17.96 12.50 -7.69
C PHE A 298 18.93 13.35 -6.91
N TRP A 299 20.22 13.12 -7.11
CA TRP A 299 21.26 13.83 -6.38
C TRP A 299 21.12 15.33 -6.64
N GLY A 300 21.27 15.72 -7.89
CA GLY A 300 21.22 17.11 -8.26
C GLY A 300 20.00 17.82 -7.70
N GLN A 301 18.87 17.14 -7.76
CA GLN A 301 17.61 17.75 -7.37
C GLN A 301 17.54 17.88 -5.84
N LEU A 302 17.84 16.79 -5.14
CA LEU A 302 17.86 16.77 -3.69
C LEU A 302 18.72 17.90 -3.21
N THR A 303 19.90 18.00 -3.79
CA THR A 303 20.79 19.09 -3.46
C THR A 303 20.10 20.44 -3.65
N ALA A 304 19.66 20.69 -4.88
CA ALA A 304 19.09 21.99 -5.21
C ALA A 304 18.03 22.30 -4.18
N LEU A 305 17.29 21.29 -3.77
CA LEU A 305 16.21 21.48 -2.78
C LEU A 305 16.70 22.02 -1.42
N LEU A 306 17.64 21.32 -0.80
CA LEU A 306 18.25 21.77 0.43
C LEU A 306 18.77 23.18 0.28
N LEU A 307 19.10 23.56 -0.96
CA LEU A 307 19.62 24.91 -1.27
C LEU A 307 18.57 25.97 -1.58
N ARG A 308 17.32 25.63 -1.27
CA ARG A 308 16.20 26.57 -1.31
C ARG A 308 15.56 26.68 -2.69
N SER A 309 15.79 25.67 -3.54
CA SER A 309 15.18 25.63 -4.87
C SER A 309 13.66 25.54 -4.83
N THR A 310 12.98 26.42 -5.56
CA THR A 310 11.52 26.32 -5.68
C THR A 310 11.14 25.16 -6.61
N ARG A 311 11.64 25.21 -7.84
CA ARG A 311 11.46 24.14 -8.85
C ARG A 311 11.61 22.70 -8.32
N ALA A 312 12.70 22.42 -7.62
CA ALA A 312 12.98 21.05 -7.21
C ALA A 312 12.01 20.49 -6.17
N ARG A 313 11.23 21.37 -5.55
CA ARG A 313 10.24 20.94 -4.58
C ARG A 313 9.45 19.74 -5.11
N ASN A 314 9.21 19.73 -6.43
CA ASN A 314 8.26 18.84 -7.11
C ASN A 314 8.88 17.86 -8.11
N ALA A 315 10.20 17.76 -8.13
CA ALA A 315 10.84 16.77 -8.98
C ALA A 315 10.46 15.39 -8.48
N ARG A 316 10.55 14.40 -9.35
CA ARG A 316 10.14 13.07 -8.98
C ARG A 316 11.29 12.23 -8.51
N GLN A 317 11.03 11.45 -7.49
CA GLN A 317 11.99 10.54 -6.94
C GLN A 317 12.03 9.30 -7.79
N PRO A 318 13.13 9.11 -8.53
CA PRO A 318 13.32 7.90 -9.33
C PRO A 318 13.36 6.67 -8.44
N ASP A 319 13.16 5.49 -9.03
CA ASP A 319 13.16 4.23 -8.27
C ASP A 319 14.44 3.48 -8.59
N ASP A 320 14.80 2.55 -7.72
CA ASP A 320 15.98 1.68 -7.91
C ASP A 320 17.28 2.45 -8.09
N ILE A 321 17.45 3.53 -7.32
CA ILE A 321 18.76 4.18 -7.14
C ILE A 321 19.25 4.03 -5.70
N GLU A 322 20.53 4.21 -5.45
CA GLU A 322 21.00 4.03 -4.07
C GLU A 322 20.74 5.25 -3.19
N TYR A 323 19.61 5.28 -2.49
CA TYR A 323 19.17 6.50 -1.78
C TYR A 323 20.11 7.01 -0.68
N THR A 324 20.55 6.15 0.23
CA THR A 324 21.33 6.64 1.36
C THR A 324 22.80 6.73 1.02
N SER A 325 23.09 7.42 -0.08
CA SER A 325 24.47 7.73 -0.42
C SER A 325 24.30 8.90 -1.32
N LEU A 326 23.32 8.81 -2.19
CA LEU A 326 22.95 9.96 -3.00
C LEU A 326 22.57 11.10 -2.03
N THR A 327 21.69 10.80 -1.08
CA THR A 327 21.28 11.78 -0.06
C THR A 327 22.47 12.30 0.75
N THR A 328 23.20 11.37 1.38
CA THR A 328 24.34 11.77 2.18
C THR A 328 25.29 12.68 1.38
N ALA A 329 25.38 12.43 0.06
CA ALA A 329 26.28 13.17 -0.84
C ALA A 329 25.67 14.50 -1.19
N GLY A 330 24.34 14.53 -1.21
CA GLY A 330 23.65 15.75 -1.50
C GLY A 330 23.66 16.64 -0.29
N LEU A 331 23.54 16.04 0.89
CA LEU A 331 23.54 16.79 2.15
C LEU A 331 24.83 17.54 2.26
N LEU A 332 25.94 16.82 2.10
CA LEU A 332 27.27 17.40 2.22
C LEU A 332 27.44 18.57 1.28
N TYR A 333 27.27 18.30 -0.01
CA TYR A 333 27.43 19.32 -1.02
C TYR A 333 26.60 20.56 -0.66
N ALA A 334 25.38 20.31 -0.20
CA ALA A 334 24.46 21.39 0.12
C ALA A 334 24.91 22.14 1.37
N TYR A 335 25.23 21.41 2.42
CA TYR A 335 25.72 22.01 3.66
C TYR A 335 26.98 22.82 3.44
N ALA A 336 27.83 22.39 2.51
CA ALA A 336 29.04 23.14 2.20
C ALA A 336 28.67 24.49 1.60
N VAL A 337 28.17 24.48 0.38
CA VAL A 337 27.66 25.70 -0.23
C VAL A 337 26.86 26.53 0.76
N GLY A 338 26.13 25.83 1.62
CA GLY A 338 25.10 26.49 2.40
C GLY A 338 25.63 27.35 3.51
N SER A 339 26.63 26.81 4.21
CA SER A 339 27.14 27.39 5.45
C SER A 339 28.23 28.40 5.16
N SER A 340 29.02 28.14 4.13
CA SER A 340 30.04 29.11 3.71
C SER A 340 29.62 29.86 2.43
N ALA A 341 29.04 31.05 2.63
CA ALA A 341 28.57 31.89 1.53
C ALA A 341 29.74 32.41 0.70
N ASP A 342 29.48 32.88 -0.52
CA ASP A 342 30.54 33.49 -1.34
C ASP A 342 31.02 34.74 -0.65
N LEU A 343 30.31 35.84 -0.86
CA LEU A 343 30.57 37.07 -0.11
C LEU A 343 31.95 37.64 -0.36
N ALA A 344 32.00 38.86 -0.88
CA ALA A 344 33.26 39.50 -1.22
C ALA A 344 32.94 40.87 -1.77
N GLN A 345 33.56 41.89 -1.19
CA GLN A 345 33.29 43.24 -1.62
C GLN A 345 33.51 43.37 -3.13
N GLN A 346 32.64 44.14 -3.78
CA GLN A 346 32.67 44.20 -5.23
C GLN A 346 33.04 45.59 -5.75
N PHE A 347 32.47 46.63 -5.11
CA PHE A 347 32.73 48.03 -5.46
C PHE A 347 33.28 48.77 -4.24
N CYS A 348 33.90 49.94 -4.47
CA CYS A 348 34.55 50.69 -3.38
C CYS A 348 34.86 52.17 -3.68
N VAL A 349 35.69 52.77 -2.81
CA VAL A 349 36.22 54.12 -3.02
C VAL A 349 37.69 54.30 -2.53
N GLY A 350 38.60 53.52 -3.12
CA GLY A 350 39.99 53.49 -2.69
C GLY A 350 40.24 52.70 -1.39
N ASP A 351 39.15 52.44 -0.68
CA ASP A 351 39.14 51.69 0.59
C ASP A 351 38.42 50.34 0.44
N ASN A 352 39.15 49.24 0.58
CA ASN A 352 38.57 47.91 0.32
C ASN A 352 39.11 46.78 1.21
N LYS A 353 38.23 45.84 1.60
CA LYS A 353 38.64 44.79 2.55
C LYS A 353 39.65 43.78 1.99
N TYR A 354 40.89 43.87 2.47
CA TYR A 354 41.90 42.83 2.25
C TYR A 354 41.50 41.63 3.08
N THR A 355 40.90 40.65 2.42
CA THR A 355 40.26 39.55 3.12
C THR A 355 41.02 38.94 4.32
N PRO A 356 42.32 38.60 4.15
CA PRO A 356 43.08 37.99 5.26
C PRO A 356 43.24 38.86 6.52
N ASP A 357 43.24 38.19 7.67
CA ASP A 357 43.42 38.82 8.98
C ASP A 357 44.68 38.26 9.68
N ASP A 358 44.49 37.26 10.54
CA ASP A 358 45.56 36.34 10.99
C ASP A 358 44.92 35.01 11.41
N SER A 359 44.29 34.35 10.41
CA SER A 359 43.25 33.33 10.61
C SER A 359 43.64 31.87 10.97
N THR A 360 43.75 31.61 12.28
CA THR A 360 43.81 30.26 12.87
C THR A 360 42.62 30.10 13.87
N GLY A 361 42.89 29.97 15.17
CA GLY A 361 41.84 30.18 16.16
C GLY A 361 41.51 29.21 17.30
N GLY A 362 40.33 29.41 17.89
CA GLY A 362 39.82 28.63 19.02
C GLY A 362 38.69 27.63 18.72
N LEU A 363 38.16 27.64 17.50
CA LEU A 363 37.44 26.50 16.96
C LEU A 363 38.40 25.45 16.42
N THR A 364 39.60 25.40 16.97
CA THR A 364 40.73 24.75 16.32
C THR A 364 40.28 23.55 15.50
N THR A 365 39.45 22.70 16.10
CA THR A 365 39.25 21.34 15.60
C THR A 365 37.78 21.11 15.25
N ASN A 366 37.55 20.27 14.25
CA ASN A 366 36.18 19.92 13.84
C ASN A 366 35.37 21.12 13.34
N ALA A 367 36.03 22.27 13.29
CA ALA A 367 35.50 23.41 12.55
C ALA A 367 35.62 23.07 11.07
N PRO A 368 34.49 23.09 10.37
CA PRO A 368 34.34 22.63 9.00
C PRO A 368 34.93 23.63 8.01
N PRO A 369 35.45 23.13 6.88
CA PRO A 369 36.35 23.85 5.97
C PRO A 369 35.90 25.19 5.47
N GLN A 370 36.88 25.91 4.92
CA GLN A 370 36.78 27.34 4.66
C GLN A 370 35.84 27.65 3.50
N GLY A 371 36.30 27.37 2.28
CA GLY A 371 35.49 27.59 1.10
C GLY A 371 34.66 26.41 0.63
N ARG A 372 34.70 26.15 -0.67
CA ARG A 372 33.89 25.09 -1.22
C ARG A 372 34.74 24.07 -1.92
N ASP A 373 35.84 23.69 -1.28
CA ASP A 373 36.67 22.67 -1.91
C ASP A 373 36.28 21.25 -1.55
N VAL A 374 36.11 20.45 -2.59
CA VAL A 374 35.70 19.05 -2.48
C VAL A 374 36.66 18.25 -1.62
N VAL A 375 37.94 18.53 -1.75
CA VAL A 375 38.95 17.79 -1.02
C VAL A 375 38.97 18.24 0.42
N GLU A 376 38.88 19.56 0.62
CA GLU A 376 38.89 20.10 1.97
C GLU A 376 37.72 19.48 2.73
N TRP A 377 36.56 19.46 2.08
CA TRP A 377 35.35 19.00 2.73
C TRP A 377 35.35 17.49 2.89
N LEU A 378 35.64 16.79 1.81
CA LEU A 378 35.72 15.33 1.83
C LEU A 378 36.60 14.86 2.99
N GLY A 379 37.74 15.53 3.14
CA GLY A 379 38.69 15.20 4.18
C GLY A 379 38.09 15.47 5.53
N TRP A 380 37.44 16.63 5.64
CA TRP A 380 36.75 17.00 6.87
C TRP A 380 35.62 16.01 7.20
N PHE A 381 35.09 15.35 6.17
CA PHE A 381 34.04 14.34 6.37
C PHE A 381 34.68 13.06 6.88
N GLU A 382 35.74 12.61 6.20
CA GLU A 382 36.58 11.54 6.73
C GLU A 382 36.78 11.78 8.22
N ASP A 383 37.03 13.04 8.55
CA ASP A 383 37.23 13.50 9.92
C ASP A 383 36.04 13.15 10.81
N GLN A 384 34.85 13.55 10.39
CA GLN A 384 33.66 13.33 11.22
C GLN A 384 33.16 11.89 11.20
N ASN A 385 34.05 10.92 11.00
CA ASN A 385 33.64 9.51 10.97
C ASN A 385 32.83 9.17 9.73
N ARG A 386 33.00 9.98 8.68
CA ARG A 386 32.19 9.86 7.47
C ARG A 386 30.71 9.61 7.79
N LYS A 387 30.12 10.54 8.54
CA LYS A 387 28.78 10.40 9.10
C LYS A 387 28.25 11.77 9.49
N PRO A 388 27.06 12.14 8.99
CA PRO A 388 26.51 13.49 9.13
C PRO A 388 26.45 14.03 10.57
N THR A 389 27.01 15.23 10.76
CA THR A 389 27.05 15.90 12.05
C THR A 389 25.66 16.40 12.43
N PRO A 390 25.50 16.85 13.67
CA PRO A 390 24.23 17.43 14.12
C PRO A 390 23.94 18.81 13.55
N ASP A 391 24.91 19.73 13.40
CA ASP A 391 24.55 21.03 12.80
C ASP A 391 24.18 20.82 11.34
N MET A 392 24.92 19.96 10.65
CA MET A 392 24.59 19.75 9.25
C MET A 392 23.27 19.00 9.09
N MET A 393 22.97 18.12 10.03
CA MET A 393 21.66 17.48 10.06
C MET A 393 20.58 18.49 10.46
N GLN A 394 20.94 19.45 11.32
CA GLN A 394 20.02 20.51 11.70
C GLN A 394 19.75 21.37 10.47
N TYR A 395 20.77 21.51 9.63
CA TYR A 395 20.68 22.35 8.43
C TYR A 395 19.59 21.83 7.53
N ALA A 396 19.62 20.53 7.33
CA ALA A 396 18.65 19.84 6.50
C ALA A 396 17.23 20.07 7.02
N LYS A 397 17.05 20.00 8.33
CA LYS A 397 15.73 20.19 8.92
C LYS A 397 15.15 21.57 8.66
N ARG A 398 15.92 22.63 8.88
CA ARG A 398 15.47 23.98 8.60
C ARG A 398 15.10 24.16 7.12
N ALA A 399 15.79 23.45 6.24
CA ALA A 399 15.55 23.57 4.81
C ALA A 399 14.27 22.88 4.34
N VAL A 400 13.84 21.84 5.08
CA VAL A 400 12.68 21.05 4.67
C VAL A 400 11.44 21.17 5.56
N MET A 401 11.59 21.46 6.84
CA MET A 401 10.40 21.77 7.63
C MET A 401 9.77 22.96 6.96
N SER A 402 8.56 23.29 7.33
CA SER A 402 7.94 24.50 6.77
C SER A 402 7.75 24.47 5.24
N LEU A 403 8.10 23.35 4.61
CA LEU A 403 7.65 23.07 3.24
C LEU A 403 6.22 22.57 3.29
N GLN A 404 5.38 23.01 2.34
CA GLN A 404 4.00 22.53 2.28
C GLN A 404 3.56 22.23 0.87
N GLY A 405 2.47 21.49 0.76
CA GLY A 405 1.86 21.21 -0.54
C GLY A 405 2.64 20.18 -1.33
N LEU A 406 3.12 19.17 -0.61
CA LEU A 406 4.04 18.18 -1.16
C LEU A 406 3.34 17.03 -1.86
N ARG A 407 3.56 16.93 -3.18
CA ARG A 407 3.09 15.80 -3.97
C ARG A 407 3.83 14.53 -3.54
N GLU A 408 3.24 13.37 -3.80
CA GLU A 408 3.84 12.12 -3.33
C GLU A 408 4.76 11.54 -4.38
N LYS A 409 5.75 10.77 -3.94
CA LYS A 409 6.81 10.31 -4.82
C LYS A 409 7.57 11.48 -5.48
N THR A 410 7.81 12.56 -4.73
CA THR A 410 8.67 13.65 -5.20
C THR A 410 9.93 13.67 -4.34
N ILE A 411 10.99 14.32 -4.80
CA ILE A 411 12.19 14.42 -3.97
C ILE A 411 11.91 15.47 -2.90
N GLY A 412 10.89 16.30 -3.18
CA GLY A 412 10.36 17.21 -2.21
C GLY A 412 9.79 16.43 -1.03
N LYS A 413 8.89 15.51 -1.31
CA LYS A 413 8.26 14.73 -0.25
C LYS A 413 9.26 13.84 0.42
N TYR A 414 10.26 13.41 -0.33
CA TYR A 414 11.30 12.56 0.23
C TYR A 414 12.08 13.27 1.32
N ALA A 415 12.61 14.44 0.97
CA ALA A 415 13.45 15.23 1.85
C ALA A 415 12.79 15.60 3.18
N LYS A 416 11.51 15.95 3.16
CA LYS A 416 10.85 16.32 4.41
C LYS A 416 10.76 15.12 5.33
N SER A 417 10.46 13.96 4.76
CA SER A 417 10.34 12.73 5.53
C SER A 417 11.67 12.26 6.10
N GLU A 418 12.75 12.58 5.40
CA GLU A 418 14.06 12.14 5.82
C GLU A 418 14.68 13.07 6.86
N PHE A 419 14.38 14.35 6.77
CA PHE A 419 15.01 15.34 7.64
C PHE A 419 14.12 16.06 8.68
N ASP A 420 12.79 16.14 8.45
CA ASP A 420 11.85 16.80 9.38
C ASP A 420 11.26 15.87 10.43
N LYS A 421 11.90 15.88 11.58
CA LYS A 421 11.51 15.12 12.77
C LYS A 421 12.67 15.18 13.79
N SER B 1 20.84 -34.27 17.96
CA SER B 1 19.39 -34.04 17.90
C SER B 1 18.66 -34.91 16.82
N VAL B 2 19.01 -36.20 16.70
CA VAL B 2 18.21 -37.14 15.87
C VAL B 2 17.80 -38.37 16.67
N THR B 3 17.22 -38.14 17.83
CA THR B 3 16.73 -39.20 18.71
C THR B 3 16.37 -38.62 20.07
N VAL B 4 15.08 -38.63 20.38
CA VAL B 4 14.56 -37.92 21.54
C VAL B 4 13.96 -38.92 22.52
N LYS B 5 13.95 -38.59 23.81
CA LYS B 5 13.35 -39.49 24.80
C LYS B 5 12.70 -38.75 25.96
N ARG B 6 11.54 -39.25 26.37
CA ARG B 6 10.84 -38.73 27.52
C ARG B 6 11.69 -38.97 28.79
N ILE B 7 12.14 -37.89 29.41
CA ILE B 7 13.06 -38.05 30.53
C ILE B 7 12.36 -38.55 31.80
N ILE B 8 11.11 -39.00 31.71
CA ILE B 8 10.43 -39.47 32.93
C ILE B 8 10.26 -40.98 32.94
N ASP B 9 9.96 -41.53 31.79
CA ASP B 9 9.81 -42.97 31.71
C ASP B 9 10.81 -43.54 30.71
N ASN B 10 11.81 -42.72 30.39
CA ASN B 10 12.82 -43.04 29.38
C ASN B 10 12.30 -43.87 28.20
N THR B 11 11.33 -43.33 27.48
CA THR B 11 10.85 -43.96 26.24
C THR B 11 11.13 -43.10 25.02
N VAL B 12 11.19 -43.74 23.86
CA VAL B 12 11.45 -43.02 22.62
C VAL B 12 10.18 -42.38 22.08
N ILE B 13 10.33 -41.15 21.59
CA ILE B 13 9.27 -40.47 20.87
C ILE B 13 9.93 -40.07 19.55
N VAL B 14 9.16 -40.06 18.47
CA VAL B 14 9.75 -39.78 17.17
C VAL B 14 9.10 -38.57 16.53
N PRO B 15 9.51 -37.37 16.94
CA PRO B 15 9.02 -36.14 16.34
C PRO B 15 9.05 -36.21 14.82
N LYS B 16 7.86 -36.37 14.24
CA LYS B 16 7.66 -36.27 12.80
C LYS B 16 6.44 -35.35 12.55
N LEU B 17 6.36 -34.79 11.35
CA LEU B 17 5.21 -33.95 11.02
C LEU B 17 4.87 -33.93 9.50
N PRO B 18 3.56 -33.81 9.18
CA PRO B 18 3.00 -33.95 7.83
C PRO B 18 3.92 -33.45 6.72
N ALA B 19 3.99 -34.22 5.63
CA ALA B 19 4.87 -33.89 4.52
C ALA B 19 4.31 -32.78 3.65
N ASN B 20 5.21 -31.96 3.12
CA ASN B 20 4.86 -30.96 2.12
C ASN B 20 5.63 -31.27 0.85
N GLU B 21 5.01 -31.09 -0.29
CA GLU B 21 5.59 -31.58 -1.52
C GLU B 21 5.82 -30.49 -2.55
N ASP B 22 5.00 -30.53 -3.59
CA ASP B 22 5.21 -29.79 -4.85
C ASP B 22 6.60 -29.14 -4.96
N PRO B 23 7.54 -29.90 -5.55
CA PRO B 23 8.85 -29.38 -5.95
C PRO B 23 8.68 -28.30 -6.99
N VAL B 24 9.75 -27.59 -7.27
CA VAL B 24 9.73 -26.60 -8.34
C VAL B 24 10.01 -27.29 -9.66
N GLU B 25 9.92 -26.54 -10.74
CA GLU B 25 10.23 -27.05 -12.06
C GLU B 25 10.94 -25.99 -12.87
N TYR B 26 12.22 -26.23 -13.18
CA TYR B 26 12.99 -25.29 -14.00
C TYR B 26 12.68 -25.41 -15.48
N PRO B 27 12.71 -24.30 -16.22
CA PRO B 27 12.52 -24.31 -17.66
C PRO B 27 13.39 -25.33 -18.34
N ALA B 28 14.69 -25.04 -18.42
CA ALA B 28 15.62 -25.86 -19.18
C ALA B 28 15.38 -27.35 -18.90
N ASP B 29 15.41 -27.72 -17.63
CA ASP B 29 15.21 -29.11 -17.22
C ASP B 29 13.84 -29.61 -17.64
N TYR B 30 13.39 -29.20 -18.81
CA TYR B 30 12.13 -29.68 -19.37
C TYR B 30 12.20 -29.79 -20.89
N PHE B 31 13.05 -28.97 -21.50
CA PHE B 31 13.34 -29.09 -22.93
C PHE B 31 14.21 -30.33 -23.12
N ARG B 32 14.27 -31.14 -22.07
CA ARG B 32 14.92 -32.43 -22.12
C ARG B 32 13.83 -33.42 -22.50
N LYS B 33 12.57 -33.02 -22.30
CA LYS B 33 11.42 -33.75 -22.85
C LYS B 33 11.12 -33.30 -24.30
N SER B 34 10.06 -32.49 -24.46
CA SER B 34 9.68 -31.92 -25.76
C SER B 34 10.73 -30.92 -26.28
N LYS B 35 10.60 -30.54 -27.55
CA LYS B 35 11.52 -29.56 -28.11
C LYS B 35 10.75 -28.55 -28.93
N GLU B 36 9.48 -28.37 -28.57
CA GLU B 36 8.63 -27.35 -29.20
C GLU B 36 7.49 -26.96 -28.26
N ILE B 37 7.01 -25.73 -28.36
CA ILE B 37 5.85 -25.31 -27.58
C ILE B 37 4.59 -25.41 -28.43
N PRO B 38 3.74 -26.40 -28.14
CA PRO B 38 2.58 -26.74 -28.98
C PRO B 38 1.39 -25.80 -28.80
N LEU B 39 1.14 -24.92 -29.76
CA LEU B 39 -0.01 -24.00 -29.68
C LEU B 39 -1.16 -24.62 -30.40
N TYR B 40 -2.09 -25.22 -29.66
CA TYR B 40 -3.32 -25.74 -30.29
C TYR B 40 -4.34 -24.64 -30.55
N ILE B 41 -4.22 -23.99 -31.71
CA ILE B 41 -5.33 -23.22 -32.22
C ILE B 41 -6.03 -24.11 -33.20
N ASN B 42 -7.06 -24.80 -32.73
CA ASN B 42 -7.88 -25.65 -33.58
C ASN B 42 -8.58 -24.79 -34.64
N THR B 43 -9.83 -25.15 -34.92
CA THR B 43 -10.69 -24.33 -35.74
C THR B 43 -9.92 -23.22 -36.45
N THR B 44 -9.46 -23.53 -37.67
CA THR B 44 -8.98 -22.52 -38.62
C THR B 44 -10.07 -22.33 -39.69
N LYS B 45 -10.92 -21.31 -39.48
CA LYS B 45 -12.08 -21.01 -40.33
C LYS B 45 -11.85 -19.75 -41.18
N SER B 46 -12.60 -18.69 -40.91
CA SER B 46 -12.46 -17.49 -41.73
C SER B 46 -12.20 -16.27 -40.89
N LEU B 47 -11.29 -15.40 -41.34
CA LEU B 47 -10.96 -14.18 -40.58
C LEU B 47 -12.14 -13.23 -40.46
N SER B 48 -12.73 -12.84 -41.58
CA SER B 48 -13.90 -11.97 -41.57
C SER B 48 -15.00 -12.59 -40.72
N ASP B 49 -15.10 -13.91 -40.82
CA ASP B 49 -16.09 -14.65 -40.06
C ASP B 49 -15.81 -14.49 -38.56
N LEU B 50 -14.54 -14.71 -38.19
CA LEU B 50 -14.08 -14.63 -36.80
C LEU B 50 -14.18 -13.22 -36.18
N ARG B 51 -13.66 -12.23 -36.89
CA ARG B 51 -13.82 -10.83 -36.51
C ARG B 51 -15.24 -10.59 -36.02
N GLY B 52 -16.20 -11.24 -36.67
CA GLY B 52 -17.59 -11.17 -36.27
C GLY B 52 -17.92 -11.90 -34.98
N TYR B 53 -17.62 -13.20 -34.93
CA TYR B 53 -18.05 -14.02 -33.80
C TYR B 53 -17.74 -13.36 -32.49
N VAL B 54 -16.60 -12.68 -32.44
CA VAL B 54 -16.19 -12.00 -31.20
C VAL B 54 -16.65 -10.53 -31.12
N TYR B 55 -16.51 -9.76 -32.20
CA TYR B 55 -16.97 -8.37 -32.13
C TYR B 55 -18.34 -8.34 -31.48
N GLN B 56 -19.25 -9.15 -32.02
CA GLN B 56 -20.58 -9.33 -31.43
C GLN B 56 -20.47 -10.14 -30.13
N GLY B 57 -19.92 -11.35 -30.22
CA GLY B 57 -19.76 -12.20 -29.06
C GLY B 57 -19.35 -11.45 -27.80
N LEU B 58 -18.56 -10.39 -27.96
CA LEU B 58 -18.10 -9.59 -26.84
C LEU B 58 -19.24 -8.81 -26.21
N LYS B 59 -19.84 -7.93 -27.00
CA LYS B 59 -21.18 -7.42 -26.69
C LYS B 59 -22.15 -8.55 -26.39
N SER B 60 -22.18 -8.98 -25.13
CA SER B 60 -23.07 -10.06 -24.72
C SER B 60 -22.15 -10.82 -23.76
N GLY B 61 -22.76 -11.61 -22.88
CA GLY B 61 -22.10 -12.04 -21.65
C GLY B 61 -21.63 -13.44 -21.99
N ASN B 62 -20.78 -13.54 -23.01
CA ASN B 62 -20.42 -14.83 -23.58
C ASN B 62 -19.62 -14.69 -24.88
N VAL B 63 -18.51 -15.39 -24.97
CA VAL B 63 -17.78 -15.52 -26.22
C VAL B 63 -16.86 -16.68 -26.00
N SER B 64 -16.75 -17.57 -26.99
CA SER B 64 -15.91 -18.75 -26.80
C SER B 64 -14.46 -18.38 -26.83
N ILE B 65 -13.76 -18.70 -25.75
CA ILE B 65 -12.35 -18.46 -25.72
C ILE B 65 -11.76 -19.03 -27.01
N ILE B 66 -12.25 -20.20 -27.44
CA ILE B 66 -11.66 -20.90 -28.60
C ILE B 66 -11.81 -20.10 -29.90
N HIS B 67 -12.71 -19.12 -29.88
CA HIS B 67 -12.86 -18.18 -30.98
C HIS B 67 -11.77 -17.10 -30.95
N VAL B 68 -11.70 -16.37 -29.85
CA VAL B 68 -10.70 -15.32 -29.67
C VAL B 68 -9.28 -15.80 -30.00
N ASN B 69 -8.94 -17.02 -29.60
CA ASN B 69 -7.64 -17.61 -29.95
C ASN B 69 -7.39 -17.62 -31.45
N SER B 70 -8.31 -18.22 -32.18
CA SER B 70 -8.25 -18.28 -33.64
C SER B 70 -8.27 -16.89 -34.27
N TYR B 71 -9.06 -15.98 -33.70
CA TYR B 71 -9.10 -14.60 -34.20
C TYR B 71 -7.72 -13.97 -34.11
N LEU B 72 -7.14 -14.07 -32.92
CA LEU B 72 -5.79 -13.57 -32.68
C LEU B 72 -4.78 -14.19 -33.66
N TYR B 73 -4.75 -15.52 -33.74
CA TYR B 73 -3.93 -16.16 -34.77
C TYR B 73 -4.17 -15.41 -36.07
N GLY B 74 -5.45 -15.14 -36.34
CA GLY B 74 -5.86 -14.38 -37.50
C GLY B 74 -5.10 -13.10 -37.78
N ALA B 75 -5.34 -12.07 -36.97
CA ALA B 75 -4.71 -10.76 -37.17
C ALA B 75 -3.19 -10.82 -37.04
N LEU B 76 -2.70 -11.75 -36.25
CA LEU B 76 -1.29 -11.81 -35.96
C LEU B 76 -0.55 -12.87 -36.78
N LYS B 77 -0.44 -12.65 -38.08
CA LYS B 77 0.71 -13.21 -38.80
C LYS B 77 1.33 -12.13 -39.64
N ASP B 78 1.21 -10.90 -39.14
CA ASP B 78 2.21 -9.89 -39.40
C ASP B 78 3.60 -10.49 -39.14
N ILE B 79 4.07 -11.22 -40.16
CA ILE B 79 5.39 -11.86 -40.11
C ILE B 79 6.44 -10.79 -39.72
N ARG B 80 6.08 -9.52 -39.91
CA ARG B 80 6.96 -8.37 -39.71
C ARG B 80 8.01 -8.55 -38.61
N GLY B 81 9.25 -8.85 -39.00
CA GLY B 81 10.34 -9.03 -38.05
C GLY B 81 11.66 -9.51 -38.66
N LYS B 82 12.59 -8.57 -38.87
CA LYS B 82 13.89 -8.90 -39.46
C LYS B 82 14.96 -9.10 -38.41
N LEU B 83 15.21 -10.35 -38.08
CA LEU B 83 16.16 -10.73 -37.03
C LEU B 83 17.59 -10.24 -37.28
N ASP B 84 17.89 -9.01 -36.86
CA ASP B 84 19.19 -8.39 -37.08
C ASP B 84 20.26 -8.97 -36.17
N LYS B 85 20.17 -10.27 -35.90
CA LYS B 85 21.10 -10.96 -35.00
C LYS B 85 21.00 -12.46 -35.21
N ASP B 86 21.08 -13.20 -34.12
CA ASP B 86 20.77 -14.62 -34.11
C ASP B 86 19.67 -14.84 -33.09
N TRP B 87 19.39 -16.09 -32.73
CA TRP B 87 18.34 -16.36 -31.74
C TRP B 87 18.17 -17.84 -31.41
N SER B 88 18.78 -18.29 -30.32
CA SER B 88 18.53 -19.63 -29.80
C SER B 88 18.02 -19.52 -28.38
N SER B 89 17.91 -20.65 -27.71
CA SER B 89 17.44 -20.69 -26.34
C SER B 89 17.04 -22.09 -25.95
N PHE B 90 17.83 -22.72 -25.09
CA PHE B 90 17.54 -24.06 -24.59
C PHE B 90 17.76 -25.16 -25.63
N GLY B 91 18.40 -24.79 -26.74
CA GLY B 91 18.62 -25.72 -27.83
C GLY B 91 17.81 -25.33 -29.05
N ILE B 92 16.60 -24.85 -28.81
CA ILE B 92 15.67 -24.42 -29.86
C ILE B 92 16.15 -23.20 -30.65
N ASN B 93 16.30 -23.36 -31.97
CA ASN B 93 16.62 -22.24 -32.85
C ASN B 93 15.36 -21.46 -33.27
N ILE B 94 15.51 -20.20 -33.62
CA ILE B 94 14.36 -19.36 -33.96
C ILE B 94 14.62 -18.49 -35.18
N GLY B 95 15.88 -18.38 -35.59
CA GLY B 95 16.24 -17.61 -36.76
C GLY B 95 17.73 -17.26 -36.82
N LYS B 96 18.21 -16.89 -38.01
CA LYS B 96 19.59 -16.44 -38.15
C LYS B 96 19.64 -15.00 -38.69
N ALA B 97 20.84 -14.52 -38.98
CA ALA B 97 21.02 -13.16 -39.51
C ALA B 97 20.08 -12.86 -40.71
N GLY B 98 19.45 -11.68 -40.67
CA GLY B 98 18.60 -11.22 -41.76
C GLY B 98 17.24 -11.90 -41.80
N ASP B 99 17.26 -13.21 -41.56
CA ASP B 99 16.07 -14.05 -41.42
C ASP B 99 14.80 -13.27 -41.07
N THR B 100 13.69 -13.60 -41.73
CA THR B 100 12.40 -13.03 -41.32
C THR B 100 11.57 -14.08 -40.58
N ILE B 101 10.78 -13.63 -39.60
CA ILE B 101 10.03 -14.51 -38.71
C ILE B 101 8.86 -13.78 -38.08
N GLY B 102 7.79 -14.52 -37.79
CA GLY B 102 6.57 -13.96 -37.21
C GLY B 102 6.34 -14.40 -35.78
N ILE B 103 5.29 -13.86 -35.16
CA ILE B 103 5.03 -14.11 -33.74
C ILE B 103 4.92 -15.59 -33.44
N PHE B 104 4.53 -16.38 -34.43
CA PHE B 104 4.19 -17.77 -34.16
C PHE B 104 5.23 -18.78 -34.62
N ASP B 105 6.44 -18.30 -34.89
CA ASP B 105 7.53 -19.21 -35.16
C ASP B 105 7.93 -19.90 -33.85
N LEU B 106 6.89 -20.19 -33.08
CA LEU B 106 6.96 -20.95 -31.84
C LEU B 106 5.79 -21.98 -31.83
N VAL B 107 5.70 -22.70 -32.95
CA VAL B 107 5.20 -24.10 -33.07
C VAL B 107 3.68 -24.43 -33.07
N SER B 108 2.97 -24.03 -34.14
CA SER B 108 1.49 -24.17 -34.24
C SER B 108 0.90 -25.55 -34.61
N LEU B 109 -0.04 -26.03 -33.80
CA LEU B 109 -0.76 -27.29 -34.08
C LEU B 109 -2.25 -26.99 -34.05
N LYS B 110 -3.07 -28.02 -34.29
CA LYS B 110 -4.54 -27.87 -34.35
C LYS B 110 -5.25 -29.07 -33.68
N ALA B 111 -6.56 -28.95 -33.44
CA ALA B 111 -7.32 -30.05 -32.83
C ALA B 111 -8.87 -30.01 -32.87
N LEU B 112 -9.46 -30.33 -31.71
CA LEU B 112 -10.83 -30.84 -31.56
C LEU B 112 -11.97 -30.04 -32.24
N ASP B 113 -13.13 -30.68 -32.40
CA ASP B 113 -14.12 -30.32 -33.44
C ASP B 113 -15.32 -29.43 -33.04
N GLY B 114 -15.37 -29.01 -31.78
CA GLY B 114 -16.47 -28.18 -31.28
C GLY B 114 -16.37 -26.72 -31.69
N VAL B 115 -17.40 -26.25 -32.39
CA VAL B 115 -17.49 -24.86 -32.81
C VAL B 115 -18.91 -24.36 -32.62
N LEU B 116 -19.05 -23.09 -32.25
CA LEU B 116 -20.39 -22.54 -31.95
C LEU B 116 -21.11 -21.90 -33.16
N PRO B 117 -20.84 -20.60 -33.47
CA PRO B 117 -21.55 -20.04 -34.64
C PRO B 117 -21.02 -20.48 -36.01
N ASP B 118 -21.77 -20.16 -37.06
CA ASP B 118 -21.46 -20.57 -38.44
C ASP B 118 -21.46 -19.37 -39.41
N GLY B 119 -20.43 -19.29 -40.27
CA GLY B 119 -20.33 -18.26 -41.27
C GLY B 119 -20.46 -16.82 -40.80
N VAL B 120 -21.49 -16.13 -41.30
CA VAL B 120 -21.74 -14.69 -41.06
C VAL B 120 -22.47 -14.37 -39.73
N SER B 121 -21.71 -14.03 -38.67
CA SER B 121 -22.30 -13.62 -37.37
C SER B 121 -22.52 -12.11 -37.35
N ASP B 122 -23.20 -11.62 -38.40
CA ASP B 122 -23.40 -10.20 -38.68
C ASP B 122 -22.19 -9.64 -39.42
N ALA B 123 -22.30 -9.56 -40.75
CA ALA B 123 -21.18 -9.15 -41.59
C ALA B 123 -20.67 -7.73 -41.29
N SER B 124 -21.32 -7.06 -40.34
CA SER B 124 -21.10 -5.64 -40.01
C SER B 124 -19.64 -5.15 -40.04
N ARG B 125 -18.74 -5.92 -39.45
CA ARG B 125 -17.36 -5.48 -39.16
C ARG B 125 -16.39 -5.36 -40.33
N THR B 126 -15.82 -4.16 -40.48
CA THR B 126 -14.80 -3.87 -41.47
C THR B 126 -13.43 -4.33 -40.96
N SER B 127 -12.38 -4.12 -41.76
CA SER B 127 -11.01 -4.47 -41.36
C SER B 127 -10.35 -3.47 -40.37
N ALA B 128 -11.18 -2.69 -39.66
CA ALA B 128 -10.77 -2.03 -38.42
C ALA B 128 -10.51 -3.18 -37.48
N ASP B 129 -9.28 -3.68 -37.53
CA ASP B 129 -8.99 -5.07 -37.18
C ASP B 129 -7.63 -5.20 -36.53
N ASP B 130 -6.64 -5.63 -37.33
CA ASP B 130 -5.24 -5.80 -36.90
C ASP B 130 -4.69 -4.48 -36.36
N LYS B 131 -5.60 -3.59 -35.99
CA LYS B 131 -5.25 -2.25 -35.55
C LYS B 131 -5.49 -2.15 -34.04
N TRP B 132 -6.59 -2.71 -33.58
CA TRP B 132 -6.99 -2.47 -32.19
C TRP B 132 -7.66 -3.65 -31.50
N LEU B 133 -8.41 -4.47 -32.23
CA LEU B 133 -9.13 -5.59 -31.60
C LEU B 133 -8.15 -6.60 -30.98
N PRO B 134 -7.03 -6.90 -31.67
CA PRO B 134 -6.11 -7.83 -31.02
C PRO B 134 -5.60 -7.23 -29.71
N LEU B 135 -5.29 -5.94 -29.71
CA LEU B 135 -4.80 -5.28 -28.50
C LEU B 135 -5.78 -5.44 -27.36
N TYR B 136 -7.01 -5.05 -27.58
CA TYR B 136 -8.05 -5.20 -26.59
C TYR B 136 -7.99 -6.61 -26.00
N LEU B 137 -8.23 -7.59 -26.85
CA LEU B 137 -8.30 -8.97 -26.44
C LEU B 137 -7.12 -9.34 -25.56
N LEU B 138 -5.94 -8.85 -25.92
CA LEU B 138 -4.73 -9.13 -25.13
C LEU B 138 -4.79 -8.32 -23.84
N GLY B 139 -5.05 -7.01 -23.98
CA GLY B 139 -5.19 -6.11 -22.84
C GLY B 139 -6.07 -6.67 -21.73
N LEU B 140 -7.11 -7.40 -22.12
CA LEU B 140 -8.02 -8.00 -21.14
C LEU B 140 -7.31 -9.01 -20.21
N TYR B 141 -6.32 -9.72 -20.74
CA TYR B 141 -5.56 -10.64 -19.93
C TYR B 141 -4.99 -9.95 -18.70
N ARG B 142 -4.46 -8.74 -18.90
CA ARG B 142 -3.92 -7.94 -17.81
C ARG B 142 -5.01 -7.62 -16.78
N VAL B 143 -6.13 -7.08 -17.24
CA VAL B 143 -7.21 -6.74 -16.34
C VAL B 143 -7.76 -7.98 -15.63
N GLY B 144 -7.57 -9.14 -16.25
CA GLY B 144 -8.06 -10.39 -15.68
C GLY B 144 -7.44 -10.77 -14.35
N ARG B 145 -6.13 -10.53 -14.24
CA ARG B 145 -5.33 -10.93 -13.07
C ARG B 145 -5.60 -10.11 -11.80
N THR B 146 -6.18 -8.91 -11.97
CA THR B 146 -6.29 -7.91 -10.91
C THR B 146 -7.29 -8.21 -9.75
N GLN B 147 -7.24 -7.38 -8.71
CA GLN B 147 -8.05 -7.57 -7.49
C GLN B 147 -8.93 -6.37 -7.08
N MET B 148 -8.33 -5.18 -7.06
CA MET B 148 -8.95 -4.00 -6.43
C MET B 148 -9.31 -2.93 -7.50
N PRO B 149 -9.98 -1.80 -7.12
CA PRO B 149 -10.31 -0.67 -8.02
C PRO B 149 -9.15 -0.25 -8.94
N GLU B 150 -8.09 -1.05 -8.89
CA GLU B 150 -7.04 -1.04 -9.88
C GLU B 150 -7.56 -1.74 -11.14
N TYR B 151 -8.57 -2.58 -10.99
CA TYR B 151 -9.26 -3.13 -12.15
C TYR B 151 -9.80 -2.00 -13.01
N ARG B 152 -10.69 -1.19 -12.45
CA ARG B 152 -11.34 -0.15 -13.21
C ARG B 152 -10.34 0.97 -13.51
N LYS B 153 -9.18 0.88 -12.89
CA LYS B 153 -8.08 1.75 -13.24
C LYS B 153 -7.35 1.14 -14.44
N LYS B 154 -7.03 -0.14 -14.32
CA LYS B 154 -6.27 -0.85 -15.33
C LYS B 154 -7.02 -0.81 -16.65
N LEU B 155 -8.35 -0.86 -16.56
CA LEU B 155 -9.22 -0.81 -17.74
C LEU B 155 -9.34 0.61 -18.30
N MET B 156 -9.84 1.54 -17.47
CA MET B 156 -10.08 2.91 -17.91
C MET B 156 -8.89 3.43 -18.72
N ASP B 157 -7.70 3.08 -18.28
CA ASP B 157 -6.48 3.49 -18.98
C ASP B 157 -6.25 2.58 -20.21
N GLY B 158 -6.40 1.28 -19.99
CA GLY B 158 -6.25 0.29 -21.04
C GLY B 158 -7.37 0.31 -22.05
N LEU B 159 -8.11 1.43 -22.07
CA LEU B 159 -9.18 1.66 -23.04
C LEU B 159 -8.95 2.96 -23.82
N THR B 160 -8.17 3.88 -23.27
CA THR B 160 -7.76 5.05 -24.02
C THR B 160 -6.58 4.65 -24.90
N ASN B 161 -6.24 3.37 -24.85
CA ASN B 161 -5.13 2.85 -25.62
C ASN B 161 -5.49 2.39 -27.02
N GLN B 162 -6.76 2.01 -27.24
CA GLN B 162 -7.23 1.66 -28.58
C GLN B 162 -7.73 2.93 -29.22
N CYS B 163 -8.20 3.86 -28.38
CA CYS B 163 -8.62 5.19 -28.84
C CYS B 163 -7.51 5.83 -29.67
N LYS B 164 -6.30 5.32 -29.49
CA LYS B 164 -5.15 5.72 -30.29
C LYS B 164 -5.30 5.23 -31.72
N MET B 165 -5.27 6.18 -32.66
CA MET B 165 -5.33 5.91 -34.10
C MET B 165 -6.71 5.50 -34.53
N ILE B 166 -7.49 4.93 -33.61
CA ILE B 166 -8.62 4.08 -33.96
C ILE B 166 -9.93 4.66 -33.44
N ASN B 167 -10.13 4.57 -32.14
CA ASN B 167 -10.68 5.69 -31.37
C ASN B 167 -12.19 5.57 -31.17
N GLU B 168 -12.60 4.58 -30.38
CA GLU B 168 -13.98 4.46 -29.95
C GLU B 168 -14.22 3.14 -29.22
N GLN B 169 -13.83 3.09 -27.96
CA GLN B 169 -14.78 2.97 -26.87
C GLN B 169 -15.11 1.51 -26.57
N PHE B 170 -16.05 1.28 -25.67
CA PHE B 170 -16.03 0.11 -24.80
C PHE B 170 -16.79 -1.05 -25.42
N GLU B 171 -16.89 -2.15 -24.68
CA GLU B 171 -17.43 -3.41 -25.23
C GLU B 171 -18.21 -4.41 -24.32
N PRO B 172 -17.55 -5.02 -23.32
CA PRO B 172 -18.39 -5.88 -22.44
C PRO B 172 -19.36 -5.04 -21.60
N LEU B 173 -19.52 -5.38 -20.33
CA LEU B 173 -20.62 -4.80 -19.57
C LEU B 173 -20.44 -4.92 -18.05
N VAL B 174 -20.53 -6.16 -17.57
CA VAL B 174 -20.35 -6.52 -16.16
C VAL B 174 -18.93 -6.22 -15.66
N PRO B 175 -18.79 -5.21 -14.77
CA PRO B 175 -17.49 -4.74 -14.25
C PRO B 175 -16.43 -5.86 -14.08
N GLU B 176 -16.46 -6.54 -12.94
CA GLU B 176 -15.62 -7.71 -12.76
C GLU B 176 -16.05 -8.65 -11.61
N GLY B 177 -15.09 -8.94 -10.73
CA GLY B 177 -15.24 -9.90 -9.65
C GLY B 177 -14.29 -11.07 -9.84
N ARG B 178 -13.45 -10.98 -10.86
CA ARG B 178 -12.66 -12.11 -11.29
C ARG B 178 -13.61 -13.15 -11.85
N ASP B 179 -14.32 -12.82 -12.93
CA ASP B 179 -15.30 -13.72 -13.56
C ASP B 179 -15.54 -13.68 -15.08
N ILE B 180 -15.79 -12.49 -15.64
CA ILE B 180 -16.36 -12.35 -16.99
C ILE B 180 -15.56 -13.00 -18.16
N PHE B 181 -14.41 -12.38 -18.44
CA PHE B 181 -13.39 -12.81 -19.39
C PHE B 181 -12.16 -13.16 -18.56
N ASP B 182 -12.35 -13.19 -17.25
CA ASP B 182 -11.29 -13.49 -16.31
C ASP B 182 -10.99 -14.98 -16.35
N VAL B 183 -11.68 -15.71 -17.19
CA VAL B 183 -11.44 -17.13 -17.33
C VAL B 183 -10.26 -17.35 -18.24
N TRP B 184 -10.15 -16.47 -19.24
CA TRP B 184 -9.17 -16.59 -20.32
C TRP B 184 -7.80 -17.01 -19.82
N GLY B 185 -7.42 -16.49 -18.66
CA GLY B 185 -6.15 -16.84 -18.06
C GLY B 185 -5.99 -18.35 -17.89
N ASN B 186 -7.05 -19.02 -17.50
CA ASN B 186 -6.97 -20.48 -17.35
C ASN B 186 -6.94 -21.27 -18.69
N ASP B 187 -6.91 -20.57 -19.82
CA ASP B 187 -6.86 -21.24 -21.11
C ASP B 187 -5.44 -21.39 -21.62
N SER B 188 -4.91 -22.60 -21.47
CA SER B 188 -3.56 -22.96 -21.87
C SER B 188 -3.10 -22.40 -23.22
N ASN B 189 -3.97 -22.41 -24.22
CA ASN B 189 -3.62 -22.02 -25.59
C ASN B 189 -3.63 -20.51 -25.75
N TYR B 190 -4.39 -19.85 -24.87
CA TYR B 190 -4.49 -18.39 -24.82
C TYR B 190 -3.25 -17.77 -24.21
N THR B 191 -2.93 -18.16 -22.98
CA THR B 191 -1.69 -17.72 -22.36
C THR B 191 -0.58 -17.91 -23.39
N LYS B 192 -0.46 -19.13 -23.92
CA LYS B 192 0.58 -19.44 -24.88
C LYS B 192 0.70 -18.36 -25.95
N ILE B 193 -0.40 -17.66 -26.22
CA ILE B 193 -0.39 -16.58 -27.21
C ILE B 193 0.17 -15.28 -26.67
N VAL B 194 -0.32 -14.83 -25.49
CA VAL B 194 0.13 -13.57 -24.92
C VAL B 194 1.63 -13.65 -24.75
N ALA B 195 2.11 -14.83 -24.33
CA ALA B 195 3.53 -15.02 -24.13
C ALA B 195 4.32 -14.84 -25.43
N ALA B 196 3.84 -15.42 -26.53
CA ALA B 196 4.51 -15.25 -27.81
C ALA B 196 4.54 -13.78 -28.27
N VAL B 197 3.43 -13.06 -28.08
CA VAL B 197 3.37 -11.66 -28.48
C VAL B 197 4.38 -10.87 -27.68
N ASP B 198 4.31 -10.95 -26.37
CA ASP B 198 5.26 -10.24 -25.50
C ASP B 198 6.69 -10.56 -25.89
N MET B 199 6.99 -11.84 -25.97
CA MET B 199 8.35 -12.29 -26.25
C MET B 199 8.83 -11.85 -27.62
N PHE B 200 7.89 -11.75 -28.57
CA PHE B 200 8.19 -11.26 -29.90
C PHE B 200 8.51 -9.77 -29.88
N PHE B 201 7.58 -9.00 -29.32
CA PHE B 201 7.73 -7.55 -29.24
C PHE B 201 8.72 -7.13 -28.15
N HIS B 202 9.29 -8.11 -27.46
CA HIS B 202 10.44 -7.80 -26.64
C HIS B 202 11.66 -7.76 -27.52
N MET B 203 11.74 -8.70 -28.45
CA MET B 203 12.85 -8.78 -29.40
C MET B 203 12.84 -7.64 -30.42
N PHE B 204 11.65 -7.28 -30.90
CA PHE B 204 11.50 -6.18 -31.85
C PHE B 204 10.83 -5.01 -31.14
N LYS B 205 11.43 -4.57 -30.04
CA LYS B 205 10.89 -3.52 -29.20
C LYS B 205 10.38 -2.35 -30.03
N LYS B 206 10.86 -2.23 -31.27
CA LYS B 206 10.57 -1.05 -32.10
C LYS B 206 9.28 -1.14 -32.91
N HIS B 207 9.04 -2.30 -33.50
CA HIS B 207 7.92 -2.54 -34.42
C HIS B 207 6.63 -1.72 -34.22
N GLU B 208 5.99 -1.32 -35.33
CA GLU B 208 4.80 -0.48 -35.27
C GLU B 208 3.71 -1.08 -34.37
N CYS B 209 3.61 -2.40 -34.41
CA CYS B 209 2.58 -3.10 -33.66
C CYS B 209 2.98 -3.42 -32.24
N ALA B 210 4.25 -3.22 -31.91
CA ALA B 210 4.77 -3.59 -30.59
C ALA B 210 4.03 -2.97 -29.41
N SER B 211 3.05 -2.11 -29.68
CA SER B 211 2.26 -1.48 -28.64
C SER B 211 1.30 -2.49 -28.03
N PHE B 212 1.28 -3.66 -28.67
CA PHE B 212 0.36 -4.77 -28.34
C PHE B 212 0.72 -5.38 -27.00
N ARG B 213 1.81 -4.92 -26.43
CA ARG B 213 2.24 -5.47 -25.16
C ARG B 213 1.44 -4.92 -23.99
N TYR B 214 0.57 -3.95 -24.24
CA TYR B 214 -0.01 -3.23 -23.12
C TYR B 214 -0.48 -4.17 -22.00
N GLY B 215 -1.03 -5.31 -22.38
CA GLY B 215 -1.55 -6.19 -21.36
C GLY B 215 -0.86 -7.52 -21.45
N THR B 216 0.15 -7.59 -22.32
CA THR B 216 0.90 -8.82 -22.54
C THR B 216 2.18 -8.82 -21.70
N ILE B 217 2.47 -7.66 -21.13
CA ILE B 217 3.71 -7.42 -20.41
C ILE B 217 3.74 -8.07 -19.03
N VAL B 218 2.58 -8.17 -18.37
CA VAL B 218 2.55 -8.79 -17.05
C VAL B 218 2.69 -10.30 -17.13
N SER B 219 3.23 -10.75 -18.26
CA SER B 219 3.51 -12.16 -18.44
C SER B 219 4.98 -12.47 -18.27
N ARG B 220 5.82 -11.47 -18.55
CA ARG B 220 7.26 -11.62 -18.46
C ARG B 220 7.66 -11.62 -17.01
N PHE B 221 8.24 -12.73 -16.57
CA PHE B 221 8.60 -12.91 -15.17
C PHE B 221 7.38 -12.97 -14.28
N LYS B 222 6.32 -13.57 -14.82
CA LYS B 222 5.16 -13.88 -14.01
C LYS B 222 5.57 -14.96 -13.05
N ASP B 223 5.35 -14.74 -11.77
CA ASP B 223 5.64 -15.72 -10.74
C ASP B 223 7.16 -15.78 -10.46
N CYS B 224 7.82 -14.64 -10.65
CA CYS B 224 9.26 -14.53 -10.47
C CYS B 224 9.58 -13.38 -9.54
N ALA B 225 8.81 -13.30 -8.46
CA ALA B 225 8.89 -12.18 -7.54
C ALA B 225 10.26 -12.08 -6.90
N ALA B 226 10.62 -13.07 -6.09
CA ALA B 226 11.88 -13.08 -5.37
C ALA B 226 13.00 -12.75 -6.34
N LEU B 227 13.06 -13.47 -7.44
CA LEU B 227 14.10 -13.27 -8.43
C LEU B 227 14.25 -11.80 -8.84
N ALA B 228 13.24 -11.00 -8.54
CA ALA B 228 13.23 -9.63 -9.00
C ALA B 228 13.30 -8.69 -7.81
N THR B 229 12.99 -9.23 -6.63
CA THR B 229 13.19 -8.49 -5.40
C THR B 229 14.65 -8.56 -5.05
N PHE B 230 15.42 -9.23 -5.89
CA PHE B 230 16.84 -9.45 -5.67
C PHE B 230 17.67 -8.45 -6.48
N GLY B 231 17.26 -8.22 -7.72
CA GLY B 231 17.95 -7.24 -8.52
C GLY B 231 17.62 -5.87 -7.95
N HIS B 232 16.59 -5.85 -7.10
CA HIS B 232 16.11 -4.62 -6.48
C HIS B 232 17.00 -4.34 -5.28
N LEU B 233 17.14 -5.34 -4.43
CA LEU B 233 17.99 -5.26 -3.27
C LEU B 233 19.37 -4.82 -3.72
N CYS B 234 19.77 -5.17 -4.94
CA CYS B 234 21.09 -4.80 -5.44
C CYS B 234 21.13 -3.35 -5.85
N LYS B 235 20.12 -2.91 -6.58
CA LYS B 235 20.09 -1.55 -7.13
C LYS B 235 19.99 -0.55 -6.01
N ILE B 236 19.37 -0.99 -4.91
CA ILE B 236 19.03 -0.10 -3.81
C ILE B 236 20.13 0.04 -2.77
N THR B 237 21.11 -0.87 -2.82
CA THR B 237 22.29 -0.83 -1.94
C THR B 237 23.57 -0.53 -2.72
N GLY B 238 23.42 -0.31 -4.03
CA GLY B 238 24.56 -0.08 -4.90
C GLY B 238 25.55 -1.24 -4.92
N MET B 239 25.35 -2.23 -4.05
CA MET B 239 26.30 -3.35 -3.94
C MET B 239 26.26 -4.29 -5.12
N SER B 240 27.40 -4.95 -5.33
CA SER B 240 27.52 -5.89 -6.42
C SER B 240 26.61 -7.08 -6.18
N THR B 241 26.37 -7.81 -7.25
CA THR B 241 25.52 -8.96 -7.14
C THR B 241 26.19 -10.01 -6.24
N GLU B 242 27.49 -10.15 -6.41
CA GLU B 242 28.26 -11.10 -5.62
C GLU B 242 28.35 -10.66 -4.14
N ASP B 243 28.53 -9.36 -3.89
CA ASP B 243 28.67 -8.87 -2.51
C ASP B 243 27.37 -9.04 -1.73
N VAL B 244 26.27 -8.71 -2.39
CA VAL B 244 24.97 -8.84 -1.75
C VAL B 244 24.78 -10.28 -1.29
N THR B 245 25.14 -11.21 -2.16
CA THR B 245 24.98 -12.63 -1.89
C THR B 245 25.64 -13.00 -0.56
N THR B 246 26.79 -12.40 -0.30
CA THR B 246 27.55 -12.75 0.89
C THR B 246 26.85 -12.29 2.16
N TRP B 247 26.03 -11.23 2.02
CA TRP B 247 25.30 -10.63 3.14
C TRP B 247 24.10 -11.45 3.60
N ILE B 248 23.86 -12.58 2.94
CA ILE B 248 22.88 -13.56 3.39
C ILE B 248 23.36 -14.21 4.68
N LEU B 249 22.50 -14.22 5.69
CA LEU B 249 22.91 -14.61 7.03
C LEU B 249 21.97 -15.64 7.67
N ASN B 250 21.05 -16.21 6.89
CA ASN B 250 20.19 -17.27 7.42
C ASN B 250 20.16 -18.50 6.50
N ARG B 251 20.32 -19.69 7.09
CA ARG B 251 20.35 -20.94 6.34
C ARG B 251 19.34 -20.95 5.19
N GLU B 252 18.06 -21.02 5.54
CA GLU B 252 17.00 -21.18 4.55
C GLU B 252 16.84 -19.99 3.64
N VAL B 253 17.61 -18.93 3.85
CA VAL B 253 17.68 -17.87 2.84
C VAL B 253 18.73 -18.21 1.81
N ALA B 254 19.89 -18.66 2.30
CA ALA B 254 20.89 -19.24 1.42
C ALA B 254 20.21 -20.36 0.58
N ASP B 255 19.67 -21.37 1.25
CA ASP B 255 18.95 -22.43 0.58
C ASP B 255 18.23 -21.91 -0.64
N GLU B 256 17.39 -20.90 -0.45
CA GLU B 256 16.55 -20.39 -1.54
C GLU B 256 17.34 -19.58 -2.55
N MET B 257 18.38 -18.89 -2.08
CA MET B 257 19.19 -18.11 -2.98
C MET B 257 19.86 -19.05 -3.94
N VAL B 258 20.32 -20.18 -3.40
CA VAL B 258 20.84 -21.28 -4.23
C VAL B 258 19.79 -21.69 -5.26
N GLN B 259 18.70 -22.28 -4.78
CA GLN B 259 17.57 -22.61 -5.62
C GLN B 259 17.39 -21.66 -6.81
N MET B 260 17.35 -20.36 -6.55
CA MET B 260 17.12 -19.40 -7.63
C MET B 260 18.26 -19.30 -8.63
N MET B 261 19.47 -19.55 -8.19
CA MET B 261 20.61 -19.25 -9.03
C MET B 261 21.09 -20.47 -9.84
N LEU B 262 20.37 -21.59 -9.72
CA LEU B 262 20.73 -22.82 -10.41
C LEU B 262 21.11 -22.52 -11.86
N PRO B 263 22.34 -22.94 -12.23
CA PRO B 263 22.96 -22.61 -13.51
C PRO B 263 22.24 -23.25 -14.71
N GLY B 264 22.43 -22.64 -15.88
CA GLY B 264 21.84 -23.13 -17.11
C GLY B 264 20.33 -23.02 -17.11
N GLN B 265 19.82 -21.80 -17.02
CA GLN B 265 18.38 -21.59 -17.05
C GLN B 265 18.08 -20.30 -17.76
N GLU B 266 19.10 -19.73 -18.39
CA GLU B 266 18.93 -18.57 -19.26
C GLU B 266 18.40 -17.32 -18.55
N ILE B 267 18.43 -17.28 -17.21
CA ILE B 267 17.85 -16.15 -16.48
C ILE B 267 18.55 -14.82 -16.76
N ASP B 268 19.87 -14.86 -16.83
CA ASP B 268 20.68 -13.68 -17.18
C ASP B 268 20.67 -13.38 -18.68
N LYS B 269 20.03 -14.25 -19.45
CA LYS B 269 20.02 -14.19 -20.91
C LYS B 269 19.15 -13.06 -21.48
N ALA B 270 19.50 -12.60 -22.68
CA ALA B 270 18.84 -11.50 -23.36
C ALA B 270 17.33 -11.73 -23.57
N ASP B 271 17.01 -12.44 -24.65
CA ASP B 271 15.64 -12.84 -24.96
C ASP B 271 15.53 -14.34 -24.94
N SER B 272 14.82 -14.87 -23.95
CA SER B 272 14.78 -16.30 -23.74
C SER B 272 13.37 -16.66 -23.34
N TYR B 273 13.07 -17.95 -23.32
CA TYR B 273 11.77 -18.44 -22.86
C TYR B 273 11.66 -18.40 -21.34
N MET B 274 12.79 -18.24 -20.67
CA MET B 274 12.80 -18.32 -19.21
C MET B 274 11.74 -17.46 -18.51
N PRO B 275 11.60 -16.17 -18.89
CA PRO B 275 10.64 -15.28 -18.26
C PRO B 275 9.19 -15.78 -18.37
N TYR B 276 8.87 -16.42 -19.48
CA TYR B 276 7.52 -16.89 -19.72
C TYR B 276 7.43 -18.35 -19.35
N LEU B 277 8.28 -18.79 -18.45
CA LEU B 277 8.29 -20.20 -18.10
C LEU B 277 6.91 -20.64 -17.68
N ILE B 278 6.14 -19.70 -17.14
CA ILE B 278 4.85 -20.04 -16.58
C ILE B 278 3.72 -20.06 -17.64
N ASP B 279 3.67 -19.05 -18.50
CA ASP B 279 2.60 -18.93 -19.51
C ASP B 279 2.77 -19.72 -20.81
N PHE B 280 3.99 -20.13 -21.14
CA PHE B 280 4.17 -21.13 -22.19
C PHE B 280 4.04 -22.53 -21.57
N GLY B 281 3.70 -22.60 -20.29
CA GLY B 281 3.57 -23.88 -19.62
C GLY B 281 4.83 -24.75 -19.55
N LEU B 282 5.99 -24.12 -19.43
CA LEU B 282 7.23 -24.85 -19.20
C LEU B 282 7.31 -25.33 -17.76
N SER B 283 6.64 -24.62 -16.86
CA SER B 283 6.74 -24.90 -15.44
C SER B 283 5.38 -24.78 -14.79
N SER B 284 5.06 -25.72 -13.92
CA SER B 284 3.80 -25.66 -13.19
C SER B 284 3.99 -25.13 -11.77
N LYS B 285 5.25 -24.90 -11.39
CA LYS B 285 5.60 -24.35 -10.07
C LYS B 285 6.93 -23.64 -10.22
N SER B 286 6.89 -22.32 -10.27
CA SER B 286 8.08 -21.51 -10.52
C SER B 286 9.04 -21.58 -9.35
N PRO B 287 10.33 -21.71 -9.66
CA PRO B 287 11.32 -21.69 -8.59
C PRO B 287 11.75 -20.28 -8.21
N TYR B 288 11.17 -19.27 -8.84
CA TYR B 288 11.56 -17.87 -8.63
C TYR B 288 10.49 -17.08 -7.87
N SER B 289 9.37 -17.75 -7.59
CA SER B 289 8.22 -17.15 -6.91
C SER B 289 8.57 -16.70 -5.51
N SER B 290 7.74 -15.82 -4.95
CA SER B 290 7.95 -15.36 -3.58
C SER B 290 7.32 -16.32 -2.62
N VAL B 291 6.78 -17.40 -3.13
CA VAL B 291 6.07 -18.36 -2.31
C VAL B 291 6.99 -19.55 -2.07
N LYS B 292 7.96 -19.69 -2.96
CA LYS B 292 8.97 -20.71 -2.85
C LYS B 292 10.26 -20.09 -2.32
N ASN B 293 10.26 -18.76 -2.19
CA ASN B 293 11.39 -18.02 -1.63
C ASN B 293 10.97 -17.04 -0.52
N PRO B 294 10.18 -17.51 0.45
CA PRO B 294 9.55 -16.66 1.48
C PRO B 294 10.61 -15.92 2.29
N ALA B 295 11.51 -16.66 2.90
CA ALA B 295 12.63 -16.04 3.63
C ALA B 295 13.37 -15.04 2.77
N PHE B 296 13.84 -15.46 1.60
CA PHE B 296 14.55 -14.52 0.77
C PHE B 296 13.70 -13.30 0.54
N HIS B 297 12.47 -13.52 0.12
CA HIS B 297 11.60 -12.39 -0.18
C HIS B 297 11.45 -11.43 1.01
N PHE B 298 11.14 -11.97 2.18
CA PHE B 298 10.92 -11.15 3.36
C PHE B 298 12.17 -10.37 3.72
N TRP B 299 13.31 -11.07 3.77
CA TRP B 299 14.59 -10.47 4.14
C TRP B 299 14.94 -9.37 3.16
N GLY B 300 15.03 -9.70 1.88
CA GLY B 300 15.42 -8.72 0.89
C GLY B 300 14.55 -7.49 0.95
N GLN B 301 13.24 -7.70 1.10
CA GLN B 301 12.29 -6.61 1.06
C GLN B 301 12.39 -5.76 2.31
N LEU B 302 12.39 -6.40 3.47
CA LEU B 302 12.52 -5.68 4.73
C LEU B 302 13.75 -4.81 4.67
N THR B 303 14.85 -5.38 4.22
CA THR B 303 16.08 -4.63 4.06
C THR B 303 15.86 -3.41 3.17
N ALA B 304 15.42 -3.66 1.93
CA ALA B 304 15.21 -2.58 0.98
C ALA B 304 14.40 -1.49 1.63
N LEU B 305 13.40 -1.87 2.42
CA LEU B 305 12.53 -0.89 3.07
C LEU B 305 13.30 0.03 4.02
N LEU B 306 14.03 -0.56 4.96
CA LEU B 306 14.84 0.21 5.89
C LEU B 306 15.75 1.16 5.10
N LEU B 307 16.05 0.78 3.84
CA LEU B 307 16.98 1.53 2.98
C LEU B 307 16.29 2.56 2.12
N ARG B 308 15.03 2.84 2.46
CA ARG B 308 14.26 3.93 1.88
C ARG B 308 13.59 3.56 0.57
N SER B 309 13.39 2.26 0.36
CA SER B 309 12.66 1.76 -0.83
C SER B 309 11.21 2.20 -0.90
N THR B 310 10.79 2.76 -2.04
CA THR B 310 9.37 3.08 -2.19
C THR B 310 8.55 1.80 -2.45
N ARG B 311 8.91 1.09 -3.51
CA ARG B 311 8.35 -0.21 -3.85
C ARG B 311 8.08 -1.16 -2.67
N ALA B 312 9.06 -1.35 -1.80
CA ALA B 312 8.94 -2.37 -0.76
C ALA B 312 7.94 -2.03 0.33
N ARG B 313 7.57 -0.77 0.43
CA ARG B 313 6.53 -0.34 1.37
C ARG B 313 5.33 -1.31 1.39
N ASN B 314 5.03 -1.90 0.23
CA ASN B 314 3.79 -2.67 -0.02
C ASN B 314 3.98 -4.14 -0.35
N ALA B 315 5.19 -4.66 -0.22
CA ALA B 315 5.40 -6.09 -0.43
C ALA B 315 4.64 -6.84 0.65
N ARG B 316 4.37 -8.11 0.41
CA ARG B 316 3.58 -8.86 1.35
C ARG B 316 4.44 -9.67 2.24
N GLN B 317 4.09 -9.68 3.52
CA GLN B 317 4.73 -10.49 4.52
C GLN B 317 4.29 -11.94 4.36
N PRO B 318 5.17 -12.81 3.87
CA PRO B 318 4.91 -14.25 3.81
C PRO B 318 4.65 -14.82 5.19
N ASP B 319 4.04 -16.00 5.24
CA ASP B 319 3.74 -16.66 6.52
C ASP B 319 4.67 -17.84 6.73
N ASP B 320 4.80 -18.29 7.96
CA ASP B 320 5.64 -19.46 8.28
C ASP B 320 7.12 -19.33 7.87
N ILE B 321 7.67 -18.12 8.04
CA ILE B 321 9.13 -17.92 7.99
C ILE B 321 9.67 -17.49 9.37
N GLU B 322 10.97 -17.58 9.58
CA GLU B 322 11.46 -17.24 10.89
C GLU B 322 11.71 -15.72 11.05
N TYR B 323 10.69 -14.99 11.53
CA TYR B 323 10.72 -13.52 11.54
C TYR B 323 11.86 -12.87 12.34
N THR B 324 12.11 -13.27 13.58
CA THR B 324 13.11 -12.58 14.38
C THR B 324 14.47 -13.14 14.15
N SER B 325 14.85 -13.23 12.89
CA SER B 325 16.21 -13.57 12.54
C SER B 325 16.36 -12.99 11.17
N LEU B 326 15.36 -13.22 10.35
CA LEU B 326 15.29 -12.53 9.07
C LEU B 326 15.37 -11.02 9.32
N THR B 327 14.51 -10.51 10.21
CA THR B 327 14.53 -9.08 10.59
C THR B 327 15.88 -8.66 11.18
N THR B 328 16.34 -9.36 12.22
CA THR B 328 17.62 -9.00 12.82
C THR B 328 18.74 -8.92 11.75
N ALA B 329 18.68 -9.82 10.77
CA ALA B 329 19.66 -9.91 9.69
C ALA B 329 19.47 -8.77 8.70
N GLY B 330 18.23 -8.37 8.52
CA GLY B 330 17.93 -7.30 7.61
C GLY B 330 18.34 -5.99 8.24
N LEU B 331 18.10 -5.86 9.55
CA LEU B 331 18.45 -4.63 10.26
C LEU B 331 19.94 -4.37 10.13
N LEU B 332 20.74 -5.39 10.40
CA LEU B 332 22.19 -5.28 10.33
C LEU B 332 22.59 -4.81 8.95
N TYR B 333 22.29 -5.65 7.95
CA TYR B 333 22.66 -5.36 6.57
C TYR B 333 22.28 -3.93 6.21
N ALA B 334 21.06 -3.54 6.56
CA ALA B 334 20.57 -2.21 6.28
C ALA B 334 21.38 -1.16 7.05
N TYR B 335 21.53 -1.36 8.35
CA TYR B 335 22.28 -0.42 9.18
C TYR B 335 23.69 -0.22 8.68
N ALA B 336 24.27 -1.30 8.14
CA ALA B 336 25.62 -1.22 7.62
C ALA B 336 25.67 -0.29 6.43
N VAL B 337 25.05 -0.71 5.33
CA VAL B 337 24.91 0.13 4.16
C VAL B 337 24.49 1.57 4.53
N GLY B 338 23.67 1.67 5.56
CA GLY B 338 22.98 2.90 5.82
C GLY B 338 23.86 3.95 6.41
N SER B 339 24.66 3.52 7.38
CA SER B 339 25.47 4.40 8.21
C SER B 339 26.82 4.75 7.54
N SER B 340 27.40 3.79 6.83
CA SER B 340 28.62 4.05 6.09
C SER B 340 28.35 4.19 4.58
N ALA B 341 28.20 5.42 4.12
CA ALA B 341 27.89 5.70 2.72
C ALA B 341 29.07 5.36 1.83
N ASP B 342 28.87 5.24 0.51
CA ASP B 342 29.99 4.99 -0.40
C ASP B 342 30.90 6.19 -0.38
N LEU B 343 30.54 7.23 -1.14
CA LEU B 343 31.26 8.51 -1.09
C LEU B 343 32.74 8.41 -1.47
N ALA B 344 33.12 9.13 -2.52
CA ALA B 344 34.48 9.07 -3.02
C ALA B 344 34.59 10.00 -4.20
N GLN B 345 35.55 10.91 -4.15
CA GLN B 345 35.68 11.89 -5.21
C GLN B 345 35.73 11.21 -6.56
N GLN B 346 35.12 11.80 -7.57
CA GLN B 346 35.05 11.15 -8.87
C GLN B 346 35.81 11.91 -9.95
N PHE B 347 35.63 13.24 -9.98
CA PHE B 347 36.28 14.10 -10.96
C PHE B 347 37.12 15.14 -10.23
N CYS B 348 38.06 15.78 -10.92
CA CYS B 348 39.02 16.71 -10.28
C CYS B 348 39.74 17.66 -11.24
N VAL B 349 40.80 18.29 -10.72
CA VAL B 349 41.69 19.13 -11.54
C VAL B 349 43.19 19.05 -11.08
N GLY B 350 43.76 17.85 -11.12
CA GLY B 350 45.11 17.62 -10.63
C GLY B 350 45.18 17.51 -9.11
N ASP B 351 44.14 18.01 -8.44
CA ASP B 351 44.02 18.00 -6.98
C ASP B 351 42.90 17.07 -6.49
N ASN B 352 43.27 15.99 -5.79
CA ASN B 352 42.28 14.97 -5.39
C ASN B 352 42.50 14.33 -4.03
N LYS B 353 41.43 14.02 -3.31
CA LYS B 353 41.58 13.49 -1.95
C LYS B 353 42.14 12.06 -1.87
N TYR B 354 43.39 11.98 -1.40
CA TYR B 354 44.00 10.73 -0.98
C TYR B 354 43.31 10.29 0.29
N THR B 355 42.36 9.36 0.17
CA THR B 355 41.48 9.01 1.27
C THR B 355 42.13 8.87 2.67
N PRO B 356 43.22 8.09 2.79
CA PRO B 356 43.86 7.88 4.10
C PRO B 356 44.38 9.16 4.79
N ASP B 357 44.28 9.17 6.12
CA ASP B 357 44.77 10.25 6.95
C ASP B 357 45.83 9.76 7.94
N THR B 364 37.17 4.45 18.65
CA THR B 364 37.93 3.22 18.90
C THR B 364 37.03 2.03 19.19
N THR B 365 36.74 1.77 20.46
CA THR B 365 36.00 0.58 20.85
C THR B 365 34.50 0.74 20.56
N ASN B 366 33.88 -0.36 20.13
CA ASN B 366 32.45 -0.41 19.86
C ASN B 366 32.01 0.59 18.80
N ALA B 367 33.00 1.28 18.24
CA ALA B 367 32.79 2.02 17.00
C ALA B 367 32.67 0.99 15.88
N PRO B 368 31.53 1.02 15.17
CA PRO B 368 31.11 0.03 14.17
C PRO B 368 31.89 0.17 12.87
N PRO B 369 32.15 -0.96 12.21
CA PRO B 369 33.15 -1.11 11.14
C PRO B 369 33.08 -0.11 10.02
N GLN B 370 34.18 -0.09 9.28
CA GLN B 370 34.49 0.95 8.32
C GLN B 370 33.58 0.90 7.08
N GLY B 371 33.81 -0.09 6.21
CA GLY B 371 33.03 -0.18 4.99
C GLY B 371 31.81 -1.08 5.08
N ARG B 372 31.66 -1.96 4.09
CA ARG B 372 30.53 -2.84 4.08
C ARG B 372 30.96 -4.28 4.05
N ASP B 373 31.93 -4.63 4.89
CA ASP B 373 32.32 -6.02 4.92
C ASP B 373 31.56 -6.87 5.91
N VAL B 374 31.04 -7.98 5.37
CA VAL B 374 30.22 -8.94 6.10
C VAL B 374 30.94 -9.47 7.32
N VAL B 375 32.23 -9.73 7.16
CA VAL B 375 33.02 -10.30 8.24
C VAL B 375 33.37 -9.24 9.27
N GLU B 376 33.74 -8.05 8.79
CA GLU B 376 34.00 -6.93 9.69
C GLU B 376 32.76 -6.66 10.54
N TRP B 377 31.59 -6.63 9.89
CA TRP B 377 30.34 -6.34 10.58
C TRP B 377 29.87 -7.47 11.47
N LEU B 378 29.81 -8.66 10.89
CA LEU B 378 29.45 -9.86 11.64
C LEU B 378 30.24 -9.96 12.95
N GLY B 379 31.55 -9.73 12.85
CA GLY B 379 32.44 -9.76 14.00
C GLY B 379 32.08 -8.69 14.99
N TRP B 380 31.89 -7.47 14.49
CA TRP B 380 31.43 -6.37 15.32
C TRP B 380 30.09 -6.65 16.00
N PHE B 381 29.25 -7.48 15.36
CA PHE B 381 27.98 -7.89 15.95
C PHE B 381 28.24 -8.90 17.08
N GLU B 382 29.02 -9.94 16.79
CA GLU B 382 29.51 -10.84 17.84
C GLU B 382 29.89 -9.98 19.02
N ASP B 383 30.55 -8.86 18.71
CA ASP B 383 31.04 -7.90 19.70
C ASP B 383 29.90 -7.38 20.53
N GLN B 384 28.86 -6.87 19.88
CA GLN B 384 27.74 -6.28 20.59
C GLN B 384 26.80 -7.29 21.25
N ASN B 385 27.32 -8.46 21.64
CA ASN B 385 26.50 -9.49 22.28
C ASN B 385 25.51 -10.09 21.30
N ARG B 386 25.83 -10.01 20.01
CA ARG B 386 24.92 -10.46 18.96
C ARG B 386 23.48 -10.03 19.27
N LYS B 387 23.29 -8.72 19.41
CA LYS B 387 22.02 -8.14 19.84
C LYS B 387 21.99 -6.64 19.46
N PRO B 388 20.92 -6.22 18.77
CA PRO B 388 20.84 -4.87 18.18
C PRO B 388 21.07 -3.70 19.15
N THR B 389 22.01 -2.83 18.77
CA THR B 389 22.37 -1.65 19.57
C THR B 389 21.24 -0.64 19.56
N PRO B 390 21.38 0.41 20.38
CA PRO B 390 20.40 1.50 20.38
C PRO B 390 20.53 2.45 19.20
N ASP B 391 21.72 2.79 18.70
CA ASP B 391 21.74 3.66 17.51
C ASP B 391 21.19 2.93 16.30
N MET B 392 21.53 1.66 16.17
CA MET B 392 21.03 0.90 15.04
C MET B 392 19.53 0.63 15.18
N MET B 393 19.05 0.45 16.42
CA MET B 393 17.62 0.36 16.64
C MET B 393 16.93 1.72 16.40
N GLN B 394 17.64 2.80 16.69
CA GLN B 394 17.13 4.14 16.42
C GLN B 394 17.06 4.36 14.93
N TYR B 395 17.98 3.73 14.20
CA TYR B 395 18.05 3.86 12.75
C TYR B 395 16.78 3.36 12.13
N ALA B 396 16.39 2.17 12.59
CA ALA B 396 15.17 1.50 12.15
C ALA B 396 13.97 2.37 12.36
N LYS B 397 13.89 3.01 13.53
CA LYS B 397 12.76 3.87 13.86
C LYS B 397 12.62 5.04 12.89
N ARG B 398 13.70 5.77 12.62
CA ARG B 398 13.66 6.90 11.69
C ARG B 398 13.22 6.46 10.29
N ALA B 399 13.55 5.23 9.93
CA ALA B 399 13.25 4.73 8.62
C ALA B 399 11.76 4.35 8.44
N VAL B 400 11.09 4.03 9.55
CA VAL B 400 9.72 3.51 9.47
C VAL B 400 8.69 4.42 10.09
N MET B 401 9.05 5.22 11.09
CA MET B 401 8.09 6.24 11.54
C MET B 401 7.81 7.08 10.33
N SER B 402 6.81 7.95 10.41
CA SER B 402 6.56 8.84 9.27
C SER B 402 6.22 8.13 7.94
N LEU B 403 6.13 6.81 7.96
CA LEU B 403 5.50 6.06 6.86
C LEU B 403 3.99 6.15 7.01
N GLN B 404 3.27 6.29 5.91
CA GLN B 404 1.80 6.30 6.00
C GLN B 404 1.14 5.49 4.89
N GLY B 405 -0.13 5.16 5.07
CA GLY B 405 -0.91 4.51 4.04
C GLY B 405 -0.54 3.04 3.91
N LEU B 406 -0.41 2.41 5.07
CA LEU B 406 0.12 1.06 5.15
C LEU B 406 -0.97 -0.01 5.04
N ARG B 407 -0.92 -0.78 3.94
CA ARG B 407 -1.79 -1.94 3.78
C ARG B 407 -1.46 -2.99 4.83
N GLU B 408 -2.40 -3.88 5.12
CA GLU B 408 -2.16 -4.86 6.19
C GLU B 408 -1.55 -6.13 5.64
N LYS B 409 -0.82 -6.85 6.49
CA LYS B 409 -0.04 -8.00 6.03
C LYS B 409 0.97 -7.60 4.93
N THR B 410 1.61 -6.44 5.09
CA THR B 410 2.75 -6.07 4.25
C THR B 410 4.01 -6.03 5.09
N ILE B 411 5.17 -6.04 4.44
CA ILE B 411 6.41 -5.96 5.19
C ILE B 411 6.56 -4.49 5.59
N GLY B 412 5.85 -3.62 4.88
CA GLY B 412 5.78 -2.24 5.28
C GLY B 412 5.08 -2.09 6.62
N LYS B 413 3.90 -2.69 6.74
CA LYS B 413 3.15 -2.62 7.98
C LYS B 413 3.89 -3.34 9.07
N TYR B 414 4.64 -4.37 8.70
CA TYR B 414 5.38 -5.13 9.70
C TYR B 414 6.42 -4.26 10.35
N ALA B 415 7.21 -3.61 9.52
CA ALA B 415 8.36 -2.84 9.96
C ALA B 415 8.00 -1.68 10.89
N LYS B 416 6.90 -0.99 10.58
CA LYS B 416 6.50 0.12 11.42
C LYS B 416 6.09 -0.36 12.81
N SER B 417 5.41 -1.51 12.86
CA SER B 417 4.99 -2.09 14.14
C SER B 417 6.16 -2.63 14.97
N GLU B 418 7.21 -3.07 14.30
CA GLU B 418 8.35 -3.64 14.97
C GLU B 418 9.31 -2.56 15.48
N PHE B 419 9.40 -1.45 14.75
CA PHE B 419 10.39 -0.43 15.06
C PHE B 419 9.87 0.94 15.54
N ASP B 420 8.63 1.28 15.22
CA ASP B 420 8.07 2.59 15.60
C ASP B 420 7.32 2.52 16.90
N LYS B 421 8.06 2.86 17.97
CA LYS B 421 7.54 2.98 19.33
C LYS B 421 8.76 3.17 20.28
N SER C 1 0.87 -37.78 48.25
CA SER C 1 -0.43 -37.19 47.95
C SER C 1 -1.47 -38.19 47.37
N VAL C 2 -1.56 -39.42 47.92
CA VAL C 2 -2.65 -40.35 47.57
C VAL C 2 -3.38 -40.85 48.82
N THR C 3 -3.79 -39.91 49.67
CA THR C 3 -4.53 -40.20 50.89
C THR C 3 -4.60 -38.93 51.76
N VAL C 4 -5.82 -38.42 51.90
CA VAL C 4 -6.02 -37.12 52.52
C VAL C 4 -6.82 -37.28 53.81
N LYS C 5 -6.61 -36.39 54.78
CA LYS C 5 -7.41 -36.45 56.00
C LYS C 5 -7.73 -35.08 56.57
N ARG C 6 -8.95 -34.93 57.06
CA ARG C 6 -9.34 -33.71 57.77
C ARG C 6 -8.48 -33.53 59.08
N ILE C 7 -7.69 -32.48 59.14
CA ILE C 7 -6.80 -32.37 60.27
C ILE C 7 -7.54 -31.95 61.54
N ILE C 8 -8.88 -31.97 61.55
CA ILE C 8 -9.60 -31.53 62.77
C ILE C 8 -10.22 -32.69 63.50
N ASP C 9 -10.76 -33.63 62.76
CA ASP C 9 -11.37 -34.80 63.37
C ASP C 9 -10.68 -36.05 62.85
N ASN C 10 -9.49 -35.84 62.29
CA ASN C 10 -8.69 -36.89 61.65
C ASN C 10 -9.52 -37.98 60.97
N THR C 11 -10.34 -37.60 59.99
CA THR C 11 -11.06 -38.59 59.18
C THR C 11 -10.61 -38.56 57.72
N VAL C 12 -10.80 -39.68 57.05
CA VAL C 12 -10.41 -39.77 55.65
C VAL C 12 -11.46 -39.11 54.75
N ILE C 13 -10.97 -38.39 53.73
CA ILE C 13 -11.82 -37.88 52.67
C ILE C 13 -11.17 -38.38 51.39
N VAL C 14 -11.99 -38.72 50.40
CA VAL C 14 -11.44 -39.30 49.18
C VAL C 14 -11.72 -38.42 47.96
N PRO C 15 -10.91 -37.37 47.78
CA PRO C 15 -11.02 -36.51 46.61
C PRO C 15 -11.12 -37.30 45.32
N LYS C 16 -12.34 -37.35 44.76
CA LYS C 16 -12.58 -37.92 43.44
C LYS C 16 -13.45 -36.92 42.68
N LEU C 17 -13.49 -37.03 41.36
CA LEU C 17 -14.34 -36.14 40.56
C LEU C 17 -14.76 -36.77 39.22
N PRO C 18 -15.95 -36.41 38.71
CA PRO C 18 -16.62 -37.00 37.55
C PRO C 18 -15.67 -37.41 36.43
N ALA C 19 -15.88 -38.62 35.91
CA ALA C 19 -15.03 -39.16 34.85
C ALA C 19 -15.29 -38.51 33.49
N ASN C 20 -14.20 -38.35 32.72
CA ASN C 20 -14.28 -37.95 31.33
C ASN C 20 -13.75 -39.05 30.45
N GLU C 21 -14.38 -39.27 29.31
CA GLU C 21 -14.08 -40.47 28.53
C GLU C 21 -13.59 -40.15 27.13
N ASP C 22 -14.45 -40.46 26.15
CA ASP C 22 -14.08 -40.53 24.73
C ASP C 22 -12.59 -40.46 24.46
N PRO C 23 -11.95 -41.64 24.43
CA PRO C 23 -10.57 -41.81 23.96
C PRO C 23 -10.47 -41.38 22.51
N VAL C 24 -9.25 -41.25 22.02
CA VAL C 24 -9.05 -40.97 20.61
C VAL C 24 -9.07 -42.28 19.83
N GLU C 25 -8.97 -42.17 18.51
CA GLU C 25 -8.96 -43.32 17.62
C GLU C 25 -8.00 -43.09 16.46
N TYR C 26 -6.91 -43.83 16.42
CA TYR C 26 -5.93 -43.67 15.36
C TYR C 26 -6.37 -44.39 14.10
N PRO C 27 -6.01 -43.86 12.92
CA PRO C 27 -6.29 -44.53 11.66
C PRO C 27 -5.83 -45.99 11.68
N ALA C 28 -4.53 -46.19 11.54
CA ALA C 28 -3.97 -47.53 11.38
C ALA C 28 -4.66 -48.52 12.33
N ASP C 29 -4.67 -48.19 13.61
CA ASP C 29 -5.26 -49.06 14.63
C ASP C 29 -6.75 -49.29 14.38
N TYR C 30 -7.11 -49.40 13.10
CA TYR C 30 -8.50 -49.67 12.73
C TYR C 30 -8.57 -50.53 11.47
N PHE C 31 -7.54 -50.42 10.63
CA PHE C 31 -7.40 -51.30 9.47
C PHE C 31 -6.96 -52.67 9.99
N ARG C 32 -7.10 -52.84 11.30
CA ARG C 32 -6.90 -54.12 11.95
C ARG C 32 -8.27 -54.79 12.00
N LYS C 33 -9.32 -53.98 11.86
CA LYS C 33 -10.68 -54.48 11.62
C LYS C 33 -10.93 -54.72 10.12
N SER C 34 -11.65 -53.82 9.48
CA SER C 34 -11.93 -53.89 8.04
C SER C 34 -10.65 -53.66 7.20
N LYS C 35 -10.71 -53.95 5.91
CA LYS C 35 -9.59 -53.66 5.03
C LYS C 35 -10.07 -52.97 3.75
N GLU C 36 -11.19 -52.27 3.84
CA GLU C 36 -11.73 -51.50 2.72
C GLU C 36 -12.63 -50.39 3.25
N ILE C 37 -12.68 -49.27 2.52
CA ILE C 37 -13.62 -48.19 2.88
C ILE C 37 -14.89 -48.32 2.05
N PRO C 38 -15.99 -48.74 2.69
CA PRO C 38 -17.26 -49.04 2.03
C PRO C 38 -18.05 -47.81 1.62
N LEU C 39 -18.05 -47.45 0.33
CA LEU C 39 -18.87 -46.34 -0.16
C LEU C 39 -20.25 -46.84 -0.62
N TYR C 40 -21.27 -46.69 0.23
CA TYR C 40 -22.62 -47.07 -0.17
C TYR C 40 -23.24 -46.00 -1.04
N ILE C 41 -23.00 -46.07 -2.35
CA ILE C 41 -23.85 -45.35 -3.28
C ILE C 41 -24.91 -46.32 -3.78
N ASN C 42 -26.04 -46.34 -3.10
CA ASN C 42 -27.12 -47.22 -3.50
C ASN C 42 -27.59 -46.80 -4.89
N THR C 43 -28.91 -46.86 -5.10
CA THR C 43 -29.52 -46.34 -6.30
C THR C 43 -28.51 -46.02 -7.39
N THR C 44 -28.25 -47.01 -8.26
CA THR C 44 -27.56 -46.80 -9.53
C THR C 44 -28.61 -46.84 -10.67
N LYS C 45 -29.07 -45.64 -11.07
CA LYS C 45 -30.12 -45.47 -12.07
C LYS C 45 -29.57 -44.93 -13.39
N SER C 46 -29.93 -43.70 -13.73
CA SER C 46 -29.47 -43.16 -15.02
C SER C 46 -28.76 -41.83 -14.86
N LEU C 47 -27.66 -41.63 -15.59
CA LEU C 47 -26.93 -40.37 -15.49
C LEU C 47 -27.74 -39.14 -15.94
N SER C 48 -28.29 -39.21 -17.15
CA SER C 48 -29.10 -38.12 -17.69
C SER C 48 -30.29 -37.88 -16.77
N ASP C 49 -30.82 -38.96 -16.23
CA ASP C 49 -31.93 -38.87 -15.30
C ASP C 49 -31.48 -38.11 -14.06
N LEU C 50 -30.33 -38.52 -13.51
CA LEU C 50 -29.77 -37.93 -12.29
C LEU C 50 -29.40 -36.46 -12.46
N ARG C 51 -28.61 -36.15 -13.49
CA ARG C 51 -28.34 -34.77 -13.86
C ARG C 51 -29.59 -33.88 -13.69
N GLY C 52 -30.74 -34.44 -14.02
CA GLY C 52 -31.99 -33.74 -13.84
C GLY C 52 -32.40 -33.61 -12.38
N TYR C 53 -32.53 -34.74 -11.68
CA TYR C 53 -33.14 -34.73 -10.36
C TYR C 53 -32.58 -33.62 -9.51
N VAL C 54 -31.27 -33.40 -9.67
CA VAL C 54 -30.58 -32.37 -8.90
C VAL C 54 -30.58 -31.00 -9.58
N TYR C 55 -30.27 -30.93 -10.88
CA TYR C 55 -30.26 -29.63 -11.54
C TYR C 55 -31.51 -28.85 -11.12
N GLN C 56 -32.66 -29.52 -11.25
CA GLN C 56 -33.92 -28.95 -10.81
C GLN C 56 -33.95 -29.01 -9.28
N GLY C 57 -33.83 -30.21 -8.72
CA GLY C 57 -33.89 -30.38 -7.27
C GLY C 57 -33.16 -29.29 -6.47
N LEU C 58 -32.07 -28.76 -7.04
CA LEU C 58 -31.32 -27.67 -6.43
C LEU C 58 -32.14 -26.38 -6.38
N LYS C 59 -32.48 -25.86 -7.56
CA LYS C 59 -33.58 -24.91 -7.67
C LYS C 59 -34.81 -25.40 -6.93
N SER C 60 -34.69 -25.50 -5.60
CA SER C 60 -35.85 -25.71 -4.74
C SER C 60 -35.44 -26.31 -3.40
N GLY C 61 -36.16 -25.94 -2.35
CA GLY C 61 -35.64 -26.04 -0.99
C GLY C 61 -35.47 -27.48 -0.54
N ASN C 62 -34.90 -28.31 -1.41
CA ASN C 62 -35.08 -29.75 -1.33
C ASN C 62 -34.35 -30.48 -2.45
N VAL C 63 -33.45 -31.38 -2.07
CA VAL C 63 -32.86 -32.32 -3.03
C VAL C 63 -32.32 -33.46 -2.18
N SER C 64 -32.58 -34.69 -2.58
CA SER C 64 -32.15 -35.81 -1.76
C SER C 64 -30.66 -35.96 -1.84
N ILE C 65 -30.02 -35.90 -0.68
CA ILE C 65 -28.58 -36.15 -0.62
C ILE C 65 -28.27 -37.43 -1.39
N ILE C 66 -29.12 -38.45 -1.24
CA ILE C 66 -28.87 -39.76 -1.85
C ILE C 66 -28.84 -39.67 -3.38
N HIS C 67 -29.39 -38.59 -3.93
CA HIS C 67 -29.34 -38.33 -5.37
C HIS C 67 -27.99 -37.75 -5.79
N VAL C 68 -27.60 -36.66 -5.13
CA VAL C 68 -26.31 -36.02 -5.40
C VAL C 68 -25.13 -37.00 -5.32
N ASN C 69 -25.15 -37.91 -4.35
CA ASN C 69 -24.12 -38.94 -4.25
C ASN C 69 -24.00 -39.75 -5.54
N SER C 70 -25.10 -40.37 -5.94
CA SER C 70 -25.15 -41.14 -7.17
C SER C 70 -24.79 -40.31 -8.41
N TYR C 71 -25.27 -39.07 -8.49
CA TYR C 71 -24.89 -38.18 -9.59
C TYR C 71 -23.38 -38.03 -9.66
N LEU C 72 -22.78 -37.73 -8.50
CA LEU C 72 -21.36 -37.56 -8.41
C LEU C 72 -20.66 -38.84 -8.87
N TYR C 73 -21.05 -39.98 -8.30
CA TYR C 73 -20.52 -41.24 -8.78
C TYR C 73 -20.60 -41.20 -10.31
N GLY C 74 -21.73 -40.71 -10.79
CA GLY C 74 -21.95 -40.56 -12.23
C GLY C 74 -20.83 -39.89 -12.99
N ALA C 75 -20.67 -38.59 -12.79
CA ALA C 75 -19.69 -37.79 -13.55
C ALA C 75 -18.26 -38.25 -13.29
N LEU C 76 -18.04 -38.77 -12.09
CA LEU C 76 -16.70 -39.10 -11.66
C LEU C 76 -16.40 -40.59 -11.78
N LYS C 77 -16.31 -41.09 -13.00
CA LYS C 77 -15.45 -42.25 -13.24
C LYS C 77 -14.56 -41.97 -14.43
N ASP C 78 -14.28 -40.68 -14.61
CA ASP C 78 -13.05 -40.27 -15.24
C ASP C 78 -11.91 -41.07 -14.56
N ILE C 79 -11.75 -42.30 -15.04
CA ILE C 79 -10.71 -43.20 -14.59
C ILE C 79 -9.35 -42.47 -14.67
N ARG C 80 -9.30 -41.41 -15.47
CA ARG C 80 -8.09 -40.63 -15.79
C ARG C 80 -7.10 -40.58 -14.64
N GLY C 81 -6.07 -41.42 -14.71
CA GLY C 81 -5.01 -41.43 -13.71
C GLY C 81 -3.95 -42.51 -13.88
N LYS C 82 -2.79 -42.13 -14.41
CA LYS C 82 -1.68 -43.06 -14.63
C LYS C 82 -0.66 -43.03 -13.49
N LEU C 83 -0.77 -43.99 -12.58
CA LEU C 83 0.08 -44.08 -11.40
C LEU C 83 1.56 -44.24 -11.74
N ASP C 84 2.24 -43.12 -11.93
CA ASP C 84 3.66 -43.12 -12.28
C ASP C 84 4.58 -43.47 -11.10
N LYS C 85 4.10 -44.36 -10.24
CA LYS C 85 4.82 -44.76 -9.04
C LYS C 85 4.25 -46.06 -8.51
N ASP C 86 4.19 -46.16 -7.18
CA ASP C 86 3.43 -47.21 -6.51
C ASP C 86 2.37 -46.55 -5.63
N TRP C 87 1.73 -47.32 -4.75
CA TRP C 87 0.72 -46.74 -3.85
C TRP C 87 0.10 -47.75 -2.87
N SER C 88 0.61 -47.77 -1.64
CA SER C 88 -0.02 -48.54 -0.58
C SER C 88 -0.34 -47.58 0.55
N SER C 89 -0.71 -48.13 1.70
CA SER C 89 -1.09 -47.34 2.87
C SER C 89 -1.88 -48.17 3.86
N PHE C 90 -1.27 -48.51 4.98
CA PHE C 90 -1.94 -49.28 6.02
C PHE C 90 -2.17 -50.74 5.65
N GLY C 91 -1.52 -51.18 4.58
CA GLY C 91 -1.68 -52.55 4.10
C GLY C 91 -2.39 -52.57 2.78
N ILE C 92 -3.36 -51.67 2.63
CA ILE C 92 -4.18 -51.55 1.42
C ILE C 92 -3.40 -51.11 0.18
N ASN C 93 -3.44 -51.92 -0.87
CA ASN C 93 -2.82 -51.55 -2.16
C ASN C 93 -3.80 -50.75 -3.00
N ILE C 94 -3.29 -49.94 -3.92
CA ILE C 94 -4.14 -49.06 -4.72
C ILE C 94 -3.69 -49.02 -6.18
N GLY C 95 -2.51 -49.55 -6.47
CA GLY C 95 -2.00 -49.59 -7.83
C GLY C 95 -0.50 -49.79 -7.89
N LYS C 96 -0.01 -50.21 -9.06
CA LYS C 96 1.44 -50.33 -9.27
C LYS C 96 1.89 -49.43 -10.43
N ALA C 97 3.17 -49.57 -10.82
CA ALA C 97 3.72 -48.76 -11.91
C ALA C 97 2.85 -48.81 -13.17
N GLY C 98 2.65 -47.63 -13.79
CA GLY C 98 1.90 -47.53 -15.03
C GLY C 98 0.40 -47.69 -14.86
N ASP C 99 0.03 -48.66 -14.03
CA ASP C 99 -1.36 -48.92 -13.63
C ASP C 99 -2.29 -47.71 -13.82
N THR C 100 -3.48 -47.96 -14.35
CA THR C 100 -4.52 -46.93 -14.41
C THR C 100 -5.57 -47.16 -13.30
N ILE C 101 -6.09 -46.06 -12.74
CA ILE C 101 -7.03 -46.11 -11.62
C ILE C 101 -7.88 -44.84 -11.54
N GLY C 102 -9.09 -44.99 -11.02
CA GLY C 102 -10.03 -43.89 -10.90
C GLY C 102 -10.29 -43.46 -9.46
N ILE C 103 -11.05 -42.39 -9.31
CA ILE C 103 -11.31 -41.82 -7.99
C ILE C 103 -11.87 -42.87 -7.05
N PHE C 104 -12.56 -43.87 -7.56
CA PHE C 104 -13.29 -44.76 -6.68
C PHE C 104 -12.63 -46.12 -6.48
N ASP C 105 -11.36 -46.23 -6.82
CA ASP C 105 -10.64 -47.45 -6.51
C ASP C 105 -10.40 -47.53 -5.00
N LEU C 106 -11.41 -47.04 -4.29
CA LEU C 106 -11.48 -47.07 -2.82
C LEU C 106 -12.90 -47.54 -2.41
N VAL C 107 -13.31 -48.65 -3.06
CA VAL C 107 -14.23 -49.70 -2.55
C VAL C 107 -15.77 -49.51 -2.54
N SER C 108 -16.39 -49.53 -3.73
CA SER C 108 -17.83 -49.21 -3.89
C SER C 108 -18.85 -50.32 -3.60
N LEU C 109 -19.83 -50.05 -2.73
CA LEU C 109 -20.93 -50.97 -2.45
C LEU C 109 -22.26 -50.27 -2.72
N LYS C 110 -23.37 -50.98 -2.49
CA LYS C 110 -24.71 -50.46 -2.76
C LYS C 110 -25.71 -50.87 -1.66
N ALA C 111 -26.90 -50.24 -1.64
CA ALA C 111 -27.93 -50.62 -0.66
C ALA C 111 -29.38 -50.15 -0.87
N LEU C 112 -29.95 -49.62 0.22
CA LEU C 112 -31.41 -49.52 0.45
C LEU C 112 -32.31 -48.84 -0.63
N ASP C 113 -33.61 -49.12 -0.57
CA ASP C 113 -34.51 -49.04 -1.73
C ASP C 113 -35.34 -47.73 -1.91
N GLY C 114 -35.16 -46.77 -1.02
CA GLY C 114 -35.91 -45.53 -1.12
C GLY C 114 -35.40 -44.58 -2.19
N VAL C 115 -36.26 -44.22 -3.12
CA VAL C 115 -35.92 -43.24 -4.16
C VAL C 115 -37.09 -42.30 -4.38
N LEU C 116 -36.81 -41.05 -4.71
CA LEU C 116 -37.90 -40.05 -4.84
C LEU C 116 -38.50 -39.87 -6.25
N PRO C 117 -37.87 -39.04 -7.14
CA PRO C 117 -38.48 -38.93 -8.48
C PRO C 117 -38.20 -40.11 -9.41
N ASP C 118 -38.86 -40.12 -10.57
CA ASP C 118 -38.75 -41.23 -11.51
C ASP C 118 -38.44 -40.74 -12.93
N GLY C 119 -37.52 -41.44 -13.61
CA GLY C 119 -37.16 -41.10 -14.98
C GLY C 119 -36.80 -39.65 -15.29
N VAL C 120 -37.60 -39.02 -16.16
CA VAL C 120 -37.36 -37.67 -16.68
C VAL C 120 -37.87 -36.54 -15.75
N SER C 121 -36.99 -35.99 -14.90
CA SER C 121 -37.32 -34.83 -14.04
C SER C 121 -37.06 -33.53 -14.79
N ASP C 122 -37.62 -33.44 -16.00
CA ASP C 122 -37.37 -32.36 -16.96
C ASP C 122 -36.08 -32.62 -17.76
N ALA C 123 -36.24 -33.17 -18.97
CA ALA C 123 -35.11 -33.59 -19.79
C ALA C 123 -34.15 -32.45 -20.15
N SER C 124 -34.50 -31.25 -19.70
CA SER C 124 -33.82 -30.01 -20.09
C SER C 124 -32.30 -30.09 -20.24
N ARG C 125 -31.64 -30.68 -19.24
CA ARG C 125 -30.18 -30.59 -19.08
C ARG C 125 -29.30 -31.36 -20.07
N THR C 126 -28.42 -30.62 -20.73
CA THR C 126 -27.42 -31.18 -21.62
C THR C 126 -26.21 -31.71 -20.82
N SER C 127 -25.20 -32.25 -21.53
CA SER C 127 -23.99 -32.77 -20.87
C SER C 127 -23.02 -31.67 -20.41
N ALA C 128 -23.53 -30.45 -20.29
CA ALA C 128 -22.84 -29.43 -19.49
C ALA C 128 -22.88 -30.01 -18.09
N ASP C 129 -21.86 -30.81 -17.78
CA ASP C 129 -21.99 -31.84 -16.76
C ASP C 129 -20.69 -32.04 -15.97
N ASP C 130 -19.95 -33.10 -16.35
CA ASP C 130 -18.64 -33.43 -15.76
C ASP C 130 -17.67 -32.25 -15.86
N LYS C 131 -18.23 -31.07 -16.08
CA LYS C 131 -17.46 -29.87 -16.32
C LYS C 131 -17.56 -28.99 -15.10
N TRP C 132 -18.76 -28.88 -14.54
CA TRP C 132 -18.96 -27.90 -13.49
C TRP C 132 -19.92 -28.31 -12.37
N LEU C 133 -20.95 -29.07 -12.69
CA LEU C 133 -21.91 -29.50 -11.66
C LEU C 133 -21.26 -30.34 -10.53
N PRO C 134 -20.33 -31.26 -10.88
CA PRO C 134 -19.70 -31.96 -9.77
C PRO C 134 -18.96 -30.98 -8.86
N LEU C 135 -18.23 -30.05 -9.45
CA LEU C 135 -17.48 -29.06 -8.70
C LEU C 135 -18.39 -28.32 -7.71
N TYR C 136 -19.48 -27.78 -8.24
CA TYR C 136 -20.44 -27.06 -7.42
C TYR C 136 -20.79 -27.91 -6.19
N LEU C 137 -21.37 -29.07 -6.47
CA LEU C 137 -21.80 -30.02 -5.45
C LEU C 137 -20.74 -30.29 -4.40
N LEU C 138 -19.51 -30.43 -4.84
CA LEU C 138 -18.42 -30.55 -3.90
C LEU C 138 -18.16 -29.21 -3.20
N GLY C 139 -18.02 -28.15 -4.00
CA GLY C 139 -17.79 -26.83 -3.46
C GLY C 139 -18.67 -26.50 -2.27
N LEU C 140 -19.91 -26.97 -2.33
CA LEU C 140 -20.88 -26.67 -1.28
C LEU C 140 -20.47 -27.23 0.09
N TYR C 141 -19.78 -28.38 0.05
CA TYR C 141 -19.29 -28.99 1.28
C TYR C 141 -18.44 -28.00 2.07
N ARG C 142 -17.60 -27.26 1.36
CA ARG C 142 -16.78 -26.23 1.97
C ARG C 142 -17.64 -25.15 2.62
N VAL C 143 -18.58 -24.61 1.84
CA VAL C 143 -19.42 -23.54 2.35
C VAL C 143 -20.30 -24.02 3.52
N GLY C 144 -20.54 -25.32 3.57
CA GLY C 144 -21.35 -25.91 4.62
C GLY C 144 -20.77 -25.77 6.02
N ARG C 145 -19.45 -25.92 6.14
CA ARG C 145 -18.72 -25.92 7.41
C ARG C 145 -18.64 -24.54 8.10
N THR C 146 -18.79 -23.48 7.30
CA THR C 146 -18.52 -22.10 7.73
C THR C 146 -19.49 -21.49 8.78
N GLN C 147 -19.11 -20.32 9.30
CA GLN C 147 -19.85 -19.64 10.37
C GLN C 147 -20.29 -18.17 10.07
N MET C 148 -19.36 -17.35 9.58
CA MET C 148 -19.53 -15.89 9.48
C MET C 148 -19.59 -15.43 8.00
N PRO C 149 -19.84 -14.11 7.73
CA PRO C 149 -19.85 -13.52 6.37
C PRO C 149 -18.70 -13.99 5.48
N GLU C 150 -17.96 -14.97 5.99
CA GLU C 150 -17.02 -15.76 5.22
C GLU C 150 -17.81 -16.77 4.41
N TYR C 151 -19.03 -17.07 4.84
CA TYR C 151 -19.94 -17.90 4.05
C TYR C 151 -20.18 -17.27 2.68
N ARG C 152 -20.71 -16.05 2.70
CA ARG C 152 -21.05 -15.33 1.47
C ARG C 152 -19.77 -14.88 0.76
N LYS C 153 -18.66 -14.98 1.47
CA LYS C 153 -17.34 -14.79 0.85
C LYS C 153 -16.93 -16.11 0.18
N LYS C 154 -16.98 -17.19 0.96
CA LYS C 154 -16.59 -18.52 0.50
C LYS C 154 -17.38 -18.90 -0.75
N LEU C 155 -18.66 -18.48 -0.80
CA LEU C 155 -19.54 -18.78 -1.92
C LEU C 155 -19.25 -17.85 -3.12
N MET C 156 -19.38 -16.55 -2.90
CA MET C 156 -19.20 -15.55 -3.96
C MET C 156 -17.96 -15.87 -4.81
N ASP C 157 -16.91 -16.31 -4.13
CA ASP C 157 -15.68 -16.69 -4.82
C ASP C 157 -15.84 -18.09 -5.41
N GLY C 158 -16.40 -19.00 -4.62
CA GLY C 158 -16.62 -20.36 -5.04
C GLY C 158 -17.79 -20.49 -6.00
N LEU C 159 -18.12 -19.38 -6.65
CA LEU C 159 -19.12 -19.35 -7.71
C LEU C 159 -18.56 -18.76 -9.01
N THR C 160 -17.49 -17.96 -8.89
CA THR C 160 -16.76 -17.50 -10.07
C THR C 160 -15.80 -18.62 -10.54
N ASN C 161 -15.89 -19.75 -9.84
CA ASN C 161 -15.07 -20.90 -10.14
C ASN C 161 -15.66 -21.84 -11.20
N GLN C 162 -16.98 -21.85 -11.31
CA GLN C 162 -17.65 -22.64 -12.35
C GLN C 162 -17.80 -21.76 -13.60
N CYS C 163 -17.92 -20.46 -13.37
CA CYS C 163 -17.89 -19.47 -14.45
C CYS C 163 -16.69 -19.73 -15.38
N LYS C 164 -15.69 -20.42 -14.85
CA LYS C 164 -14.47 -20.68 -15.60
C LYS C 164 -14.67 -21.78 -16.62
N MET C 165 -14.68 -21.41 -17.90
CA MET C 165 -14.74 -22.38 -18.98
C MET C 165 -16.18 -22.64 -19.41
N ILE C 166 -17.12 -22.18 -18.60
CA ILE C 166 -18.47 -22.76 -18.59
C ILE C 166 -19.50 -21.74 -18.09
N ASN C 167 -19.01 -20.56 -17.68
CA ASN C 167 -19.86 -19.39 -17.57
C ASN C 167 -21.34 -19.74 -17.43
N GLU C 168 -21.73 -20.14 -16.23
CA GLU C 168 -23.16 -20.27 -15.89
C GLU C 168 -23.43 -20.17 -14.37
N GLN C 169 -24.36 -19.29 -13.98
CA GLN C 169 -24.43 -18.75 -12.63
C GLN C 169 -24.70 -19.64 -11.38
N PHE C 170 -25.61 -19.10 -10.55
CA PHE C 170 -26.01 -19.52 -9.20
C PHE C 170 -27.06 -20.66 -9.20
N GLU C 171 -27.72 -20.92 -8.07
CA GLU C 171 -28.66 -22.05 -7.97
C GLU C 171 -29.64 -22.17 -6.78
N PRO C 172 -29.14 -22.40 -5.55
CA PRO C 172 -30.13 -22.40 -4.46
C PRO C 172 -30.72 -21.01 -4.22
N LEU C 173 -30.89 -20.62 -2.96
CA LEU C 173 -31.71 -19.44 -2.68
C LEU C 173 -31.51 -18.86 -1.28
N VAL C 174 -31.92 -19.61 -0.28
CA VAL C 174 -31.77 -19.25 1.13
C VAL C 174 -30.30 -19.19 1.53
N PRO C 175 -29.79 -17.97 1.85
CA PRO C 175 -28.37 -17.74 2.20
C PRO C 175 -27.72 -18.88 2.99
N GLU C 176 -27.91 -18.88 4.30
CA GLU C 176 -27.45 -20.01 5.12
C GLU C 176 -28.07 -20.06 6.53
N GLY C 177 -27.20 -20.16 7.54
CA GLY C 177 -27.56 -20.36 8.93
C GLY C 177 -27.02 -21.69 9.44
N ARG C 178 -26.26 -22.39 8.59
CA ARG C 178 -25.90 -23.78 8.83
C ARG C 178 -27.19 -24.62 8.74
N ASP C 179 -27.82 -24.62 7.56
CA ASP C 179 -29.06 -25.38 7.36
C ASP C 179 -29.36 -26.00 6.01
N ILE C 180 -29.25 -25.24 4.93
CA ILE C 180 -29.85 -25.63 3.64
C ILE C 180 -29.38 -26.97 3.02
N PHE C 181 -28.12 -26.95 2.57
CA PHE C 181 -27.37 -28.09 2.04
C PHE C 181 -26.28 -28.35 3.06
N ASP C 182 -26.38 -27.68 4.19
CA ASP C 182 -25.38 -27.79 5.24
C ASP C 182 -25.57 -29.11 5.96
N VAL C 183 -26.52 -29.91 5.49
CA VAL C 183 -26.76 -31.20 6.11
C VAL C 183 -25.77 -32.20 5.53
N TRP C 184 -25.45 -32.00 4.26
CA TRP C 184 -24.61 -32.92 3.48
C TRP C 184 -23.41 -33.46 4.25
N GLY C 185 -22.80 -32.58 5.05
CA GLY C 185 -21.67 -32.95 5.87
C GLY C 185 -22.02 -34.14 6.75
N ASN C 186 -23.21 -34.16 7.31
CA ASN C 186 -23.61 -35.29 8.15
C ASN C 186 -23.90 -36.62 7.37
N ASP C 187 -23.72 -36.60 6.06
CA ASP C 187 -23.98 -37.81 5.28
C ASP C 187 -22.73 -38.66 5.03
N SER C 188 -22.63 -39.76 5.78
CA SER C 188 -21.47 -40.65 5.75
C SER C 188 -20.91 -40.97 4.35
N ASN C 189 -21.81 -41.18 3.40
CA ASN C 189 -21.43 -41.64 2.07
C ASN C 189 -20.99 -40.49 1.19
N TYR C 190 -21.39 -39.28 1.60
CA TYR C 190 -21.04 -38.03 0.91
C TYR C 190 -19.62 -37.60 1.26
N THR C 191 -19.36 -37.44 2.56
CA THR C 191 -18.02 -37.13 3.00
C THR C 191 -17.08 -38.12 2.27
N LYS C 192 -17.38 -39.41 2.42
CA LYS C 192 -16.57 -40.47 1.84
C LYS C 192 -16.21 -40.16 0.39
N ILE C 193 -17.02 -39.33 -0.26
CA ILE C 193 -16.74 -38.99 -1.66
C ILE C 193 -15.76 -37.83 -1.74
N VAL C 194 -16.02 -36.76 -0.98
CA VAL C 194 -15.17 -35.57 -1.07
C VAL C 194 -13.77 -36.00 -0.72
N ALA C 195 -13.66 -36.93 0.22
CA ALA C 195 -12.37 -37.40 0.63
C ALA C 195 -11.65 -38.15 -0.50
N ALA C 196 -12.36 -39.00 -1.24
CA ALA C 196 -11.75 -39.70 -2.37
C ALA C 196 -11.32 -38.73 -3.48
N VAL C 197 -12.15 -37.75 -3.80
CA VAL C 197 -11.78 -36.74 -4.80
C VAL C 197 -10.47 -36.03 -4.37
N ASP C 198 -10.51 -35.37 -3.22
CA ASP C 198 -9.33 -34.67 -2.71
C ASP C 198 -8.09 -35.56 -2.73
N MET C 199 -8.19 -36.76 -2.15
CA MET C 199 -7.07 -37.68 -2.04
C MET C 199 -6.57 -38.14 -3.40
N PHE C 200 -7.48 -38.23 -4.36
CA PHE C 200 -7.16 -38.57 -5.73
C PHE C 200 -6.41 -37.44 -6.42
N PHE C 201 -7.02 -36.25 -6.41
CA PHE C 201 -6.40 -35.08 -7.00
C PHE C 201 -5.27 -34.48 -6.16
N HIS C 202 -4.96 -35.12 -5.03
CA HIS C 202 -3.72 -34.82 -4.36
C HIS C 202 -2.64 -35.63 -5.05
N MET C 203 -2.94 -36.87 -5.39
CA MET C 203 -1.97 -37.74 -6.06
C MET C 203 -1.68 -37.29 -7.48
N PHE C 204 -2.71 -36.86 -8.19
CA PHE C 204 -2.55 -36.38 -9.55
C PHE C 204 -2.80 -34.88 -9.56
N LYS C 205 -2.00 -34.17 -8.75
CA LYS C 205 -2.12 -32.72 -8.60
C LYS C 205 -2.31 -32.03 -9.95
N LYS C 206 -1.89 -32.68 -11.04
CA LYS C 206 -1.86 -32.04 -12.35
C LYS C 206 -3.17 -32.09 -13.14
N HIS C 207 -3.80 -33.27 -13.14
CA HIS C 207 -5.00 -33.59 -13.92
C HIS C 207 -5.98 -32.44 -14.27
N GLU C 208 -6.53 -32.46 -15.47
CA GLU C 208 -7.37 -31.38 -15.96
C GLU C 208 -8.53 -31.10 -14.99
N CYS C 209 -9.06 -32.16 -14.38
CA CYS C 209 -10.20 -32.04 -13.49
C CYS C 209 -9.81 -31.73 -12.04
N ALA C 210 -8.51 -31.81 -11.76
CA ALA C 210 -8.03 -31.61 -10.39
C ALA C 210 -8.46 -30.27 -9.74
N SER C 211 -9.14 -29.43 -10.51
CA SER C 211 -9.64 -28.16 -9.97
C SER C 211 -10.80 -28.43 -9.04
N PHE C 212 -11.24 -29.68 -9.05
CA PHE C 212 -12.42 -30.14 -8.30
C PHE C 212 -12.21 -30.06 -6.79
N ARG C 213 -10.99 -29.73 -6.40
CA ARG C 213 -10.66 -29.71 -4.99
C ARG C 213 -11.16 -28.44 -4.31
N TYR C 214 -11.71 -27.50 -5.09
CA TYR C 214 -11.97 -26.18 -4.53
C TYR C 214 -12.65 -26.24 -3.17
N GLY C 215 -13.57 -27.18 -3.00
CA GLY C 215 -14.26 -27.30 -1.73
C GLY C 215 -13.99 -28.63 -1.09
N THR C 216 -13.13 -29.43 -1.72
CA THR C 216 -12.83 -30.75 -1.23
C THR C 216 -11.54 -30.73 -0.41
N ILE C 217 -10.86 -29.59 -0.44
CA ILE C 217 -9.56 -29.46 0.20
C ILE C 217 -9.64 -29.32 1.72
N VAL C 218 -10.71 -28.70 2.23
CA VAL C 218 -10.84 -28.52 3.67
C VAL C 218 -11.20 -29.84 4.33
N SER C 219 -10.95 -30.94 3.62
CA SER C 219 -11.10 -32.28 4.18
C SER C 219 -9.78 -32.93 4.62
N ARG C 220 -8.70 -32.52 3.95
CA ARG C 220 -7.38 -33.02 4.28
C ARG C 220 -6.90 -32.40 5.60
N PHE C 221 -6.67 -33.27 6.59
CA PHE C 221 -6.30 -32.85 7.93
C PHE C 221 -7.41 -32.06 8.59
N LYS C 222 -8.64 -32.48 8.32
CA LYS C 222 -9.77 -31.96 9.03
C LYS C 222 -9.66 -32.51 10.45
N ASP C 223 -9.74 -31.63 11.43
CA ASP C 223 -9.67 -32.06 12.83
C ASP C 223 -8.22 -32.46 13.24
N CYS C 224 -7.25 -31.81 12.63
CA CYS C 224 -5.84 -32.08 12.88
C CYS C 224 -5.10 -30.79 13.16
N ALA C 225 -5.73 -29.95 13.98
CA ALA C 225 -5.26 -28.59 14.24
C ALA C 225 -3.91 -28.60 14.86
N ALA C 226 -3.82 -29.16 16.07
CA ALA C 226 -2.55 -29.19 16.82
C ALA C 226 -1.42 -29.73 15.95
N LEU C 227 -1.66 -30.89 15.38
CA LEU C 227 -0.71 -31.51 14.46
C LEU C 227 -0.16 -30.55 13.41
N ALA C 228 -0.82 -29.43 13.22
CA ALA C 228 -0.42 -28.54 12.14
C ALA C 228 0.05 -27.24 12.74
N THR C 229 -0.35 -26.99 13.98
CA THR C 229 0.13 -25.80 14.68
C THR C 229 1.52 -26.16 15.17
N PHE C 230 1.97 -27.37 14.86
CA PHE C 230 3.25 -27.86 15.31
C PHE C 230 4.26 -27.66 14.20
N GLY C 231 3.86 -27.96 12.98
CA GLY C 231 4.75 -27.75 11.84
C GLY C 231 4.91 -26.27 11.66
N HIS C 232 4.03 -25.54 12.34
CA HIS C 232 4.00 -24.09 12.19
C HIS C 232 5.01 -23.53 13.17
N LEU C 233 4.90 -23.97 14.41
CA LEU C 233 5.83 -23.58 15.48
C LEU C 233 7.26 -23.87 15.03
N CYS C 234 7.45 -24.89 14.20
CA CYS C 234 8.76 -25.23 13.67
C CYS C 234 9.22 -24.24 12.62
N LYS C 235 8.32 -23.94 11.69
CA LYS C 235 8.69 -23.12 10.54
C LYS C 235 9.02 -21.73 11.02
N ILE C 236 8.39 -21.36 12.12
CA ILE C 236 8.40 -19.97 12.59
C ILE C 236 9.54 -19.68 13.55
N THR C 237 10.17 -20.73 14.09
CA THR C 237 11.38 -20.63 14.93
C THR C 237 12.60 -21.23 14.22
N GLY C 238 12.43 -21.64 12.97
CA GLY C 238 13.53 -22.21 12.21
C GLY C 238 14.13 -23.45 12.85
N MET C 239 13.67 -23.76 14.07
CA MET C 239 14.18 -24.91 14.79
C MET C 239 13.80 -26.27 14.22
N SER C 240 14.68 -27.25 14.42
CA SER C 240 14.44 -28.59 13.95
C SER C 240 13.21 -29.14 14.64
N THR C 241 12.65 -30.18 14.04
CA THR C 241 11.51 -30.84 14.64
C THR C 241 11.90 -31.46 15.98
N GLU C 242 13.09 -32.05 16.02
CA GLU C 242 13.57 -32.67 17.25
C GLU C 242 13.89 -31.64 18.34
N ASP C 243 14.49 -30.51 17.97
CA ASP C 243 14.87 -29.45 18.93
C ASP C 243 13.62 -28.82 19.56
N VAL C 244 12.65 -28.50 18.72
CA VAL C 244 11.42 -27.92 19.22
C VAL C 244 10.81 -28.80 20.28
N THR C 245 10.77 -30.10 20.01
CA THR C 245 10.21 -31.09 20.93
C THR C 245 10.82 -30.94 22.32
N THR C 246 12.12 -30.66 22.38
CA THR C 246 12.81 -30.59 23.66
C THR C 246 12.40 -29.35 24.45
N TRP C 247 11.96 -28.32 23.74
CA TRP C 247 11.48 -27.08 24.35
C TRP C 247 10.11 -27.15 25.01
N ILE C 248 9.48 -28.32 24.97
CA ILE C 248 8.28 -28.62 25.74
C ILE C 248 8.60 -28.68 27.23
N LEU C 249 7.85 -27.91 28.02
CA LEU C 249 8.23 -27.73 29.41
C LEU C 249 7.10 -27.99 30.40
N ASN C 250 5.98 -28.55 29.92
CA ASN C 250 4.86 -28.88 30.80
C ASN C 250 4.39 -30.30 30.62
N ARG C 251 4.19 -31.02 31.72
CA ARG C 251 3.79 -32.44 31.66
C ARG C 251 2.75 -32.72 30.56
N GLU C 252 1.54 -32.24 30.78
CA GLU C 252 0.43 -32.52 29.89
C GLU C 252 0.58 -31.91 28.51
N VAL C 253 1.63 -31.15 28.26
CA VAL C 253 1.97 -30.83 26.88
C VAL C 253 2.80 -31.94 26.27
N ALA C 254 3.80 -32.42 27.01
CA ALA C 254 4.49 -33.62 26.62
C ALA C 254 3.46 -34.73 26.37
N ASP C 255 2.64 -35.04 27.37
CA ASP C 255 1.60 -36.05 27.23
C ASP C 255 1.00 -36.00 25.86
N GLU C 256 0.52 -34.83 25.45
CA GLU C 256 -0.16 -34.66 24.17
C GLU C 256 0.75 -34.73 22.98
N MET C 257 1.96 -34.20 23.11
CA MET C 257 2.92 -34.31 22.03
C MET C 257 3.18 -35.78 21.74
N VAL C 258 3.28 -36.57 22.81
CA VAL C 258 3.42 -38.03 22.69
C VAL C 258 2.25 -38.56 21.88
N GLN C 259 1.06 -38.46 22.45
CA GLN C 259 -0.19 -38.82 21.76
C GLN C 259 -0.14 -38.58 20.25
N MET C 260 0.19 -37.37 19.84
CA MET C 260 0.23 -37.05 18.42
C MET C 260 1.28 -37.79 17.63
N MET C 261 2.39 -38.14 18.26
CA MET C 261 3.53 -38.68 17.52
C MET C 261 3.57 -40.22 17.45
N LEU C 262 2.52 -40.85 17.97
CA LEU C 262 2.42 -42.30 18.02
C LEU C 262 2.78 -42.90 16.68
N PRO C 263 3.79 -43.78 16.69
CA PRO C 263 4.40 -44.32 15.47
C PRO C 263 3.44 -45.21 14.67
N GLY C 264 3.71 -45.31 13.37
CA GLY C 264 2.91 -46.15 12.49
C GLY C 264 1.52 -45.61 12.27
N GLN C 265 1.42 -44.43 11.68
CA GLN C 265 0.13 -43.84 11.44
C GLN C 265 0.19 -43.03 10.17
N GLU C 266 1.28 -43.18 9.43
CA GLU C 266 1.43 -42.59 8.10
C GLU C 266 1.37 -41.07 8.06
N ILE C 267 1.52 -40.40 9.20
CA ILE C 267 1.36 -38.93 9.24
C ILE C 267 2.41 -38.20 8.40
N ASP C 268 3.65 -38.64 8.52
CA ASP C 268 4.77 -38.11 7.73
C ASP C 268 4.75 -38.60 6.28
N LYS C 269 3.80 -39.49 5.97
CA LYS C 269 3.74 -40.16 4.67
C LYS C 269 3.24 -39.24 3.55
N ALA C 270 3.65 -39.57 2.32
CA ALA C 270 3.31 -38.82 1.11
C ALA C 270 1.80 -38.66 0.91
N ASP C 271 1.18 -39.67 0.27
CA ASP C 271 -0.26 -39.72 0.05
C ASP C 271 -0.81 -40.91 0.80
N SER C 272 -1.62 -40.64 1.82
CA SER C 272 -2.09 -41.68 2.69
C SER C 272 -3.50 -41.35 3.09
N TYR C 273 -4.17 -42.31 3.71
CA TYR C 273 -5.52 -42.10 4.22
C TYR C 273 -5.52 -41.28 5.50
N MET C 274 -4.36 -41.17 6.15
CA MET C 274 -4.29 -40.51 7.45
C MET C 274 -4.98 -39.13 7.52
N PRO C 275 -4.71 -38.25 6.54
CA PRO C 275 -5.30 -36.92 6.55
C PRO C 275 -6.83 -36.91 6.56
N TYR C 276 -7.42 -37.90 5.89
CA TYR C 276 -8.87 -37.98 5.79
C TYR C 276 -9.40 -38.97 6.79
N LEU C 277 -8.64 -39.22 7.85
CA LEU C 277 -9.06 -40.16 8.87
C LEU C 277 -10.48 -39.87 9.33
N ILE C 278 -10.90 -38.61 9.23
CA ILE C 278 -12.18 -38.20 9.78
C ILE C 278 -13.31 -38.40 8.76
N ASP C 279 -13.07 -37.99 7.51
CA ASP C 279 -14.11 -38.03 6.47
C ASP C 279 -14.29 -39.36 5.75
N PHE C 280 -13.30 -40.24 5.81
CA PHE C 280 -13.51 -41.63 5.40
C PHE C 280 -14.05 -42.43 6.58
N GLY C 281 -14.29 -41.76 7.70
CA GLY C 281 -14.79 -42.40 8.90
C GLY C 281 -13.87 -43.46 9.51
N LEU C 282 -12.56 -43.27 9.40
CA LEU C 282 -11.61 -44.14 10.07
C LEU C 282 -11.58 -43.85 11.58
N SER C 283 -11.91 -42.61 11.94
CA SER C 283 -11.81 -42.16 13.31
C SER C 283 -12.99 -41.30 13.70
N SER C 284 -13.55 -41.55 14.87
CA SER C 284 -14.69 -40.77 15.33
C SER C 284 -14.25 -39.70 16.32
N LYS C 285 -12.97 -39.71 16.66
CA LYS C 285 -12.38 -38.73 17.57
C LYS C 285 -10.90 -38.61 17.26
N SER C 286 -10.53 -37.55 16.55
CA SER C 286 -9.17 -37.39 16.06
C SER C 286 -8.20 -37.19 17.21
N PRO C 287 -7.04 -37.84 17.14
CA PRO C 287 -6.01 -37.60 18.16
C PRO C 287 -5.10 -36.38 17.83
N TYR C 288 -5.39 -35.70 16.72
CA TYR C 288 -4.58 -34.56 16.29
C TYR C 288 -5.30 -33.23 16.45
N SER C 289 -6.54 -33.31 16.96
CA SER C 289 -7.40 -32.15 17.13
C SER C 289 -6.83 -31.20 18.15
N SER C 290 -7.28 -29.95 18.13
CA SER C 290 -6.85 -28.97 19.12
C SER C 290 -7.67 -29.11 20.39
N VAL C 291 -8.59 -30.05 20.39
CA VAL C 291 -9.52 -30.19 21.50
C VAL C 291 -9.03 -31.31 22.36
N LYS C 292 -8.19 -32.16 21.75
CA LYS C 292 -7.53 -33.26 22.45
C LYS C 292 -6.08 -32.89 22.74
N ASN C 293 -5.65 -31.74 22.22
CA ASN C 293 -4.31 -31.22 22.45
C ASN C 293 -4.35 -29.75 22.87
N PRO C 294 -5.17 -29.43 23.87
CA PRO C 294 -5.41 -28.04 24.30
C PRO C 294 -4.13 -27.35 24.73
N ALA C 295 -3.45 -27.96 25.69
CA ALA C 295 -2.18 -27.44 26.18
C ALA C 295 -1.22 -27.27 25.02
N PHE C 296 -0.97 -28.34 24.28
CA PHE C 296 -0.09 -28.17 23.15
C PHE C 296 -0.52 -27.00 22.30
N HIS C 297 -1.77 -27.01 21.86
CA HIS C 297 -2.27 -25.97 20.99
C HIS C 297 -2.05 -24.56 21.56
N PHE C 298 -2.44 -24.36 22.80
CA PHE C 298 -2.29 -23.05 23.40
C PHE C 298 -0.82 -22.63 23.43
N TRP C 299 0.04 -23.52 23.91
CA TRP C 299 1.47 -23.23 24.09
C TRP C 299 2.06 -22.89 22.74
N GLY C 300 1.96 -23.81 21.81
CA GLY C 300 2.59 -23.59 20.52
C GLY C 300 2.14 -22.30 19.88
N GLN C 301 0.85 -22.00 20.02
CA GLN C 301 0.26 -20.86 19.34
C GLN C 301 0.69 -19.57 20.02
N LEU C 302 0.61 -19.55 21.34
CA LEU C 302 1.06 -18.39 22.09
C LEU C 302 2.50 -18.07 21.74
N THR C 303 3.30 -19.11 21.63
CA THR C 303 4.69 -18.92 21.32
C THR C 303 4.79 -18.30 19.94
N ALA C 304 4.21 -18.98 18.97
CA ALA C 304 4.33 -18.52 17.61
C ALA C 304 3.94 -17.04 17.55
N LEU C 305 2.95 -16.66 18.34
CA LEU C 305 2.46 -15.27 18.36
C LEU C 305 3.52 -14.25 18.82
N LEU C 306 4.09 -14.50 19.99
CA LEU C 306 5.21 -13.68 20.47
C LEU C 306 6.33 -13.59 19.43
N LEU C 307 6.41 -14.61 18.56
CA LEU C 307 7.45 -14.68 17.54
C LEU C 307 7.05 -14.05 16.22
N ARG C 308 5.95 -13.29 16.25
CA ARG C 308 5.50 -12.45 15.15
C ARG C 308 4.59 -13.18 14.14
N SER C 309 4.03 -14.32 14.55
CA SER C 309 3.12 -15.07 13.68
C SER C 309 1.90 -14.27 13.28
N THR C 310 1.62 -14.21 11.99
CA THR C 310 0.34 -13.63 11.55
C THR C 310 -0.85 -14.56 11.88
N ARG C 311 -0.83 -15.76 11.29
CA ARG C 311 -1.80 -16.83 11.57
C ARG C 311 -2.27 -16.90 13.05
N ALA C 312 -1.33 -16.93 13.98
CA ALA C 312 -1.67 -17.26 15.35
C ALA C 312 -2.46 -16.16 16.05
N ARG C 313 -2.41 -14.97 15.49
CA ARG C 313 -3.16 -13.83 16.02
C ARG C 313 -4.59 -14.24 16.39
N ASN C 314 -5.14 -15.19 15.63
CA ASN C 314 -6.57 -15.56 15.66
C ASN C 314 -6.89 -16.98 16.12
N ALA C 315 -5.90 -17.70 16.63
CA ALA C 315 -6.14 -19.03 17.14
C ALA C 315 -7.01 -18.89 18.36
N ARG C 316 -7.76 -19.93 18.68
CA ARG C 316 -8.65 -19.88 19.82
C ARG C 316 -7.96 -20.34 21.11
N GLN C 317 -8.28 -19.65 22.18
CA GLN C 317 -7.82 -20.02 23.49
C GLN C 317 -8.70 -21.14 24.03
N PRO C 318 -8.13 -22.35 24.14
CA PRO C 318 -8.86 -23.48 24.72
C PRO C 318 -9.22 -23.20 26.16
N ASP C 319 -10.15 -23.96 26.72
CA ASP C 319 -10.58 -23.77 28.11
C ASP C 319 -10.04 -24.91 28.94
N ASP C 320 -9.98 -24.71 30.26
CA ASP C 320 -9.53 -25.75 31.21
C ASP C 320 -8.13 -26.28 30.92
N ILE C 321 -7.22 -25.40 30.53
CA ILE C 321 -5.79 -25.70 30.52
C ILE C 321 -5.03 -24.85 31.58
N GLU C 322 -3.83 -25.26 31.96
CA GLU C 322 -3.15 -24.48 32.97
C GLU C 322 -2.45 -23.24 32.39
N TYR C 323 -3.13 -22.11 32.38
CA TYR C 323 -2.64 -20.92 31.66
C TYR C 323 -1.31 -20.33 32.12
N THR C 324 -1.13 -20.08 33.42
CA THR C 324 0.09 -19.45 33.90
C THR C 324 1.22 -20.43 34.12
N SER C 325 1.49 -21.21 33.10
CA SER C 325 2.62 -22.09 33.09
C SER C 325 2.84 -22.32 31.63
N LEU C 326 1.74 -22.55 30.91
CA LEU C 326 1.80 -22.65 29.49
C LEU C 326 2.36 -21.34 28.97
N THR C 327 1.79 -20.23 29.43
CA THR C 327 2.29 -18.90 29.08
C THR C 327 3.75 -18.70 29.50
N THR C 328 4.04 -18.88 30.77
CA THR C 328 5.40 -18.69 31.24
C THR C 328 6.40 -19.49 30.40
N ALA C 329 5.99 -20.68 29.95
CA ALA C 329 6.81 -21.58 29.16
C ALA C 329 6.91 -21.10 27.72
N GLY C 330 5.86 -20.44 27.28
CA GLY C 330 5.82 -19.92 25.93
C GLY C 330 6.65 -18.67 25.86
N LEU C 331 6.57 -17.85 26.90
CA LEU C 331 7.38 -16.62 26.99
C LEU C 331 8.86 -16.93 26.90
N LEU C 332 9.33 -17.87 27.73
CA LEU C 332 10.72 -18.27 27.72
C LEU C 332 11.15 -18.70 26.33
N TYR C 333 10.50 -19.74 25.82
CA TYR C 333 10.86 -20.29 24.53
C TYR C 333 10.94 -19.17 23.52
N ALA C 334 9.95 -18.31 23.54
CA ALA C 334 9.87 -17.23 22.57
C ALA C 334 11.01 -16.24 22.79
N TYR C 335 11.19 -15.80 24.03
CA TYR C 335 12.27 -14.88 24.37
C TYR C 335 13.65 -15.42 24.01
N ALA C 336 13.82 -16.73 24.10
CA ALA C 336 15.09 -17.34 23.74
C ALA C 336 15.30 -17.14 22.24
N VAL C 337 14.48 -17.82 21.45
CA VAL C 337 14.53 -17.68 20.00
C VAL C 337 14.62 -16.22 19.58
N GLY C 338 13.95 -15.38 20.35
CA GLY C 338 13.70 -14.02 19.92
C GLY C 338 14.89 -13.13 20.02
N SER C 339 15.62 -13.26 21.13
CA SER C 339 16.72 -12.38 21.50
C SER C 339 18.05 -12.85 20.88
N SER C 340 18.26 -14.16 20.79
CA SER C 340 19.45 -14.67 20.13
C SER C 340 19.15 -15.21 18.74
N ALA C 341 19.33 -14.38 17.72
CA ALA C 341 19.06 -14.75 16.33
C ALA C 341 20.03 -15.84 15.85
N ASP C 342 19.69 -16.50 14.75
CA ASP C 342 20.59 -17.46 14.13
C ASP C 342 21.90 -16.81 13.71
N LEU C 343 21.90 -16.21 12.53
CA LEU C 343 22.98 -15.29 12.15
C LEU C 343 24.31 -16.02 11.98
N ALA C 344 24.81 -16.04 10.75
CA ALA C 344 25.99 -16.84 10.42
C ALA C 344 26.30 -16.78 8.93
N GLN C 345 27.45 -16.22 8.59
CA GLN C 345 27.80 -15.97 7.21
C GLN C 345 27.52 -17.21 6.37
N GLN C 346 27.05 -17.04 5.14
CA GLN C 346 26.69 -18.19 4.31
C GLN C 346 27.54 -18.34 3.05
N PHE C 347 27.82 -17.21 2.39
CA PHE C 347 28.66 -17.18 1.18
C PHE C 347 29.86 -16.25 1.41
N CYS C 348 30.89 -16.35 0.56
CA CYS C 348 32.12 -15.57 0.76
C CYS C 348 33.02 -15.45 -0.47
N VAL C 349 34.26 -15.00 -0.23
CA VAL C 349 35.34 -14.99 -1.23
C VAL C 349 36.76 -15.31 -0.66
N GLY C 350 36.92 -16.50 -0.08
CA GLY C 350 38.15 -16.86 0.61
C GLY C 350 38.25 -16.25 2.00
N ASP C 351 37.47 -15.19 2.24
CA ASP C 351 37.45 -14.42 3.50
C ASP C 351 36.15 -14.60 4.27
N ASN C 352 36.20 -15.27 5.42
CA ASN C 352 34.98 -15.58 6.16
C ASN C 352 35.08 -15.52 7.69
N LYS C 353 34.01 -15.10 8.37
CA LYS C 353 34.08 -14.89 9.82
C LYS C 353 34.18 -16.17 10.65
N TYR C 354 35.38 -16.39 11.22
CA TYR C 354 35.61 -17.40 12.25
C TYR C 354 34.92 -16.92 13.51
N THR C 355 33.74 -17.45 13.76
CA THR C 355 32.86 -16.93 14.81
C THR C 355 33.51 -16.55 16.14
N PRO C 356 34.29 -17.47 16.75
CA PRO C 356 34.91 -17.17 18.05
C PRO C 356 35.83 -15.94 18.08
N THR C 365 27.42 -12.00 34.49
CA THR C 365 26.38 -12.57 35.34
C THR C 365 24.99 -12.10 34.89
N ASN C 366 24.02 -13.03 34.99
CA ASN C 366 22.62 -12.76 34.65
C ASN C 366 22.43 -12.36 33.18
N ALA C 367 23.54 -12.37 32.45
CA ALA C 367 23.50 -12.29 31.00
C ALA C 367 22.97 -13.63 30.51
N PRO C 368 21.87 -13.59 29.75
CA PRO C 368 21.10 -14.77 29.34
C PRO C 368 21.78 -15.52 28.21
N PRO C 369 21.64 -16.86 28.21
CA PRO C 369 22.48 -17.81 27.48
C PRO C 369 22.67 -17.52 26.01
N GLN C 370 23.64 -18.22 25.46
CA GLN C 370 24.20 -17.93 24.15
C GLN C 370 23.25 -18.29 23.01
N GLY C 371 23.09 -19.60 22.76
CA GLY C 371 22.26 -20.07 21.69
C GLY C 371 20.81 -20.37 22.09
N ARG C 372 20.29 -21.48 21.60
CA ARG C 372 18.93 -21.87 21.91
C ARG C 372 18.89 -23.20 22.61
N ASP C 373 19.75 -23.39 23.60
CA ASP C 373 19.68 -24.64 24.31
C ASP C 373 18.74 -24.60 25.50
N VAL C 374 17.89 -25.62 25.55
CA VAL C 374 16.89 -25.78 26.58
C VAL C 374 17.50 -25.82 27.97
N VAL C 375 18.62 -26.53 28.08
CA VAL C 375 19.26 -26.69 29.38
C VAL C 375 19.97 -25.41 29.77
N GLU C 376 20.66 -24.78 28.82
CA GLU C 376 21.32 -23.52 29.07
C GLU C 376 20.29 -22.53 29.60
N TRP C 377 19.15 -22.47 28.91
CA TRP C 377 18.12 -21.50 29.24
C TRP C 377 17.36 -21.86 30.49
N LEU C 378 16.87 -23.09 30.56
CA LEU C 378 16.24 -23.58 31.79
C LEU C 378 17.05 -23.24 33.06
N GLY C 379 18.37 -23.49 32.98
CA GLY C 379 19.30 -23.27 34.08
C GLY C 379 19.40 -21.79 34.37
N TRP C 380 19.51 -21.00 33.33
CA TRP C 380 19.46 -19.55 33.46
C TRP C 380 18.13 -19.04 34.03
N PHE C 381 17.05 -19.78 33.80
CA PHE C 381 15.78 -19.43 34.41
C PHE C 381 15.81 -19.78 35.90
N GLU C 382 16.18 -21.02 36.23
CA GLU C 382 16.44 -21.36 37.63
C GLU C 382 17.15 -20.19 38.28
N ASP C 383 18.14 -19.66 37.57
CA ASP C 383 18.93 -18.53 37.99
C ASP C 383 18.04 -17.35 38.35
N GLN C 384 17.18 -16.95 37.44
CA GLN C 384 16.39 -15.74 37.67
C GLN C 384 15.24 -15.95 38.65
N ASN C 385 15.38 -16.89 39.58
CA ASN C 385 14.33 -17.16 40.56
C ASN C 385 13.13 -17.85 39.91
N ARG C 386 13.36 -18.49 38.77
CA ARG C 386 12.29 -19.09 37.98
C ARG C 386 11.08 -18.17 37.90
N LYS C 387 11.32 -16.96 37.37
CA LYS C 387 10.33 -15.88 37.35
C LYS C 387 10.73 -14.85 36.29
N PRO C 388 9.81 -14.52 35.40
CA PRO C 388 10.13 -13.69 34.22
C PRO C 388 10.80 -12.34 34.52
N THR C 389 11.92 -12.07 33.87
CA THR C 389 12.69 -10.83 34.00
C THR C 389 11.95 -9.66 33.38
N PRO C 390 12.43 -8.45 33.62
CA PRO C 390 11.87 -7.25 32.99
C PRO C 390 12.21 -7.09 31.50
N ASP C 391 13.42 -7.40 31.02
CA ASP C 391 13.61 -7.28 29.58
C ASP C 391 12.76 -8.32 28.85
N MET C 392 12.67 -9.53 29.41
CA MET C 392 11.88 -10.54 28.74
C MET C 392 10.38 -10.23 28.85
N MET C 393 9.97 -9.61 29.95
CA MET C 393 8.61 -9.13 30.05
C MET C 393 8.36 -7.94 29.13
N GLN C 394 9.40 -7.13 28.93
CA GLN C 394 9.32 -6.02 27.98
C GLN C 394 9.18 -6.58 26.56
N TYR C 395 9.85 -7.70 26.30
CA TYR C 395 9.84 -8.33 24.98
C TYR C 395 8.42 -8.66 24.57
N ALA C 396 7.70 -9.28 25.51
CA ALA C 396 6.33 -9.70 25.30
C ALA C 396 5.48 -8.49 24.97
N LYS C 397 5.76 -7.38 25.66
CA LYS C 397 4.98 -6.15 25.45
C LYS C 397 5.11 -5.61 24.02
N ARG C 398 6.35 -5.46 23.55
CA ARG C 398 6.58 -5.02 22.17
C ARG C 398 5.91 -5.94 21.13
N ALA C 399 5.84 -7.24 21.42
CA ALA C 399 5.29 -8.20 20.50
C ALA C 399 3.78 -8.12 20.42
N VAL C 400 3.12 -7.69 21.49
CA VAL C 400 1.65 -7.69 21.53
C VAL C 400 0.97 -6.33 21.52
N MET C 401 1.63 -5.29 22.03
CA MET C 401 1.09 -3.95 21.83
C MET C 401 1.02 -3.75 20.33
N SER C 402 0.35 -2.70 19.88
CA SER C 402 0.28 -2.46 18.42
C SER C 402 -0.36 -3.60 17.58
N LEU C 403 -0.88 -4.64 18.24
CA LEU C 403 -1.76 -5.61 17.59
C LEU C 403 -3.16 -5.01 17.53
N GLN C 404 -3.88 -5.20 16.42
CA GLN C 404 -5.25 -4.70 16.34
C GLN C 404 -6.21 -5.69 15.69
N GLY C 405 -7.50 -5.47 15.91
CA GLY C 405 -8.52 -6.28 15.26
C GLY C 405 -8.63 -7.64 15.91
N LEU C 406 -8.65 -7.63 17.23
CA LEU C 406 -8.55 -8.86 17.98
C LEU C 406 -9.90 -9.48 18.34
N ARG C 407 -10.17 -10.64 17.77
CA ARG C 407 -11.37 -11.40 18.09
C ARG C 407 -11.31 -11.82 19.56
N GLU C 408 -12.45 -12.14 20.15
CA GLU C 408 -12.45 -12.48 21.57
C GLU C 408 -12.32 -13.99 21.77
N LYS C 409 -11.80 -14.38 22.91
CA LYS C 409 -11.46 -15.78 23.16
C LYS C 409 -10.46 -16.31 22.12
N THR C 410 -9.50 -15.48 21.73
CA THR C 410 -8.36 -15.95 20.91
C THR C 410 -7.08 -15.91 21.75
N ILE C 411 -6.05 -16.63 21.31
CA ILE C 411 -4.78 -16.53 22.04
C ILE C 411 -4.17 -15.17 21.68
N GLY C 412 -4.64 -14.60 20.58
CA GLY C 412 -4.25 -13.25 20.25
C GLY C 412 -4.77 -12.24 21.27
N LYS C 413 -6.05 -12.33 21.56
CA LYS C 413 -6.65 -11.42 22.51
C LYS C 413 -6.07 -11.68 23.89
N TYR C 414 -5.71 -12.93 24.14
CA TYR C 414 -5.19 -13.31 25.45
C TYR C 414 -3.88 -12.62 25.71
N ALA C 415 -2.97 -12.74 24.76
CA ALA C 415 -1.62 -12.23 24.88
C ALA C 415 -1.53 -10.71 25.09
N LYS C 416 -2.37 -9.95 24.39
CA LYS C 416 -2.36 -8.49 24.54
C LYS C 416 -2.81 -8.11 25.93
N SER C 417 -3.85 -8.77 26.43
CA SER C 417 -4.31 -8.53 27.79
C SER C 417 -3.31 -8.90 28.88
N GLU C 418 -2.51 -9.93 28.62
CA GLU C 418 -1.54 -10.41 29.60
C GLU C 418 -0.25 -9.59 29.60
N PHE C 419 0.13 -9.06 28.44
CA PHE C 419 1.42 -8.39 28.33
C PHE C 419 1.40 -6.88 28.04
N ASP C 420 0.32 -6.35 27.46
CA ASP C 420 0.23 -4.92 27.11
C ASP C 420 -0.43 -4.10 28.20
N LYS C 421 0.42 -3.54 29.04
CA LYS C 421 0.06 -2.63 30.11
C LYS C 421 1.32 -2.38 30.97
N SER D 1 -16.60 -20.11 74.68
CA SER D 1 -17.64 -19.32 74.03
C SER D 1 -19.00 -20.08 73.89
N VAL D 2 -19.43 -20.80 74.94
CA VAL D 2 -20.80 -21.39 74.98
C VAL D 2 -21.56 -20.98 76.24
N THR D 3 -21.52 -19.68 76.52
CA THR D 3 -22.19 -19.09 77.68
C THR D 3 -21.77 -17.61 77.87
N VAL D 4 -22.72 -16.72 77.61
CA VAL D 4 -22.43 -15.29 77.53
C VAL D 4 -23.15 -14.55 78.66
N LYS D 5 -22.60 -13.42 79.09
CA LYS D 5 -23.26 -12.64 80.14
C LYS D 5 -23.04 -11.14 79.97
N ARG D 6 -24.11 -10.37 80.18
CA ARG D 6 -24.05 -8.91 80.20
C ARG D 6 -23.14 -8.44 81.34
N ILE D 7 -22.04 -7.78 80.98
CA ILE D 7 -21.06 -7.44 82.00
C ILE D 7 -21.48 -6.26 82.85
N ILE D 8 -22.74 -5.85 82.78
CA ILE D 8 -23.16 -4.72 83.63
C ILE D 8 -24.08 -5.14 84.77
N ASP D 9 -24.97 -6.09 84.50
CA ASP D 9 -25.88 -6.56 85.52
C ASP D 9 -25.67 -8.07 85.74
N ASN D 10 -24.52 -8.55 85.26
CA ASN D 10 -24.20 -9.97 85.25
C ASN D 10 -25.41 -10.88 85.08
N THR D 11 -26.11 -10.77 83.95
CA THR D 11 -27.17 -11.73 83.62
C THR D 11 -26.89 -12.54 82.36
N VAL D 12 -27.48 -13.72 82.30
CA VAL D 12 -27.26 -14.57 81.15
C VAL D 12 -28.08 -14.07 79.97
N ILE D 13 -27.46 -14.10 78.79
CA ILE D 13 -28.16 -13.95 77.52
C ILE D 13 -27.85 -15.21 76.68
N VAL D 14 -28.81 -15.66 75.89
CA VAL D 14 -28.59 -16.87 75.12
C VAL D 14 -28.68 -16.60 73.62
N PRO D 15 -27.59 -16.06 73.05
CA PRO D 15 -27.53 -15.87 71.61
C PRO D 15 -28.00 -17.11 70.85
N LYS D 16 -29.19 -17.00 70.27
CA LYS D 16 -29.70 -18.01 69.37
C LYS D 16 -30.21 -17.28 68.15
N LEU D 17 -30.43 -18.00 67.04
CA LEU D 17 -31.01 -17.38 65.85
C LEU D 17 -31.73 -18.41 64.94
N PRO D 18 -32.80 -17.94 64.23
CA PRO D 18 -33.73 -18.77 63.43
C PRO D 18 -33.07 -19.93 62.71
N ALA D 19 -33.73 -21.10 62.76
CA ALA D 19 -33.19 -22.31 62.15
C ALA D 19 -33.31 -22.34 60.62
N ASN D 20 -32.30 -22.92 59.98
CA ASN D 20 -32.36 -23.20 58.56
C ASN D 20 -32.28 -24.71 58.37
N GLU D 21 -33.02 -25.23 57.40
CA GLU D 21 -33.18 -26.67 57.30
C GLU D 21 -32.74 -27.23 55.97
N ASP D 22 -33.73 -27.63 55.18
CA ASP D 22 -33.52 -28.46 53.99
C ASP D 22 -32.11 -29.06 53.84
N PRO D 23 -31.93 -30.25 54.40
CA PRO D 23 -30.74 -31.07 54.20
C PRO D 23 -30.62 -31.41 52.74
N VAL D 24 -29.49 -31.97 52.34
CA VAL D 24 -29.32 -32.45 50.99
C VAL D 24 -29.83 -33.88 50.88
N GLU D 25 -29.83 -34.42 49.68
CA GLU D 25 -30.26 -35.79 49.47
C GLU D 25 -29.39 -36.45 48.41
N TYR D 26 -28.61 -37.45 48.80
CA TYR D 26 -27.69 -38.13 47.89
C TYR D 26 -28.44 -39.19 47.10
N PRO D 27 -28.03 -39.42 45.84
CA PRO D 27 -28.64 -40.46 45.00
C PRO D 27 -28.68 -41.79 45.71
N ALA D 28 -27.53 -42.44 45.82
CA ALA D 28 -27.46 -43.80 46.36
C ALA D 28 -28.33 -43.95 47.60
N ASP D 29 -28.12 -43.07 48.58
CA ASP D 29 -28.87 -43.12 49.82
C ASP D 29 -30.36 -42.91 49.58
N TYR D 30 -30.85 -43.49 48.49
CA TYR D 30 -32.28 -43.44 48.17
C TYR D 30 -32.72 -44.70 47.45
N PHE D 31 -31.80 -45.33 46.74
CA PHE D 31 -32.06 -46.65 46.15
C PHE D 31 -32.04 -47.67 47.27
N ARG D 32 -32.11 -47.17 48.50
CA ARG D 32 -32.30 -47.99 49.69
C ARG D 32 -33.82 -48.07 49.90
N LYS D 33 -34.55 -47.13 49.30
CA LYS D 33 -35.99 -47.20 49.25
C LYS D 33 -36.43 -48.03 48.02
N SER D 34 -36.88 -47.34 46.97
CA SER D 34 -37.27 -47.96 45.71
C SER D 34 -36.07 -48.56 44.96
N LYS D 35 -36.33 -49.39 43.96
CA LYS D 35 -35.27 -49.96 43.15
C LYS D 35 -35.59 -49.86 41.66
N GLU D 36 -36.41 -48.87 41.32
CA GLU D 36 -36.79 -48.57 39.93
C GLU D 36 -37.25 -47.11 39.78
N ILE D 37 -36.97 -46.51 38.63
CA ILE D 37 -37.44 -45.15 38.37
C ILE D 37 -38.75 -45.23 37.60
N PRO D 38 -39.87 -44.91 38.27
CA PRO D 38 -41.22 -45.07 37.72
C PRO D 38 -41.59 -43.98 36.71
N LEU D 39 -41.61 -44.32 35.41
CA LEU D 39 -42.06 -43.36 34.38
C LEU D 39 -43.54 -43.51 34.10
N TYR D 40 -44.38 -42.67 34.71
CA TYR D 40 -45.81 -42.73 34.41
C TYR D 40 -46.12 -42.03 33.09
N ILE D 41 -46.02 -42.79 32.00
CA ILE D 41 -46.68 -42.37 30.76
C ILE D 41 -48.02 -43.06 30.69
N ASN D 42 -49.05 -42.40 31.20
CA ASN D 42 -50.40 -42.93 31.15
C ASN D 42 -50.81 -43.11 29.70
N THR D 43 -52.08 -42.81 29.44
CA THR D 43 -52.59 -42.73 28.08
C THR D 43 -51.59 -43.31 27.07
N THR D 44 -51.78 -44.59 26.77
CA THR D 44 -51.15 -45.24 25.62
C THR D 44 -52.26 -45.46 24.57
N LYS D 45 -52.33 -44.54 23.61
CA LYS D 45 -53.35 -44.52 22.56
C LYS D 45 -52.77 -44.88 21.22
N SER D 46 -52.72 -43.92 20.29
CA SER D 46 -52.22 -44.21 18.94
C SER D 46 -51.09 -43.25 18.53
N LEU D 47 -50.07 -43.78 17.86
CA LEU D 47 -48.95 -42.95 17.43
C LEU D 47 -49.35 -41.89 16.40
N SER D 48 -49.96 -42.33 15.30
CA SER D 48 -50.42 -41.42 14.26
C SER D 48 -51.38 -40.40 14.85
N ASP D 49 -52.23 -40.86 15.77
CA ASP D 49 -53.16 -39.99 16.48
C ASP D 49 -52.38 -38.93 17.26
N LEU D 50 -51.37 -39.39 18.01
CA LEU D 50 -50.56 -38.52 18.86
C LEU D 50 -49.73 -37.51 18.07
N ARG D 51 -49.01 -38.00 17.06
CA ARG D 51 -48.30 -37.12 16.14
C ARG D 51 -49.16 -35.91 15.76
N GLY D 52 -50.46 -36.15 15.62
CA GLY D 52 -51.41 -35.08 15.36
C GLY D 52 -51.66 -34.14 16.55
N TYR D 53 -52.10 -34.72 17.67
CA TYR D 53 -52.54 -33.89 18.79
C TYR D 53 -51.56 -32.78 19.06
N VAL D 54 -50.28 -33.11 18.92
CA VAL D 54 -49.22 -32.13 19.19
C VAL D 54 -48.79 -31.33 17.96
N TYR D 55 -48.62 -31.98 16.80
CA TYR D 55 -48.24 -31.21 15.62
C TYR D 55 -49.14 -29.97 15.51
N GLN D 56 -50.44 -30.21 15.59
CA GLN D 56 -51.41 -29.13 15.64
C GLN D 56 -51.33 -28.46 17.01
N GLY D 57 -51.54 -29.23 18.08
CA GLY D 57 -51.53 -28.68 19.42
C GLY D 57 -50.44 -27.65 19.66
N LEU D 58 -49.31 -27.81 18.98
CA LEU D 58 -48.19 -26.88 19.10
C LEU D 58 -48.52 -25.53 18.48
N LYS D 59 -48.80 -25.53 17.18
CA LYS D 59 -49.52 -24.42 16.54
C LYS D 59 -50.78 -24.07 17.31
N SER D 60 -50.61 -23.51 18.50
CA SER D 60 -51.73 -22.97 19.26
C SER D 60 -51.46 -23.01 20.77
N GLY D 61 -51.91 -21.98 21.48
CA GLY D 61 -51.29 -21.57 22.72
C GLY D 61 -51.51 -22.58 23.83
N ASN D 62 -51.30 -23.86 23.52
CA ASN D 62 -51.95 -24.94 24.25
C ASN D 62 -51.60 -26.31 23.68
N VAL D 63 -51.03 -27.16 24.52
CA VAL D 63 -50.85 -28.58 24.18
C VAL D 63 -50.67 -29.29 25.50
N SER D 64 -51.35 -30.41 25.69
CA SER D 64 -51.24 -31.10 26.96
C SER D 64 -49.88 -31.74 27.07
N ILE D 65 -49.15 -31.34 28.11
CA ILE D 65 -47.89 -31.99 28.40
C ILE D 65 -48.08 -33.51 28.36
N ILE D 66 -49.21 -34.00 28.89
CA ILE D 66 -49.47 -35.44 28.97
C ILE D 66 -49.55 -36.10 27.58
N HIS D 67 -49.75 -35.28 26.57
CA HIS D 67 -49.73 -35.76 25.17
C HIS D 67 -48.30 -35.93 24.67
N VAL D 68 -47.51 -34.86 24.75
CA VAL D 68 -46.09 -34.88 24.34
C VAL D 68 -45.29 -36.03 24.97
N ASN D 69 -45.52 -36.30 26.25
CA ASN D 69 -44.92 -37.46 26.91
C ASN D 69 -45.16 -38.77 26.16
N SER D 70 -46.44 -39.06 25.96
CA SER D 70 -46.87 -40.26 25.24
C SER D 70 -46.36 -40.28 23.80
N TYR D 71 -46.36 -39.13 23.13
CA TYR D 71 -45.81 -39.03 21.78
C TYR D 71 -44.35 -39.45 21.77
N LEU D 72 -43.60 -38.86 22.68
CA LEU D 72 -42.18 -39.17 22.83
C LEU D 72 -41.97 -40.67 23.09
N TYR D 73 -42.65 -41.21 24.11
CA TYR D 73 -42.63 -42.66 24.28
C TYR D 73 -42.83 -43.28 22.91
N GLY D 74 -43.78 -42.74 22.15
CA GLY D 74 -44.07 -43.23 20.82
C GLY D 74 -42.85 -43.39 19.92
N ALA D 75 -42.28 -42.28 19.47
CA ALA D 75 -41.16 -42.30 18.54
C ALA D 75 -39.92 -43.00 19.11
N LEU D 76 -39.78 -42.94 20.42
CA LEU D 76 -38.59 -43.47 21.06
C LEU D 76 -38.78 -44.86 21.67
N LYS D 77 -38.97 -45.87 20.84
CA LYS D 77 -38.58 -47.21 21.25
C LYS D 77 -37.77 -47.82 20.14
N ASP D 78 -37.10 -46.94 19.41
CA ASP D 78 -35.85 -47.31 18.76
C ASP D 78 -34.98 -48.03 19.81
N ILE D 79 -35.28 -49.32 19.98
CA ILE D 79 -34.53 -50.19 20.89
C ILE D 79 -33.02 -50.05 20.60
N ARG D 80 -32.70 -49.58 19.40
CA ARG D 80 -31.33 -49.48 18.88
C ARG D 80 -30.28 -49.22 19.95
N GLY D 81 -29.57 -50.26 20.39
CA GLY D 81 -28.49 -50.13 21.36
C GLY D 81 -27.85 -51.44 21.80
N LYS D 82 -26.69 -51.77 21.23
CA LYS D 82 -25.98 -53.01 21.57
C LYS D 82 -24.91 -52.79 22.64
N LEU D 83 -25.25 -53.10 23.87
CA LEU D 83 -24.39 -52.89 25.04
C LEU D 83 -23.07 -53.66 24.97
N ASP D 84 -22.09 -53.08 24.30
CA ASP D 84 -20.79 -53.71 24.11
C ASP D 84 -19.95 -53.72 25.40
N LYS D 85 -20.62 -53.87 26.54
CA LYS D 85 -19.97 -53.91 27.84
C LYS D 85 -20.90 -54.55 28.86
N ASP D 86 -20.88 -53.98 30.07
CA ASP D 86 -21.87 -54.30 31.08
C ASP D 86 -22.59 -53.01 31.45
N TRP D 87 -23.36 -53.01 32.53
CA TRP D 87 -24.05 -51.79 32.96
C TRP D 87 -24.87 -51.96 34.25
N SER D 88 -24.28 -51.58 35.38
CA SER D 88 -25.03 -51.49 36.63
C SER D 88 -24.95 -50.07 37.15
N SER D 89 -25.39 -49.87 38.39
CA SER D 89 -25.37 -48.56 39.02
C SER D 89 -26.33 -48.54 40.21
N PHE D 90 -25.78 -48.51 41.41
CA PHE D 90 -26.57 -48.41 42.63
C PHE D 90 -27.30 -49.71 42.97
N GLY D 91 -26.90 -50.79 42.30
CA GLY D 91 -27.53 -52.07 42.49
C GLY D 91 -28.32 -52.47 41.26
N ILE D 92 -28.97 -51.49 40.65
CA ILE D 92 -29.79 -51.67 39.46
C ILE D 92 -29.01 -52.12 38.22
N ASN D 93 -29.39 -53.27 37.67
CA ASN D 93 -28.78 -53.77 36.44
C ASN D 93 -29.50 -53.18 35.24
N ILE D 94 -28.82 -53.11 34.09
CA ILE D 94 -29.43 -52.51 32.89
C ILE D 94 -29.13 -53.30 31.61
N GLY D 95 -28.19 -54.24 31.71
CA GLY D 95 -27.85 -55.09 30.58
C GLY D 95 -26.50 -55.76 30.75
N LYS D 96 -26.27 -56.82 29.98
CA LYS D 96 -24.97 -57.50 29.96
C LYS D 96 -24.32 -57.45 28.56
N ALA D 97 -23.19 -58.12 28.39
CA ALA D 97 -22.53 -58.18 27.09
C ALA D 97 -23.48 -58.53 25.91
N GLY D 98 -23.33 -57.80 24.81
CA GLY D 98 -24.11 -58.06 23.61
C GLY D 98 -25.56 -57.60 23.71
N ASP D 99 -26.17 -57.87 24.86
CA ASP D 99 -27.51 -57.43 25.22
C ASP D 99 -28.03 -56.24 24.41
N THR D 100 -29.29 -56.29 23.98
CA THR D 100 -29.90 -55.14 23.33
C THR D 100 -30.85 -54.48 24.33
N ILE D 101 -30.95 -53.16 24.25
CA ILE D 101 -31.76 -52.36 25.18
C ILE D 101 -32.11 -51.01 24.59
N GLY D 102 -33.26 -50.48 25.00
CA GLY D 102 -33.79 -49.22 24.51
C GLY D 102 -33.80 -48.12 25.55
N ILE D 103 -34.16 -46.92 25.12
CA ILE D 103 -34.11 -45.76 26.00
C ILE D 103 -34.85 -45.99 27.29
N PHE D 104 -35.88 -46.83 27.26
CA PHE D 104 -36.80 -46.90 28.40
C PHE D 104 -36.64 -48.15 29.24
N ASP D 105 -35.51 -48.84 29.10
CA ASP D 105 -35.18 -49.91 30.02
C ASP D 105 -34.85 -49.33 31.40
N LEU D 106 -35.60 -48.29 31.73
CA LEU D 106 -35.55 -47.59 33.01
C LEU D 106 -37.00 -47.33 33.46
N VAL D 107 -37.80 -48.41 33.39
CA VAL D 107 -38.96 -48.74 34.25
C VAL D 107 -40.35 -48.08 34.04
N SER D 108 -41.04 -48.46 32.96
CA SER D 108 -42.30 -47.80 32.53
C SER D 108 -43.62 -48.25 33.22
N LEU D 109 -44.37 -47.29 33.76
CA LEU D 109 -45.70 -47.54 34.35
C LEU D 109 -46.75 -46.64 33.66
N LYS D 110 -48.00 -46.80 34.08
CA LYS D 110 -49.12 -46.04 33.51
C LYS D 110 -50.13 -45.53 34.58
N ALA D 111 -51.03 -44.63 34.22
CA ALA D 111 -52.03 -44.15 35.19
C ALA D 111 -53.25 -43.35 34.67
N LEU D 112 -53.54 -42.24 35.35
CA LEU D 112 -54.85 -41.57 35.38
C LEU D 112 -55.56 -41.25 34.03
N ASP D 113 -56.87 -41.00 34.10
CA ASP D 113 -57.79 -41.18 32.95
C ASP D 113 -58.15 -39.95 32.10
N GLY D 114 -57.59 -38.79 32.45
CA GLY D 114 -57.89 -37.54 31.75
C GLY D 114 -57.19 -37.41 30.41
N VAL D 115 -57.99 -37.30 29.34
CA VAL D 115 -57.45 -37.11 27.99
C VAL D 115 -58.27 -36.05 27.25
N LEU D 116 -57.62 -35.25 26.41
CA LEU D 116 -58.32 -34.13 25.75
C LEU D 116 -58.90 -34.49 24.36
N PRO D 117 -58.11 -34.43 23.26
CA PRO D 117 -58.74 -34.78 21.97
C PRO D 117 -58.92 -36.29 21.72
N ASP D 118 -59.66 -36.62 20.67
CA ASP D 118 -60.04 -38.00 20.34
C ASP D 118 -59.73 -38.38 18.88
N GLY D 119 -59.12 -39.54 18.68
CA GLY D 119 -58.78 -40.03 17.36
C GLY D 119 -58.00 -39.10 16.44
N VAL D 120 -58.62 -38.72 15.31
CA VAL D 120 -58.00 -37.92 14.24
C VAL D 120 -58.01 -36.40 14.50
N SER D 121 -56.93 -35.83 15.05
CA SER D 121 -56.81 -34.36 15.25
C SER D 121 -56.19 -33.72 14.00
N ASP D 122 -56.78 -34.05 12.84
CA ASP D 122 -56.27 -33.69 11.52
C ASP D 122 -55.21 -34.69 11.06
N ALA D 123 -55.65 -35.66 10.25
CA ALA D 123 -54.80 -36.75 9.79
C ALA D 123 -53.57 -36.28 9.02
N SER D 124 -53.45 -34.96 8.85
CA SER D 124 -52.45 -34.35 7.97
C SER D 124 -51.04 -34.96 8.01
N ARG D 125 -50.53 -35.22 9.22
CA ARG D 125 -49.13 -35.54 9.42
C ARG D 125 -48.64 -36.93 8.98
N THR D 126 -47.60 -36.91 8.15
CA THR D 126 -46.91 -38.11 7.71
C THR D 126 -45.89 -38.56 8.76
N SER D 127 -45.17 -39.65 8.48
CA SER D 127 -44.14 -40.18 9.40
C SER D 127 -42.81 -39.41 9.36
N ALA D 128 -42.85 -38.18 8.86
CA ALA D 128 -41.82 -37.19 9.15
C ALA D 128 -41.95 -36.98 10.65
N ASP D 129 -41.23 -37.81 11.39
CA ASP D 129 -41.61 -38.16 12.75
C ASP D 129 -40.39 -38.39 13.63
N ASP D 130 -40.07 -39.66 13.85
CA ASP D 130 -38.91 -40.11 14.65
C ASP D 130 -37.62 -39.51 14.07
N LYS D 131 -37.79 -38.45 13.29
CA LYS D 131 -36.69 -37.83 12.59
C LYS D 131 -36.37 -36.49 13.24
N TRP D 132 -37.41 -35.74 13.59
CA TRP D 132 -37.21 -34.38 14.03
C TRP D 132 -38.15 -33.89 15.13
N LEU D 133 -39.40 -34.34 15.12
CA LEU D 133 -40.35 -33.88 16.13
C LEU D 133 -39.91 -34.23 17.56
N PRO D 134 -39.39 -35.46 17.78
CA PRO D 134 -38.93 -35.75 19.14
C PRO D 134 -37.84 -34.74 19.54
N LEU D 135 -36.90 -34.48 18.64
CA LEU D 135 -35.80 -33.56 18.91
C LEU D 135 -36.32 -32.21 19.34
N TYR D 136 -37.18 -31.63 18.53
CA TYR D 136 -37.80 -30.37 18.88
C TYR D 136 -38.30 -30.43 20.33
N LEU D 137 -39.26 -31.32 20.56
CA LEU D 137 -39.90 -31.44 21.86
C LEU D 137 -38.90 -31.47 22.99
N LEU D 138 -37.82 -32.20 22.78
CA LEU D 138 -36.77 -32.25 23.78
C LEU D 138 -36.02 -30.93 23.79
N GLY D 139 -35.64 -30.46 22.60
CA GLY D 139 -34.94 -29.20 22.47
C GLY D 139 -35.57 -28.07 23.27
N LEU D 140 -36.89 -28.06 23.28
CA LEU D 140 -37.63 -27.04 24.01
C LEU D 140 -37.30 -27.01 25.53
N TYR D 141 -37.07 -28.18 26.11
CA TYR D 141 -36.67 -28.26 27.51
C TYR D 141 -35.49 -27.34 27.82
N ARG D 142 -34.51 -27.33 26.91
CA ARG D 142 -33.33 -26.50 27.06
C ARG D 142 -33.72 -25.03 27.04
N VAL D 143 -34.47 -24.64 26.03
CA VAL D 143 -34.90 -23.25 25.90
C VAL D 143 -35.77 -22.83 27.09
N GLY D 144 -36.43 -23.80 27.71
CA GLY D 144 -37.29 -23.52 28.85
C GLY D 144 -36.60 -22.93 30.07
N ARG D 145 -35.40 -23.44 30.36
CA ARG D 145 -34.60 -23.07 31.54
C ARG D 145 -34.01 -21.65 31.49
N THR D 146 -33.91 -21.09 30.30
CA THR D 146 -33.16 -19.85 30.04
C THR D 146 -33.77 -18.54 30.60
N GLN D 147 -33.00 -17.46 30.53
CA GLN D 147 -33.37 -16.16 31.09
C GLN D 147 -33.33 -14.98 30.09
N MET D 148 -32.21 -14.82 29.37
CA MET D 148 -31.89 -13.61 28.57
C MET D 148 -31.92 -13.91 27.05
N PRO D 149 -31.73 -12.87 26.17
CA PRO D 149 -31.68 -13.03 24.70
C PRO D 149 -30.81 -14.17 24.24
N GLU D 150 -30.39 -14.99 25.21
CA GLU D 150 -29.85 -16.31 24.98
C GLU D 150 -31.00 -17.25 24.65
N TYR D 151 -32.21 -16.89 25.09
CA TYR D 151 -33.39 -17.67 24.71
C TYR D 151 -33.50 -17.70 23.22
N ARG D 152 -33.62 -16.51 22.61
CA ARG D 152 -33.82 -16.41 21.17
C ARG D 152 -32.54 -16.79 20.44
N LYS D 153 -31.44 -16.92 21.19
CA LYS D 153 -30.21 -17.47 20.66
C LYS D 153 -30.30 -18.98 20.73
N LYS D 154 -30.67 -19.49 21.90
CA LYS D 154 -30.77 -20.92 22.15
C LYS D 154 -31.72 -21.57 21.17
N LEU D 155 -32.79 -20.83 20.83
CA LEU D 155 -33.83 -21.29 19.89
C LEU D 155 -33.38 -21.19 18.43
N MET D 156 -33.08 -19.97 17.99
CA MET D 156 -32.63 -19.72 16.61
C MET D 156 -31.64 -20.80 16.14
N ASP D 157 -30.72 -21.17 17.01
CA ASP D 157 -29.74 -22.21 16.69
C ASP D 157 -30.39 -23.60 16.82
N GLY D 158 -31.15 -23.78 17.90
CA GLY D 158 -31.84 -25.03 18.15
C GLY D 158 -33.05 -25.22 17.26
N LEU D 159 -33.05 -24.49 16.14
CA LEU D 159 -34.07 -24.63 15.11
C LEU D 159 -33.43 -24.92 13.74
N THR D 160 -32.15 -24.56 13.58
CA THR D 160 -31.46 -24.97 12.37
C THR D 160 -30.98 -26.41 12.56
N ASN D 161 -31.36 -26.98 13.70
CA ASN D 161 -30.98 -28.34 14.04
C ASN D 161 -31.93 -29.42 13.51
N GLN D 162 -33.19 -29.06 13.28
CA GLN D 162 -34.15 -29.98 12.69
C GLN D 162 -34.09 -29.80 11.19
N CYS D 163 -33.74 -28.58 10.78
CA CYS D 163 -33.51 -28.28 9.37
C CYS D 163 -32.55 -29.30 8.77
N LYS D 164 -31.80 -29.96 9.64
CA LYS D 164 -30.90 -31.04 9.24
C LYS D 164 -31.72 -32.24 8.80
N MET D 165 -31.47 -32.67 7.57
CA MET D 165 -32.12 -33.83 6.98
C MET D 165 -33.58 -33.55 6.57
N ILE D 166 -34.22 -32.50 7.14
CA ILE D 166 -35.67 -32.22 6.91
C ILE D 166 -36.29 -30.77 7.07
N ASN D 167 -35.63 -29.72 6.57
CA ASN D 167 -36.00 -28.32 6.91
C ASN D 167 -37.35 -27.68 6.57
N GLU D 168 -37.92 -26.99 7.57
CA GLU D 168 -39.03 -26.02 7.43
C GLU D 168 -39.12 -25.18 8.71
N GLN D 169 -39.72 -24.00 8.61
CA GLN D 169 -39.61 -22.95 9.62
C GLN D 169 -40.58 -22.97 10.85
N PHE D 170 -40.21 -23.61 11.97
CA PHE D 170 -40.76 -23.19 13.28
C PHE D 170 -42.12 -23.79 13.72
N GLU D 171 -42.71 -23.27 14.81
CA GLU D 171 -43.96 -23.86 15.34
C GLU D 171 -44.83 -23.07 16.35
N PRO D 172 -44.34 -22.84 17.60
CA PRO D 172 -45.19 -22.00 18.48
C PRO D 172 -45.26 -20.57 17.99
N LEU D 173 -45.19 -19.60 18.89
CA LEU D 173 -45.55 -18.23 18.52
C LEU D 173 -45.01 -17.18 19.49
N VAL D 174 -45.60 -17.19 20.70
CA VAL D 174 -45.21 -16.29 21.77
C VAL D 174 -43.76 -16.53 22.21
N PRO D 175 -42.87 -15.55 21.97
CA PRO D 175 -41.44 -15.66 22.28
C PRO D 175 -41.14 -16.45 23.58
N GLU D 176 -41.20 -15.77 24.72
CA GLU D 176 -41.06 -16.46 26.00
C GLU D 176 -41.55 -15.65 27.22
N GLY D 177 -40.67 -15.52 28.22
CA GLY D 177 -40.95 -14.92 29.52
C GLY D 177 -40.84 -15.94 30.64
N ARG D 178 -40.43 -17.16 30.28
CA ARG D 178 -40.55 -18.31 31.16
C ARG D 178 -42.03 -18.63 31.37
N ASP D 179 -42.72 -19.01 30.30
CA ASP D 179 -44.17 -19.30 30.36
C ASP D 179 -44.79 -20.37 29.44
N ILE D 180 -44.53 -20.29 28.13
CA ILE D 180 -45.34 -20.99 27.12
C ILE D 180 -45.35 -22.54 27.24
N PHE D 181 -44.19 -23.12 26.95
CA PHE D 181 -43.89 -24.55 27.08
C PHE D 181 -42.85 -24.64 28.19
N ASP D 182 -42.62 -23.52 28.87
CA ASP D 182 -41.66 -23.45 29.94
C ASP D 182 -42.20 -24.14 31.19
N VAL D 183 -43.40 -24.68 31.08
CA VAL D 183 -44.00 -25.40 32.19
C VAL D 183 -43.44 -26.80 32.22
N TRP D 184 -43.18 -27.35 31.02
CA TRP D 184 -42.77 -28.73 30.84
C TRP D 184 -41.74 -29.20 31.87
N GLY D 185 -40.81 -28.32 32.21
CA GLY D 185 -39.80 -28.62 33.21
C GLY D 185 -40.42 -29.09 34.51
N ASN D 186 -41.51 -28.46 34.93
CA ASN D 186 -42.18 -28.86 36.16
C ASN D 186 -42.95 -30.20 36.09
N ASP D 187 -42.92 -30.86 34.93
CA ASP D 187 -43.61 -32.14 34.78
C ASP D 187 -42.71 -33.32 35.07
N SER D 188 -42.91 -33.92 36.24
CA SER D 188 -42.11 -35.05 36.72
C SER D 188 -41.82 -36.17 35.69
N ASN D 189 -42.83 -36.49 34.90
CA ASN D 189 -42.74 -37.59 33.93
C ASN D 189 -42.00 -37.18 32.66
N TYR D 190 -42.01 -35.88 32.38
CA TYR D 190 -41.29 -35.29 31.25
C TYR D 190 -39.80 -35.23 31.50
N THR D 191 -39.39 -34.59 32.58
CA THR D 191 -37.98 -34.60 32.94
C THR D 191 -37.46 -36.04 32.86
N LYS D 192 -38.16 -36.93 33.56
CA LYS D 192 -37.78 -38.33 33.62
C LYS D 192 -37.44 -38.85 32.24
N ILE D 193 -38.00 -38.24 31.19
CA ILE D 193 -37.76 -38.67 29.82
C ILE D 193 -36.49 -38.06 29.28
N VAL D 194 -36.34 -36.74 29.39
CA VAL D 194 -35.13 -36.10 28.88
C VAL D 194 -33.91 -36.76 29.49
N ALA D 195 -34.02 -37.10 30.78
CA ALA D 195 -32.91 -37.75 31.47
C ALA D 195 -32.57 -39.13 30.89
N ALA D 196 -33.60 -39.92 30.56
CA ALA D 196 -33.37 -41.24 29.95
C ALA D 196 -32.74 -41.11 28.57
N VAL D 197 -33.21 -40.16 27.75
CA VAL D 197 -32.60 -39.91 26.44
C VAL D 197 -31.12 -39.55 26.57
N ASP D 198 -30.83 -38.46 27.29
CA ASP D 198 -29.46 -38.06 27.51
C ASP D 198 -28.61 -39.23 27.99
N MET D 199 -29.08 -39.89 29.04
CA MET D 199 -28.29 -40.95 29.66
C MET D 199 -28.06 -42.11 28.72
N PHE D 200 -29.04 -42.33 27.84
CA PHE D 200 -28.95 -43.37 26.84
C PHE D 200 -27.93 -42.98 25.77
N PHE D 201 -28.09 -41.79 25.21
CA PHE D 201 -27.19 -41.33 24.16
C PHE D 201 -25.84 -40.88 24.71
N HIS D 202 -25.69 -40.95 26.02
CA HIS D 202 -24.36 -40.78 26.59
C HIS D 202 -23.65 -42.11 26.44
N MET D 203 -24.37 -43.20 26.70
CA MET D 203 -23.81 -44.54 26.62
C MET D 203 -23.48 -44.92 25.19
N PHE D 204 -24.38 -44.60 24.27
CA PHE D 204 -24.20 -44.88 22.84
C PHE D 204 -23.95 -43.59 22.12
N LYS D 205 -22.92 -42.87 22.57
CA LYS D 205 -22.55 -41.59 22.00
C LYS D 205 -22.59 -41.56 20.47
N LYS D 206 -22.50 -42.73 19.85
CA LYS D 206 -22.37 -42.84 18.39
C LYS D 206 -23.69 -42.84 17.61
N HIS D 207 -24.66 -43.60 18.11
CA HIS D 207 -25.97 -43.84 17.47
C HIS D 207 -26.51 -42.72 16.55
N GLU D 208 -27.12 -43.12 15.45
CA GLU D 208 -27.62 -42.18 14.45
C GLU D 208 -28.56 -41.12 15.07
N CYS D 209 -29.36 -41.55 16.03
CA CYS D 209 -30.32 -40.66 16.68
C CYS D 209 -29.72 -39.87 17.86
N ALA D 210 -28.50 -40.20 18.26
CA ALA D 210 -27.90 -39.56 19.43
C ALA D 210 -27.80 -38.02 19.35
N SER D 211 -28.21 -37.45 18.23
CA SER D 211 -28.21 -35.99 18.06
C SER D 211 -29.34 -35.40 18.88
N PHE D 212 -30.18 -36.30 19.40
CA PHE D 212 -31.37 -35.92 20.17
C PHE D 212 -31.01 -35.23 21.47
N ARG D 213 -29.71 -35.19 21.78
CA ARG D 213 -29.28 -34.62 23.06
C ARG D 213 -29.27 -33.11 23.02
N TYR D 214 -29.52 -32.51 21.86
CA TYR D 214 -29.30 -31.07 21.73
C TYR D 214 -29.88 -30.27 22.89
N GLY D 215 -31.02 -30.67 23.40
CA GLY D 215 -31.61 -29.93 24.50
C GLY D 215 -31.73 -30.82 25.71
N THR D 216 -31.26 -32.04 25.58
CA THR D 216 -31.36 -33.00 26.65
C THR D 216 -30.07 -33.00 27.51
N ILE D 217 -29.06 -32.29 27.03
CA ILE D 217 -27.73 -32.30 27.63
C ILE D 217 -27.61 -31.44 28.88
N VAL D 218 -28.39 -30.37 28.96
CA VAL D 218 -28.35 -29.53 30.14
C VAL D 218 -29.07 -30.18 31.30
N SER D 219 -29.24 -31.50 31.21
CA SER D 219 -29.78 -32.26 32.31
C SER D 219 -28.71 -33.01 33.10
N ARG D 220 -27.59 -33.31 32.42
CA ARG D 220 -26.50 -34.04 33.04
C ARG D 220 -25.74 -33.09 33.95
N PHE D 221 -25.71 -33.42 35.24
CA PHE D 221 -25.09 -32.56 36.25
C PHE D 221 -25.85 -31.24 36.39
N LYS D 222 -27.15 -31.33 36.24
CA LYS D 222 -27.99 -30.21 36.56
C LYS D 222 -27.91 -30.04 38.07
N ASP D 223 -27.66 -28.82 38.50
CA ASP D 223 -27.62 -28.54 39.92
C ASP D 223 -26.37 -29.14 40.58
N CYS D 224 -25.28 -29.22 39.81
CA CYS D 224 -24.04 -29.77 40.30
C CYS D 224 -22.91 -28.81 40.00
N ALA D 225 -23.16 -27.54 40.24
CA ALA D 225 -22.21 -26.47 39.90
C ALA D 225 -20.87 -26.62 40.59
N ALA D 226 -20.87 -26.52 41.92
CA ALA D 226 -19.65 -26.63 42.69
C ALA D 226 -18.85 -27.86 42.28
N LEU D 227 -19.51 -29.01 42.29
CA LEU D 227 -18.88 -30.26 41.88
C LEU D 227 -18.12 -30.14 40.56
N ALA D 228 -18.42 -29.11 39.77
CA ALA D 228 -17.85 -29.00 38.44
C ALA D 228 -16.94 -27.80 38.39
N THR D 229 -17.14 -26.88 39.32
CA THR D 229 -16.22 -25.75 39.46
C THR D 229 -15.01 -26.28 40.18
N PHE D 230 -15.02 -27.56 40.52
CA PHE D 230 -13.91 -28.19 41.22
C PHE D 230 -12.96 -28.87 40.24
N GLY D 231 -13.50 -29.63 39.32
CA GLY D 231 -12.65 -30.22 38.31
C GLY D 231 -12.03 -29.11 37.49
N HIS D 232 -12.59 -27.92 37.63
CA HIS D 232 -12.19 -26.78 36.81
C HIS D 232 -10.98 -26.20 37.47
N LEU D 233 -11.12 -25.94 38.77
CA LEU D 233 -10.04 -25.44 39.60
C LEU D 233 -8.82 -26.36 39.46
N CYS D 234 -9.05 -27.64 39.19
CA CYS D 234 -7.96 -28.59 39.01
C CYS D 234 -7.31 -28.40 37.67
N LYS D 235 -8.11 -28.35 36.62
CA LYS D 235 -7.60 -28.29 35.27
C LYS D 235 -6.82 -27.01 35.07
N ILE D 236 -7.20 -26.00 35.83
CA ILE D 236 -6.70 -24.66 35.60
C ILE D 236 -5.41 -24.36 36.37
N THR D 237 -5.12 -25.20 37.37
CA THR D 237 -3.90 -25.07 38.18
C THR D 237 -3.01 -26.27 37.93
N GLY D 238 -3.43 -27.15 37.03
CA GLY D 238 -2.65 -28.33 36.71
C GLY D 238 -2.48 -29.25 37.90
N MET D 239 -2.94 -28.80 39.07
CA MET D 239 -2.72 -29.55 40.30
C MET D 239 -3.56 -30.81 40.42
N SER D 240 -3.04 -31.79 41.13
CA SER D 240 -3.71 -33.05 41.30
C SER D 240 -4.97 -32.81 42.07
N THR D 241 -5.86 -33.77 42.02
CA THR D 241 -7.10 -33.64 42.74
C THR D 241 -6.82 -33.65 44.24
N GLU D 242 -5.94 -34.53 44.66
CA GLU D 242 -5.60 -34.60 46.05
C GLU D 242 -4.86 -33.34 46.54
N ASP D 243 -3.96 -32.79 45.72
CA ASP D 243 -3.17 -31.59 46.12
C ASP D 243 -4.09 -30.37 46.29
N VAL D 244 -4.96 -30.17 45.32
CA VAL D 244 -5.88 -29.05 45.37
C VAL D 244 -6.66 -29.08 46.67
N THR D 245 -7.15 -30.26 47.04
CA THR D 245 -7.91 -30.45 48.29
C THR D 245 -7.17 -29.91 49.51
N THR D 246 -5.85 -30.04 49.52
CA THR D 246 -5.08 -29.63 50.67
C THR D 246 -5.00 -28.11 50.77
N TRP D 247 -5.12 -27.45 49.62
CA TRP D 247 -5.07 -25.99 49.56
C TRP D 247 -6.34 -25.26 50.07
N ILE D 248 -7.35 -26.05 50.49
CA ILE D 248 -8.52 -25.52 51.19
C ILE D 248 -8.12 -24.99 52.56
N LEU D 249 -8.47 -23.74 52.82
CA LEU D 249 -7.95 -23.08 54.00
C LEU D 249 -9.03 -22.46 54.87
N ASN D 250 -10.30 -22.79 54.59
CA ASN D 250 -11.39 -22.30 55.44
C ASN D 250 -12.32 -23.42 55.90
N ARG D 251 -12.62 -23.46 57.20
CA ARG D 251 -13.49 -24.49 57.77
C ARG D 251 -14.70 -24.84 56.87
N GLU D 252 -15.66 -23.94 56.77
CA GLU D 252 -16.87 -24.21 56.01
C GLU D 252 -16.63 -24.45 54.51
N VAL D 253 -15.38 -24.33 54.05
CA VAL D 253 -15.09 -24.80 52.70
C VAL D 253 -14.72 -26.26 52.74
N ALA D 254 -13.92 -26.63 53.72
CA ALA D 254 -13.66 -28.02 53.98
C ALA D 254 -15.00 -28.72 54.22
N ASP D 255 -15.77 -28.22 55.18
CA ASP D 255 -17.08 -28.78 55.43
C ASP D 255 -17.78 -29.21 54.12
N GLU D 256 -17.87 -28.28 53.16
CA GLU D 256 -18.59 -28.51 51.91
C GLU D 256 -17.85 -29.42 50.99
N MET D 257 -16.53 -29.30 50.95
CA MET D 257 -15.74 -30.23 50.14
C MET D 257 -15.97 -31.66 50.59
N VAL D 258 -16.06 -31.86 51.91
CA VAL D 258 -16.42 -33.15 52.50
C VAL D 258 -17.77 -33.56 51.92
N GLN D 259 -18.81 -32.82 52.31
CA GLN D 259 -20.15 -33.03 51.76
C GLN D 259 -20.15 -33.56 50.31
N MET D 260 -19.41 -32.90 49.43
CA MET D 260 -19.44 -33.26 48.02
C MET D 260 -18.79 -34.59 47.76
N MET D 261 -17.80 -34.94 48.56
CA MET D 261 -16.97 -36.11 48.24
C MET D 261 -17.45 -37.41 48.89
N LEU D 262 -18.59 -37.32 49.60
CA LEU D 262 -19.17 -38.48 50.28
C LEU D 262 -19.13 -39.72 49.41
N PRO D 263 -18.47 -40.76 49.92
CA PRO D 263 -18.19 -41.99 49.15
C PRO D 263 -19.44 -42.78 48.80
N GLY D 264 -19.36 -43.55 47.71
CA GLY D 264 -20.44 -44.41 47.26
C GLY D 264 -21.58 -43.60 46.69
N GLN D 265 -21.31 -42.85 45.63
CA GLN D 265 -22.35 -42.05 45.01
C GLN D 265 -22.13 -42.00 43.53
N GLU D 266 -21.22 -42.82 43.04
CA GLU D 266 -21.04 -43.01 41.61
C GLU D 266 -20.58 -41.75 40.85
N ILE D 267 -20.15 -40.72 41.56
CA ILE D 267 -19.81 -39.46 40.89
C ILE D 267 -18.65 -39.59 39.91
N ASP D 268 -17.59 -40.29 40.33
CA ASP D 268 -16.44 -40.62 39.48
C ASP D 268 -16.76 -41.70 38.41
N LYS D 269 -17.96 -42.27 38.47
CA LYS D 269 -18.36 -43.41 37.66
C LYS D 269 -18.61 -43.01 36.21
N ALA D 270 -18.41 -43.98 35.32
CA ALA D 270 -18.59 -43.82 33.87
C ALA D 270 -19.98 -43.29 33.46
N ASP D 271 -20.94 -44.21 33.30
CA ASP D 271 -22.31 -43.85 33.05
C ASP D 271 -23.12 -44.30 34.24
N SER D 272 -23.71 -43.34 34.93
CA SER D 272 -24.44 -43.62 36.16
C SER D 272 -25.66 -42.72 36.21
N TYR D 273 -26.57 -43.01 37.13
CA TYR D 273 -27.74 -42.16 37.37
C TYR D 273 -27.36 -40.89 38.12
N MET D 274 -26.17 -40.87 38.72
CA MET D 274 -25.77 -39.75 39.58
C MET D 274 -25.94 -38.35 38.94
N PRO D 275 -25.51 -38.17 37.69
CA PRO D 275 -25.62 -36.87 37.03
C PRO D 275 -27.06 -36.37 36.90
N TYR D 276 -27.99 -37.30 36.73
CA TYR D 276 -29.39 -36.97 36.56
C TYR D 276 -30.13 -37.14 37.87
N LEU D 277 -29.42 -37.05 38.98
CA LEU D 277 -30.05 -37.25 40.27
C LEU D 277 -31.24 -36.34 40.41
N ILE D 278 -31.20 -35.19 39.74
CA ILE D 278 -32.25 -34.18 39.91
C ILE D 278 -33.47 -34.41 39.01
N ASP D 279 -33.22 -34.74 37.73
CA ASP D 279 -34.32 -34.95 36.75
C ASP D 279 -34.99 -36.34 36.71
N PHE D 280 -34.33 -37.37 37.22
CA PHE D 280 -35.01 -38.64 37.50
C PHE D 280 -35.68 -38.56 38.88
N GLY D 281 -35.57 -37.43 39.55
CA GLY D 281 -36.16 -37.25 40.86
C GLY D 281 -35.58 -38.13 41.97
N LEU D 282 -34.29 -38.43 41.90
CA LEU D 282 -33.64 -39.15 42.99
C LEU D 282 -33.38 -38.22 44.18
N SER D 283 -33.28 -36.93 43.91
CA SER D 283 -32.89 -35.94 44.92
C SER D 283 -33.71 -34.69 44.73
N SER D 284 -34.23 -34.15 45.83
CA SER D 284 -35.01 -32.91 45.78
C SER D 284 -34.15 -31.69 46.17
N LYS D 285 -32.91 -31.97 46.58
CA LYS D 285 -31.96 -30.95 46.98
C LYS D 285 -30.56 -31.50 46.76
N SER D 286 -29.92 -31.05 45.69
CA SER D 286 -28.62 -31.61 45.30
C SER D 286 -27.58 -31.20 46.30
N PRO D 287 -26.69 -32.13 46.65
CA PRO D 287 -25.55 -31.81 47.51
C PRO D 287 -24.34 -31.27 46.73
N TYR D 288 -24.48 -31.09 45.42
CA TYR D 288 -23.36 -30.64 44.58
C TYR D 288 -23.61 -29.23 44.04
N SER D 289 -24.74 -28.66 44.42
CA SER D 289 -25.16 -27.36 43.93
C SER D 289 -24.24 -26.27 44.42
N SER D 290 -24.27 -25.12 43.77
CA SER D 290 -23.47 -23.99 44.20
C SER D 290 -24.16 -23.27 45.34
N VAL D 291 -25.33 -23.74 45.72
CA VAL D 291 -26.16 -23.03 46.69
C VAL D 291 -25.98 -23.70 48.03
N LYS D 292 -25.51 -24.95 47.96
CA LYS D 292 -25.20 -25.74 49.15
C LYS D 292 -23.68 -25.79 49.33
N ASN D 293 -22.97 -25.22 48.36
CA ASN D 293 -21.51 -25.12 48.45
C ASN D 293 -21.02 -23.69 48.15
N PRO D 294 -21.61 -22.69 48.83
CA PRO D 294 -21.36 -21.28 48.50
C PRO D 294 -19.90 -20.91 48.66
N ALA D 295 -19.35 -21.19 49.84
CA ALA D 295 -17.94 -20.95 50.12
C ALA D 295 -17.07 -21.70 49.12
N PHE D 296 -17.29 -23.00 48.98
CA PHE D 296 -16.51 -23.68 47.99
C PHE D 296 -16.56 -22.98 46.64
N HIS D 297 -17.76 -22.85 46.11
CA HIS D 297 -17.97 -22.18 44.85
C HIS D 297 -17.23 -20.84 44.73
N PHE D 298 -17.45 -19.93 45.69
CA PHE D 298 -16.85 -18.61 45.64
C PHE D 298 -15.33 -18.73 45.60
N TRP D 299 -14.77 -19.51 46.50
CA TRP D 299 -13.31 -19.66 46.64
C TRP D 299 -12.73 -20.20 45.35
N GLY D 300 -13.26 -21.34 44.92
CA GLY D 300 -12.74 -22.01 43.74
C GLY D 300 -12.77 -21.12 42.52
N GLN D 301 -13.85 -20.36 42.41
CA GLN D 301 -14.07 -19.56 41.23
C GLN D 301 -13.20 -18.32 41.24
N LEU D 302 -13.17 -17.63 42.38
CA LEU D 302 -12.29 -16.48 42.57
C LEU D 302 -10.87 -16.87 42.23
N THR D 303 -10.44 -18.01 42.75
CA THR D 303 -9.11 -18.51 42.47
C THR D 303 -8.91 -18.67 40.98
N ALA D 304 -9.74 -19.50 40.38
CA ALA D 304 -9.64 -19.77 38.95
C ALA D 304 -9.50 -18.46 38.19
N LEU D 305 -10.27 -17.46 38.60
CA LEU D 305 -10.26 -16.17 37.93
C LEU D 305 -8.89 -15.46 37.98
N LEU D 306 -8.32 -15.30 39.17
CA LEU D 306 -6.98 -14.74 39.29
C LEU D 306 -5.99 -15.51 38.42
N LEU D 307 -6.31 -16.79 38.15
CA LEU D 307 -5.45 -17.67 37.37
C LEU D 307 -5.74 -17.67 35.87
N ARG D 308 -6.50 -16.67 35.45
CA ARG D 308 -6.72 -16.37 34.04
C ARG D 308 -7.87 -17.14 33.40
N SER D 309 -8.75 -17.69 34.24
CA SER D 309 -9.96 -18.41 33.75
C SER D 309 -10.88 -17.54 32.94
N THR D 310 -11.23 -17.99 31.74
CA THR D 310 -12.29 -17.30 30.99
C THR D 310 -13.69 -17.52 31.62
N ARG D 311 -14.12 -18.79 31.65
CA ARG D 311 -15.34 -19.22 32.34
C ARG D 311 -15.69 -18.48 33.67
N ALA D 312 -14.76 -18.40 34.59
CA ALA D 312 -15.08 -17.87 35.91
C ALA D 312 -15.39 -16.38 35.91
N ARG D 313 -15.02 -15.68 34.84
CA ARG D 313 -15.30 -14.26 34.71
C ARG D 313 -16.76 -13.95 35.11
N ASN D 314 -17.65 -14.89 34.84
CA ASN D 314 -19.10 -14.70 34.94
C ASN D 314 -19.83 -15.56 35.97
N ALA D 315 -19.08 -16.25 36.83
CA ALA D 315 -19.73 -17.01 37.87
C ALA D 315 -20.39 -16.04 38.82
N ARG D 316 -21.36 -16.51 39.57
CA ARG D 316 -22.10 -15.63 40.46
C ARG D 316 -21.51 -15.65 41.85
N GLN D 317 -21.46 -14.46 42.45
CA GLN D 317 -21.05 -14.29 43.83
C GLN D 317 -22.21 -14.68 44.73
N PRO D 318 -22.05 -15.78 45.48
CA PRO D 318 -23.07 -16.20 46.44
C PRO D 318 -23.16 -15.21 47.57
N ASP D 319 -24.24 -15.26 48.35
CA ASP D 319 -24.47 -14.31 49.43
C ASP D 319 -24.29 -15.05 50.75
N ASP D 320 -24.03 -14.28 51.80
CA ASP D 320 -23.89 -14.82 53.17
C ASP D 320 -22.76 -15.85 53.33
N ILE D 321 -21.64 -15.62 52.64
CA ILE D 321 -20.40 -16.35 52.87
C ILE D 321 -19.33 -15.40 53.43
N GLU D 322 -18.29 -15.93 54.05
CA GLU D 322 -17.31 -15.04 54.65
C GLU D 322 -16.28 -14.53 53.63
N TYR D 323 -16.59 -13.41 52.96
CA TYR D 323 -15.79 -12.92 51.83
C TYR D 323 -14.30 -12.65 52.08
N THR D 324 -13.94 -11.93 53.15
CA THR D 324 -12.53 -11.54 53.35
C THR D 324 -11.78 -12.61 54.09
N SER D 325 -11.90 -13.83 53.60
CA SER D 325 -11.11 -14.94 54.10
C SER D 325 -11.10 -15.89 52.97
N LEU D 326 -12.27 -16.07 52.38
CA LEU D 326 -12.32 -16.82 51.15
C LEU D 326 -11.42 -16.15 50.14
N THR D 327 -11.57 -14.84 49.94
CA THR D 327 -10.72 -14.06 49.04
C THR D 327 -9.24 -14.16 49.42
N THR D 328 -8.93 -13.82 50.67
CA THR D 328 -7.55 -13.89 51.11
C THR D 328 -6.93 -15.28 50.83
N ALA D 329 -7.73 -16.32 51.00
CA ALA D 329 -7.34 -17.70 50.77
C ALA D 329 -7.20 -18.02 49.29
N GLY D 330 -8.02 -17.35 48.49
CA GLY D 330 -7.97 -17.52 47.07
C GLY D 330 -6.79 -16.78 46.50
N LEU D 331 -6.51 -15.60 47.05
CA LEU D 331 -5.37 -14.82 46.58
C LEU D 331 -4.08 -15.62 46.77
N LEU D 332 -3.88 -16.15 47.97
CA LEU D 332 -2.69 -16.93 48.29
C LEU D 332 -2.52 -18.08 47.31
N TYR D 333 -3.50 -18.97 47.32
CA TYR D 333 -3.49 -20.13 46.43
C TYR D 333 -3.14 -19.73 45.00
N ALA D 334 -3.80 -18.69 44.52
CA ALA D 334 -3.56 -18.22 43.16
C ALA D 334 -2.17 -17.66 43.00
N TYR D 335 -1.74 -16.80 43.92
CA TYR D 335 -0.41 -16.20 43.87
C TYR D 335 0.69 -17.27 43.90
N ALA D 336 0.43 -18.35 44.61
CA ALA D 336 1.39 -19.44 44.69
C ALA D 336 1.55 -20.09 43.32
N VAL D 337 0.50 -20.76 42.88
CA VAL D 337 0.45 -21.32 41.53
C VAL D 337 0.97 -20.33 40.49
N GLY D 338 0.69 -19.06 40.73
CA GLY D 338 0.88 -18.06 39.69
C GLY D 338 2.31 -17.68 39.47
N SER D 339 3.03 -17.50 40.56
CA SER D 339 4.38 -16.96 40.55
C SER D 339 5.41 -18.04 40.34
N SER D 340 5.18 -19.22 40.89
CA SER D 340 6.08 -20.35 40.66
C SER D 340 5.49 -21.37 39.66
N ALA D 341 5.86 -21.23 38.38
CA ALA D 341 5.34 -22.09 37.31
C ALA D 341 5.86 -23.52 37.48
N ASP D 342 5.26 -24.48 36.79
CA ASP D 342 5.76 -25.87 36.83
C ASP D 342 7.11 -25.91 36.18
N LEU D 343 7.14 -25.99 34.85
CA LEU D 343 8.38 -25.87 34.10
C LEU D 343 9.38 -26.96 34.44
N ALA D 344 9.75 -27.74 33.43
CA ALA D 344 10.66 -28.86 33.64
C ALA D 344 10.89 -29.53 32.30
N GLN D 345 12.16 -29.70 31.93
CA GLN D 345 12.46 -30.26 30.61
C GLN D 345 11.74 -31.58 30.47
N GLN D 346 11.21 -31.84 29.27
CA GLN D 346 10.42 -33.04 29.01
C GLN D 346 11.08 -34.02 28.05
N PHE D 347 11.66 -33.49 26.96
CA PHE D 347 12.36 -34.28 25.94
C PHE D 347 13.81 -33.81 25.79
N CYS D 348 14.67 -34.63 25.17
CA CYS D 348 16.10 -34.31 25.08
C CYS D 348 16.90 -35.11 24.06
N VAL D 349 18.22 -35.01 24.14
CA VAL D 349 19.15 -35.83 23.35
C VAL D 349 20.43 -36.28 24.13
N GLY D 350 20.25 -37.04 25.21
CA GLY D 350 21.36 -37.41 26.07
C GLY D 350 21.80 -36.29 27.02
N ASP D 351 21.40 -35.05 26.68
CA ASP D 351 21.77 -33.84 27.43
C ASP D 351 20.53 -33.20 28.07
N ASN D 352 20.46 -33.22 29.40
CA ASN D 352 19.27 -32.73 30.11
C ASN D 352 19.50 -32.00 31.44
N LYS D 353 18.69 -30.97 31.72
CA LYS D 353 18.95 -30.16 32.92
C LYS D 353 18.70 -30.85 34.27
N TYR D 354 19.80 -31.15 34.96
CA TYR D 354 19.76 -31.57 36.36
C TYR D 354 19.38 -30.36 37.19
N THR D 355 18.10 -30.27 37.52
CA THR D 355 17.52 -29.08 38.13
C THR D 355 18.37 -28.37 39.20
N PRO D 356 18.87 -29.11 40.22
CA PRO D 356 19.66 -28.47 41.28
C PRO D 356 20.94 -27.78 40.83
N ASP D 357 21.26 -26.67 41.50
CA ASP D 357 22.47 -25.90 41.26
C ASP D 357 23.36 -25.83 42.51
N LEU D 363 17.16 -16.56 46.51
CA LEU D 363 17.01 -15.42 47.41
C LEU D 363 17.02 -15.90 48.85
N THR D 364 16.92 -14.97 49.80
CA THR D 364 16.93 -15.41 51.19
C THR D 364 15.64 -15.10 51.96
N THR D 365 15.66 -14.04 52.75
CA THR D 365 14.55 -13.77 53.66
C THR D 365 13.37 -13.15 52.92
N ASN D 366 12.17 -13.53 53.35
CA ASN D 366 10.90 -13.04 52.81
C ASN D 366 10.74 -13.32 51.32
N ALA D 367 11.73 -14.03 50.77
CA ALA D 367 11.60 -14.64 49.46
C ALA D 367 10.61 -15.81 49.60
N PRO D 368 9.54 -15.77 48.81
CA PRO D 368 8.40 -16.67 48.93
C PRO D 368 8.71 -18.06 48.39
N PRO D 369 8.14 -19.12 49.01
CA PRO D 369 8.53 -20.52 48.85
C PRO D 369 8.64 -21.02 47.42
N GLN D 370 9.30 -22.17 47.33
CA GLN D 370 9.81 -22.73 46.09
C GLN D 370 8.69 -23.23 45.19
N GLY D 371 8.09 -24.35 45.56
CA GLY D 371 7.08 -24.97 44.73
C GLY D 371 5.68 -24.58 45.13
N ARG D 372 4.79 -25.57 45.20
CA ARG D 372 3.40 -25.31 45.54
C ARG D 372 2.98 -26.06 46.78
N ASP D 373 3.81 -26.01 47.82
CA ASP D 373 3.40 -26.69 49.03
C ASP D 373 2.62 -25.78 49.97
N VAL D 374 1.49 -26.31 50.42
CA VAL D 374 0.58 -25.63 51.32
C VAL D 374 1.27 -25.21 52.63
N VAL D 375 2.10 -26.10 53.15
CA VAL D 375 2.74 -25.84 54.42
C VAL D 375 3.85 -24.85 54.21
N GLU D 376 4.59 -25.00 53.12
CA GLU D 376 5.68 -24.06 52.82
C GLU D 376 5.09 -22.67 52.72
N TRP D 377 3.97 -22.57 52.02
CA TRP D 377 3.34 -21.29 51.75
C TRP D 377 2.63 -20.72 52.96
N LEU D 378 1.77 -21.53 53.56
CA LEU D 378 1.11 -21.16 54.81
C LEU D 378 2.11 -20.59 55.86
N GLY D 379 3.24 -21.27 56.02
CA GLY D 379 4.28 -20.84 56.94
C GLY D 379 4.84 -19.51 56.51
N TRP D 380 5.12 -19.39 55.22
CA TRP D 380 5.60 -18.14 54.66
C TRP D 380 4.59 -17.02 54.85
N PHE D 381 3.31 -17.36 54.89
CA PHE D 381 2.26 -16.38 55.13
C PHE D 381 2.27 -15.98 56.61
N GLU D 382 2.26 -16.96 57.51
CA GLU D 382 2.51 -16.68 58.94
C GLU D 382 3.61 -15.64 59.02
N ASP D 383 4.65 -15.85 58.20
CA ASP D 383 5.82 -14.98 58.13
C ASP D 383 5.42 -13.56 57.82
N GLN D 384 4.67 -13.38 56.74
CA GLN D 384 4.30 -12.02 56.33
C GLN D 384 3.23 -11.36 57.18
N ASN D 385 3.17 -11.73 58.46
CA ASN D 385 2.14 -11.18 59.36
C ASN D 385 0.74 -11.64 59.00
N ARG D 386 0.66 -12.78 58.31
CA ARG D 386 -0.62 -13.30 57.82
C ARG D 386 -1.46 -12.19 57.21
N LYS D 387 -0.87 -11.52 56.22
CA LYS D 387 -1.46 -10.33 55.59
C LYS D 387 -0.83 -10.13 54.21
N PRO D 388 -1.66 -9.98 53.18
CA PRO D 388 -1.20 -9.94 51.78
C PRO D 388 -0.12 -8.88 51.49
N THR D 389 0.99 -9.35 50.91
CA THR D 389 2.12 -8.51 50.51
C THR D 389 1.75 -7.60 49.35
N PRO D 390 2.65 -6.66 49.02
CA PRO D 390 2.45 -5.77 47.86
C PRO D 390 2.68 -6.42 46.50
N ASP D 391 3.66 -7.31 46.31
CA ASP D 391 3.77 -7.97 45.01
C ASP D 391 2.57 -8.88 44.79
N MET D 392 2.14 -9.58 45.83
CA MET D 392 1.01 -10.48 45.65
C MET D 392 -0.29 -9.70 45.48
N MET D 393 -0.37 -8.54 46.12
CA MET D 393 -1.50 -7.66 45.86
C MET D 393 -1.39 -7.05 44.47
N GLN D 394 -0.16 -6.85 44.00
CA GLN D 394 0.05 -6.33 42.65
C GLN D 394 -0.39 -7.39 41.66
N TYR D 395 -0.19 -8.64 42.05
CA TYR D 395 -0.49 -9.77 41.18
C TYR D 395 -1.96 -9.78 40.85
N ALA D 396 -2.76 -9.64 41.91
CA ALA D 396 -4.22 -9.59 41.78
C ALA D 396 -4.64 -8.49 40.84
N LYS D 397 -3.98 -7.34 40.92
CA LYS D 397 -4.36 -6.19 40.11
C LYS D 397 -4.15 -6.45 38.62
N ARG D 398 -2.98 -6.99 38.27
CA ARG D 398 -2.70 -7.33 36.87
C ARG D 398 -3.72 -8.35 36.32
N ALA D 399 -4.15 -9.26 37.17
CA ALA D 399 -5.10 -10.29 36.75
C ALA D 399 -6.51 -9.77 36.51
N VAL D 400 -6.91 -8.68 37.16
CA VAL D 400 -8.29 -8.20 37.10
C VAL D 400 -8.48 -6.87 36.38
N MET D 401 -7.47 -6.00 36.40
CA MET D 401 -7.56 -4.80 35.57
C MET D 401 -7.72 -5.32 34.16
N SER D 402 -8.03 -4.44 33.21
CA SER D 402 -8.12 -4.90 31.81
C SER D 402 -9.17 -6.02 31.53
N LEU D 403 -9.92 -6.42 32.55
CA LEU D 403 -11.14 -7.22 32.34
C LEU D 403 -12.25 -6.29 31.91
N GLN D 404 -13.10 -6.72 30.99
CA GLN D 404 -14.24 -5.89 30.58
C GLN D 404 -15.50 -6.69 30.39
N GLY D 405 -16.63 -5.99 30.37
CA GLY D 405 -17.91 -6.63 30.10
C GLY D 405 -18.40 -7.41 31.30
N LEU D 406 -18.30 -6.79 32.46
CA LEU D 406 -18.54 -7.51 33.70
C LEU D 406 -19.99 -7.39 34.16
N ARG D 407 -20.66 -8.54 34.21
CA ARG D 407 -22.01 -8.60 34.74
C ARG D 407 -21.99 -8.29 36.24
N GLU D 408 -23.12 -7.89 36.80
CA GLU D 408 -23.12 -7.49 38.20
C GLU D 408 -23.47 -8.67 39.09
N LYS D 409 -23.00 -8.62 40.34
CA LYS D 409 -23.12 -9.78 41.25
C LYS D 409 -22.43 -11.03 40.67
N THR D 410 -21.27 -10.85 40.03
CA THR D 410 -20.45 -11.99 39.61
C THR D 410 -19.17 -11.98 40.42
N ILE D 411 -18.45 -13.10 40.45
CA ILE D 411 -17.18 -13.09 41.15
C ILE D 411 -16.19 -12.34 40.25
N GLY D 412 -16.51 -12.24 38.96
CA GLY D 412 -15.72 -11.41 38.09
C GLY D 412 -15.81 -9.95 38.48
N LYS D 413 -17.02 -9.45 38.63
CA LYS D 413 -17.21 -8.06 39.03
C LYS D 413 -16.62 -7.84 40.41
N TYR D 414 -16.70 -8.87 41.24
CA TYR D 414 -16.24 -8.72 42.60
C TYR D 414 -14.77 -8.41 42.59
N ALA D 415 -14.03 -9.26 41.87
CA ALA D 415 -12.58 -9.26 41.89
C ALA D 415 -11.97 -7.98 41.33
N LYS D 416 -12.58 -7.43 40.28
CA LYS D 416 -12.09 -6.15 39.78
C LYS D 416 -12.24 -5.04 40.83
N SER D 417 -13.39 -5.03 41.49
CA SER D 417 -13.64 -4.03 42.52
C SER D 417 -12.70 -4.15 43.72
N GLU D 418 -12.30 -5.38 44.02
CA GLU D 418 -11.48 -5.63 45.20
C GLU D 418 -10.00 -5.36 44.94
N PHE D 419 -9.56 -5.58 43.71
CA PHE D 419 -8.14 -5.50 43.38
C PHE D 419 -7.70 -4.40 42.40
N ASP D 420 -8.60 -3.90 41.57
CA ASP D 420 -8.27 -2.84 40.60
C ASP D 420 -8.52 -1.43 41.14
N LYS D 421 -7.43 -0.84 41.65
CA LYS D 421 -7.40 0.53 42.14
C LYS D 421 -6.06 0.71 42.88
N SER E 1 40.63 25.58 -12.58
CA SER E 1 39.33 24.97 -12.91
C SER E 1 38.88 25.19 -14.40
N VAL E 2 39.79 25.08 -15.37
CA VAL E 2 39.41 25.07 -16.81
C VAL E 2 39.96 23.84 -17.55
N THR E 3 39.76 22.67 -16.95
CA THR E 3 40.21 21.38 -17.50
C THR E 3 40.04 20.27 -16.46
N VAL E 4 39.11 19.36 -16.73
CA VAL E 4 38.68 18.38 -15.75
C VAL E 4 39.03 16.99 -16.24
N LYS E 5 39.24 16.04 -15.33
CA LYS E 5 39.54 14.67 -15.74
C LYS E 5 38.96 13.64 -14.80
N ARG E 6 38.47 12.55 -15.36
CA ARG E 6 37.98 11.43 -14.57
C ARG E 6 39.15 10.78 -13.84
N ILE E 7 39.11 10.79 -12.51
CA ILE E 7 40.29 10.31 -11.78
C ILE E 7 40.42 8.80 -11.75
N ILE E 8 39.66 8.09 -12.57
CA ILE E 8 39.77 6.63 -12.55
C ILE E 8 40.45 6.10 -13.80
N ASP E 9 40.15 6.70 -14.94
CA ASP E 9 40.74 6.26 -16.19
C ASP E 9 41.52 7.41 -16.82
N ASN E 10 41.78 8.41 -16.00
CA ASN E 10 42.43 9.65 -16.44
C ASN E 10 42.07 10.09 -17.87
N THR E 11 40.79 10.29 -18.13
CA THR E 11 40.37 10.88 -19.39
C THR E 11 39.73 12.27 -19.23
N VAL E 12 39.82 13.07 -20.29
CA VAL E 12 39.25 14.40 -20.28
C VAL E 12 37.73 14.36 -20.44
N ILE E 13 37.05 15.18 -19.65
CA ILE E 13 35.63 15.43 -19.85
C ILE E 13 35.48 16.95 -19.98
N VAL E 14 34.55 17.40 -20.83
CA VAL E 14 34.46 18.83 -21.08
C VAL E 14 33.11 19.37 -20.65
N PRO E 15 32.93 19.58 -19.34
CA PRO E 15 31.71 20.19 -18.83
C PRO E 15 31.29 21.42 -19.63
N LYS E 16 30.24 21.25 -20.42
CA LYS E 16 29.64 22.34 -21.15
C LYS E 16 28.14 22.21 -20.92
N LEU E 17 27.39 23.27 -21.17
CA LEU E 17 25.92 23.21 -21.05
C LEU E 17 25.20 24.24 -21.94
N PRO E 18 23.97 23.89 -22.42
CA PRO E 18 23.17 24.66 -23.39
C PRO E 18 23.26 26.17 -23.27
N ALA E 19 23.42 26.84 -24.41
CA ALA E 19 23.62 28.28 -24.42
C ALA E 19 22.32 29.03 -24.16
N ASN E 20 22.43 30.16 -23.47
CA ASN E 20 21.32 31.10 -23.31
C ASN E 20 21.71 32.42 -23.95
N GLU E 21 20.75 33.07 -24.60
CA GLU E 21 21.09 34.21 -25.43
C GLU E 21 20.39 35.49 -25.02
N ASP E 22 19.42 35.89 -25.83
CA ASP E 22 18.84 37.24 -25.79
C ASP E 22 19.56 38.23 -24.88
N PRO E 23 20.53 38.95 -25.45
CA PRO E 23 21.17 40.11 -24.82
C PRO E 23 20.13 41.19 -24.55
N VAL E 24 20.51 42.19 -23.76
CA VAL E 24 19.63 43.32 -23.52
C VAL E 24 19.84 44.34 -24.63
N GLU E 25 19.07 45.41 -24.59
CA GLU E 25 19.14 46.45 -25.60
C GLU E 25 18.89 47.79 -24.95
N TYR E 26 19.92 48.62 -24.91
CA TYR E 26 19.78 49.92 -24.27
C TYR E 26 19.15 50.91 -25.23
N PRO E 27 18.36 51.87 -24.69
CA PRO E 27 17.77 52.94 -25.50
C PRO E 27 18.80 53.63 -26.37
N ALA E 28 19.60 54.49 -25.77
CA ALA E 28 20.66 55.19 -26.50
C ALA E 28 21.33 54.38 -27.62
N ASP E 29 21.94 53.25 -27.27
CA ASP E 29 22.70 52.42 -28.22
C ASP E 29 21.69 51.87 -29.28
N TYR E 30 20.80 52.75 -29.77
CA TYR E 30 19.79 52.48 -30.81
C TYR E 30 19.40 53.73 -31.63
N PHE E 31 19.47 54.91 -31.00
CA PHE E 31 19.33 56.18 -31.71
C PHE E 31 20.63 56.42 -32.50
N ARG E 32 21.44 55.37 -32.56
CA ARG E 32 22.59 55.33 -33.45
C ARG E 32 22.12 54.77 -34.80
N LYS E 33 20.97 54.09 -34.80
CA LYS E 33 20.26 53.72 -36.02
C LYS E 33 19.35 54.87 -36.49
N SER E 34 18.04 54.71 -36.24
CA SER E 34 17.06 55.74 -36.62
C SER E 34 17.20 56.98 -35.75
N LYS E 35 16.53 58.05 -36.15
CA LYS E 35 16.53 59.27 -35.33
C LYS E 35 15.11 59.84 -35.18
N GLU E 36 14.12 58.97 -35.31
CA GLU E 36 12.72 59.32 -35.10
C GLU E 36 11.91 58.09 -34.68
N ILE E 37 10.88 58.30 -33.87
CA ILE E 37 9.96 57.21 -33.55
C ILE E 37 8.75 57.21 -34.50
N PRO E 38 8.71 56.24 -35.41
CA PRO E 38 7.70 56.20 -36.48
C PRO E 38 6.31 55.73 -36.03
N LEU E 39 5.35 56.64 -35.91
CA LEU E 39 3.98 56.27 -35.53
C LEU E 39 3.14 56.06 -36.77
N TYR E 40 2.97 54.81 -37.19
CA TYR E 40 2.08 54.55 -38.33
C TYR E 40 0.61 54.56 -37.94
N ILE E 41 0.02 55.75 -37.94
CA ILE E 41 -1.44 55.82 -37.97
C ILE E 41 -1.83 55.98 -39.41
N ASN E 42 -2.12 54.85 -40.06
CA ASN E 42 -2.58 54.87 -41.44
C ASN E 42 -3.91 55.61 -41.53
N THR E 43 -4.79 55.08 -42.37
CA THR E 43 -6.17 55.55 -42.43
C THR E 43 -6.35 56.86 -41.65
N THR E 44 -6.22 57.97 -42.37
CA THR E 44 -6.67 59.28 -41.89
C THR E 44 -7.97 59.63 -42.64
N LYS E 45 -9.11 59.36 -42.00
CA LYS E 45 -10.43 59.55 -42.58
C LYS E 45 -11.15 60.72 -41.91
N SER E 46 -12.23 60.44 -41.19
CA SER E 46 -13.04 61.52 -40.61
C SER E 46 -13.19 61.34 -39.11
N LEU E 47 -13.09 62.45 -38.35
CA LEU E 47 -13.23 62.37 -36.90
C LEU E 47 -14.64 61.94 -36.47
N SER E 48 -15.65 62.65 -36.93
CA SER E 48 -17.03 62.28 -36.61
C SER E 48 -17.33 60.84 -37.06
N ASP E 49 -16.78 60.47 -38.21
CA ASP E 49 -16.93 59.12 -38.71
C ASP E 49 -16.31 58.13 -37.74
N LEU E 50 -15.10 58.44 -37.29
CA LEU E 50 -14.31 57.58 -36.39
C LEU E 50 -14.92 57.44 -35.00
N ARG E 51 -15.29 58.57 -34.41
CA ARG E 51 -16.04 58.59 -33.16
C ARG E 51 -17.17 57.56 -33.16
N GLY E 52 -17.79 57.39 -34.33
CA GLY E 52 -18.78 56.35 -34.54
C GLY E 52 -18.24 54.92 -34.59
N TYR E 53 -17.32 54.65 -35.51
CA TYR E 53 -16.86 53.28 -35.72
C TYR E 53 -16.60 52.59 -34.39
N VAL E 54 -16.01 53.34 -33.47
CA VAL E 54 -15.65 52.78 -32.17
C VAL E 54 -16.78 52.89 -31.14
N TYR E 55 -17.41 54.06 -31.02
CA TYR E 55 -18.46 54.18 -30.02
C TYR E 55 -19.37 52.96 -30.13
N GLN E 56 -19.78 52.67 -31.34
CA GLN E 56 -20.58 51.48 -31.61
C GLN E 56 -19.66 50.27 -31.54
N GLY E 57 -18.62 50.26 -32.37
CA GLY E 57 -17.69 49.15 -32.41
C GLY E 57 -17.34 48.55 -31.05
N LEU E 58 -17.32 49.41 -30.02
CA LEU E 58 -17.05 48.97 -28.65
C LEU E 58 -18.19 48.10 -28.08
N LYS E 59 -19.38 48.67 -27.99
CA LYS E 59 -20.60 47.88 -27.78
C LYS E 59 -20.69 46.73 -28.77
N SER E 60 -20.03 45.62 -28.45
CA SER E 60 -19.89 44.50 -29.37
C SER E 60 -18.46 43.97 -29.40
N GLY E 61 -18.33 42.66 -29.26
CA GLY E 61 -17.05 42.05 -29.00
C GLY E 61 -16.10 42.16 -30.18
N ASN E 62 -15.90 43.39 -30.65
CA ASN E 62 -15.11 43.63 -31.86
C ASN E 62 -14.98 45.11 -32.20
N VAL E 63 -13.77 45.54 -32.52
CA VAL E 63 -13.51 46.89 -32.99
C VAL E 63 -12.09 46.86 -33.48
N SER E 64 -11.85 47.45 -34.65
CA SER E 64 -10.52 47.36 -35.23
C SER E 64 -9.57 48.23 -34.45
N ILE E 65 -8.52 47.62 -33.92
CA ILE E 65 -7.50 48.41 -33.25
C ILE E 65 -7.10 49.58 -34.16
N ILE E 66 -7.00 49.31 -35.46
CA ILE E 66 -6.52 50.34 -36.40
C ILE E 66 -7.47 51.54 -36.44
N HIS E 67 -8.69 51.35 -35.95
CA HIS E 67 -9.66 52.44 -35.85
C HIS E 67 -9.39 53.31 -34.62
N VAL E 68 -9.36 52.67 -33.46
CA VAL E 68 -9.06 53.36 -32.21
C VAL E 68 -7.78 54.22 -32.26
N ASN E 69 -6.72 53.71 -32.92
CA ASN E 69 -5.50 54.48 -33.14
C ASN E 69 -5.77 55.83 -33.81
N SER E 70 -6.39 55.75 -34.99
CA SER E 70 -6.79 56.92 -35.74
C SER E 70 -7.74 57.84 -34.96
N TYR E 71 -8.71 57.26 -34.26
CA TYR E 71 -9.60 58.08 -33.42
C TYR E 71 -8.80 58.87 -32.40
N LEU E 72 -7.89 58.17 -31.72
CA LEU E 72 -7.04 58.81 -30.73
C LEU E 72 -6.21 59.93 -31.36
N TYR E 73 -5.51 59.64 -32.45
CA TYR E 73 -4.85 60.70 -33.20
C TYR E 73 -5.85 61.84 -33.35
N GLY E 74 -7.09 61.48 -33.67
CA GLY E 74 -8.15 62.45 -33.80
C GLY E 74 -8.26 63.44 -32.66
N ALA E 75 -8.78 62.98 -31.52
CA ALA E 75 -9.05 63.85 -30.37
C ALA E 75 -7.80 64.53 -29.84
N LEU E 76 -6.67 63.86 -30.03
CA LEU E 76 -5.41 64.32 -29.44
C LEU E 76 -4.50 65.03 -30.44
N LYS E 77 -4.93 66.21 -30.90
CA LYS E 77 -3.97 67.21 -31.36
C LYS E 77 -4.33 68.52 -30.71
N ASP E 78 -4.89 68.40 -29.52
CA ASP E 78 -4.74 69.43 -28.52
C ASP E 78 -3.24 69.76 -28.41
N ILE E 79 -2.79 70.61 -29.33
CA ILE E 79 -1.41 71.06 -29.40
C ILE E 79 -1.02 71.60 -28.01
N ARG E 80 -2.03 71.95 -27.21
CA ARG E 80 -1.88 72.58 -25.89
C ARG E 80 -0.60 72.18 -25.14
N GLY E 81 0.42 73.03 -25.17
CA GLY E 81 1.66 72.78 -24.46
C GLY E 81 2.76 73.80 -24.70
N LYS E 82 2.92 74.73 -23.76
CA LYS E 82 3.95 75.77 -23.86
C LYS E 82 5.25 75.42 -23.12
N LEU E 83 6.23 74.91 -23.87
CA LEU E 83 7.50 74.43 -23.32
C LEU E 83 8.27 75.52 -22.60
N ASP E 84 7.96 75.71 -21.32
CA ASP E 84 8.62 76.74 -20.50
C ASP E 84 10.07 76.38 -20.13
N LYS E 85 10.76 75.71 -21.05
CA LYS E 85 12.14 75.28 -20.84
C LYS E 85 12.78 74.95 -22.18
N ASP E 86 13.59 73.90 -22.17
CA ASP E 86 14.09 73.29 -23.42
C ASP E 86 13.62 71.83 -23.44
N TRP E 87 14.19 71.03 -24.35
CA TRP E 87 13.81 69.62 -24.43
C TRP E 87 14.55 68.83 -25.52
N SER E 88 15.62 68.15 -25.13
CA SER E 88 16.28 67.18 -26.00
C SER E 88 16.27 65.80 -25.33
N SER E 89 17.03 64.87 -25.88
CA SER E 89 17.10 63.51 -25.36
C SER E 89 17.62 62.59 -26.43
N PHE E 90 18.86 62.14 -26.24
CA PHE E 90 19.49 61.18 -27.14
C PHE E 90 19.91 61.81 -28.48
N GLY E 91 19.91 63.15 -28.52
CA GLY E 91 20.20 63.87 -29.76
C GLY E 91 18.97 64.54 -30.34
N ILE E 92 17.83 63.82 -30.27
CA ILE E 92 16.54 64.31 -30.74
C ILE E 92 16.02 65.57 -30.01
N ASN E 93 15.79 66.64 -30.78
CA ASN E 93 15.20 67.87 -30.22
C ASN E 93 13.68 67.79 -30.24
N ILE E 94 13.02 68.55 -29.37
CA ILE E 94 11.56 68.48 -29.26
C ILE E 94 10.91 69.86 -29.08
N GLY E 95 11.75 70.87 -28.81
CA GLY E 95 11.25 72.24 -28.64
C GLY E 95 12.22 73.12 -27.89
N LYS E 96 12.06 74.43 -28.03
CA LYS E 96 12.87 75.40 -27.28
C LYS E 96 11.98 76.28 -26.41
N ALA E 97 12.58 77.29 -25.78
CA ALA E 97 11.83 78.21 -24.91
C ALA E 97 10.57 78.78 -25.58
N GLY E 98 9.46 78.80 -24.83
CA GLY E 98 8.21 79.36 -25.32
C GLY E 98 7.48 78.49 -26.32
N ASP E 99 8.26 77.91 -27.25
CA ASP E 99 7.81 76.94 -28.25
C ASP E 99 6.50 76.22 -27.86
N THR E 100 5.59 76.08 -28.82
CA THR E 100 4.41 75.28 -28.60
C THR E 100 4.56 73.93 -29.32
N ILE E 101 3.98 72.89 -28.72
CA ILE E 101 4.11 71.53 -29.24
C ILE E 101 2.98 70.64 -28.73
N GLY E 102 2.61 69.64 -29.53
CA GLY E 102 1.56 68.70 -29.18
C GLY E 102 2.06 67.30 -28.86
N ILE E 103 1.12 66.44 -28.47
CA ILE E 103 1.46 65.09 -28.05
C ILE E 103 2.31 64.37 -29.10
N PHE E 104 2.07 64.67 -30.38
CA PHE E 104 2.63 63.88 -31.47
C PHE E 104 3.85 64.48 -32.17
N ASP E 105 4.47 65.46 -31.52
CA ASP E 105 5.73 65.98 -32.02
C ASP E 105 6.81 64.93 -31.79
N LEU E 106 6.39 63.68 -31.98
CA LEU E 106 7.23 62.50 -31.91
C LEU E 106 6.87 61.58 -33.10
N VAL E 107 6.82 62.21 -34.27
CA VAL E 107 7.11 61.63 -35.60
C VAL E 107 6.07 60.74 -36.36
N SER E 108 5.00 61.36 -36.85
CA SER E 108 3.87 60.64 -37.48
C SER E 108 4.01 60.24 -38.96
N LEU E 109 3.78 58.96 -39.25
CA LEU E 109 3.76 58.45 -40.63
C LEU E 109 2.41 57.76 -40.89
N LYS E 110 2.25 57.23 -42.11
CA LYS E 110 1.00 56.56 -42.52
C LYS E 110 1.27 55.28 -43.36
N ALA E 111 0.25 54.44 -43.55
CA ALA E 111 0.43 53.23 -44.38
C ALA E 111 -0.83 52.47 -44.88
N LEU E 112 -0.79 51.14 -44.72
CA LEU E 112 -1.57 50.16 -45.52
C LEU E 112 -3.10 50.37 -45.60
N ASP E 113 -3.72 49.71 -46.59
CA ASP E 113 -5.01 50.13 -47.15
C ASP E 113 -6.30 49.46 -46.62
N GLY E 114 -6.17 48.54 -45.68
CA GLY E 114 -7.32 47.84 -45.13
C GLY E 114 -8.15 48.66 -44.15
N VAL E 115 -9.43 48.82 -44.49
CA VAL E 115 -10.38 49.53 -43.61
C VAL E 115 -11.72 48.80 -43.59
N LEU E 116 -12.40 48.81 -42.45
CA LEU E 116 -13.63 48.03 -42.31
C LEU E 116 -14.93 48.82 -42.64
N PRO E 117 -15.50 49.59 -41.68
CA PRO E 117 -16.73 50.31 -42.08
C PRO E 117 -16.50 51.56 -42.94
N ASP E 118 -17.60 52.14 -43.44
CA ASP E 118 -17.55 53.28 -44.35
C ASP E 118 -18.49 54.41 -43.91
N GLY E 119 -17.97 55.64 -43.93
CA GLY E 119 -18.73 56.82 -43.58
C GLY E 119 -19.45 56.80 -42.24
N VAL E 120 -20.79 56.90 -42.31
CA VAL E 120 -21.68 57.01 -41.13
C VAL E 120 -22.01 55.66 -40.45
N SER E 121 -21.25 55.30 -39.40
CA SER E 121 -21.52 54.09 -38.60
C SER E 121 -22.50 54.41 -37.47
N ASP E 122 -23.61 55.06 -37.84
CA ASP E 122 -24.58 55.61 -36.90
C ASP E 122 -24.16 56.99 -36.42
N ALA E 123 -24.70 58.02 -37.07
CA ALA E 123 -24.30 59.40 -36.80
C ALA E 123 -24.54 59.84 -35.35
N SER E 124 -25.11 58.93 -34.55
CA SER E 124 -25.59 59.23 -33.20
C SER E 124 -24.71 60.16 -32.34
N ARG E 125 -23.40 59.89 -32.35
CA ARG E 125 -22.46 60.51 -31.38
C ARG E 125 -22.13 61.98 -31.56
N THR E 126 -22.37 62.74 -30.50
CA THR E 126 -22.01 64.16 -30.42
C THR E 126 -20.52 64.32 -30.05
N SER E 127 -20.06 65.56 -29.95
CA SER E 127 -18.66 65.84 -29.58
C SER E 127 -18.37 65.67 -28.07
N ALA E 128 -19.24 64.94 -27.37
CA ALA E 128 -18.88 64.33 -26.10
C ALA E 128 -17.75 63.37 -26.46
N ASP E 129 -16.53 63.91 -26.47
CA ASP E 129 -15.45 63.37 -27.28
C ASP E 129 -14.09 63.51 -26.60
N ASP E 130 -13.32 64.51 -27.03
CA ASP E 130 -12.00 64.81 -26.48
C ASP E 130 -12.09 65.04 -24.96
N LYS E 131 -13.18 64.56 -24.38
CA LYS E 131 -13.47 64.78 -22.98
C LYS E 131 -13.25 63.49 -22.21
N TRP E 132 -13.67 62.37 -22.80
CA TRP E 132 -13.69 61.13 -22.05
C TRP E 132 -13.37 59.88 -22.85
N LEU E 133 -13.82 59.83 -24.10
CA LEU E 133 -13.56 58.63 -24.93
C LEU E 133 -12.05 58.33 -25.08
N PRO E 134 -11.22 59.37 -25.33
CA PRO E 134 -9.79 59.05 -25.41
C PRO E 134 -9.31 58.42 -24.10
N LEU E 135 -9.74 58.97 -22.96
CA LEU E 135 -9.34 58.45 -21.65
C LEU E 135 -9.69 56.98 -21.52
N TYR E 136 -10.95 56.67 -21.77
CA TYR E 136 -11.40 55.29 -21.73
C TYR E 136 -10.42 54.42 -22.51
N LEU E 137 -10.32 54.69 -23.81
CA LEU E 137 -9.48 53.91 -24.72
C LEU E 137 -8.08 53.71 -24.18
N LEU E 138 -7.53 54.75 -23.57
CA LEU E 138 -6.21 54.63 -22.98
C LEU E 138 -6.31 53.80 -21.71
N GLY E 139 -7.25 54.17 -20.85
CA GLY E 139 -7.48 53.45 -19.60
C GLY E 139 -7.53 51.94 -19.77
N LEU E 140 -8.06 51.49 -20.89
CA LEU E 140 -8.17 50.06 -21.17
C LEU E 140 -6.80 49.37 -21.25
N TYR E 141 -5.81 50.09 -21.75
CA TYR E 141 -4.44 49.58 -21.82
C TYR E 141 -3.97 49.08 -20.45
N ARG E 142 -4.24 49.88 -19.41
CA ARG E 142 -3.92 49.50 -18.04
C ARG E 142 -4.62 48.20 -17.63
N VAL E 143 -5.94 48.16 -17.82
CA VAL E 143 -6.72 46.98 -17.46
C VAL E 143 -6.26 45.75 -18.26
N GLY E 144 -5.70 46.00 -19.45
CA GLY E 144 -5.26 44.92 -20.32
C GLY E 144 -4.17 44.07 -19.72
N ARG E 145 -3.22 44.73 -19.05
CA ARG E 145 -2.02 44.07 -18.50
C ARG E 145 -2.26 43.14 -17.28
N THR E 146 -3.39 43.35 -16.60
CA THR E 146 -3.68 42.73 -15.30
C THR E 146 -3.95 41.20 -15.29
N GLN E 147 -4.02 40.63 -14.09
CA GLN E 147 -4.18 39.19 -13.90
C GLN E 147 -5.39 38.75 -13.03
N MET E 148 -5.55 39.38 -11.86
CA MET E 148 -6.48 38.94 -10.80
C MET E 148 -7.65 39.94 -10.58
N PRO E 149 -8.64 39.62 -9.71
CA PRO E 149 -9.78 40.51 -9.38
C PRO E 149 -9.37 41.95 -9.13
N GLU E 150 -8.11 42.23 -9.41
CA GLU E 150 -7.59 43.58 -9.57
C GLU E 150 -8.05 44.13 -10.92
N TYR E 151 -8.38 43.23 -11.85
CA TYR E 151 -8.97 43.65 -13.13
C TYR E 151 -10.26 44.40 -12.89
N ARG E 152 -11.19 43.73 -12.23
CA ARG E 152 -12.51 44.32 -12.00
C ARG E 152 -12.40 45.41 -10.92
N LYS E 153 -11.24 45.47 -10.28
CA LYS E 153 -10.91 46.59 -9.40
C LYS E 153 -10.37 47.74 -10.22
N LYS E 154 -9.39 47.43 -11.06
CA LYS E 154 -8.74 48.41 -11.93
C LYS E 154 -9.78 49.10 -12.81
N LEU E 155 -10.78 48.33 -13.26
CA LEU E 155 -11.85 48.85 -14.10
C LEU E 155 -12.87 49.66 -13.30
N MET E 156 -13.51 49.02 -12.32
CA MET E 156 -14.56 49.65 -11.52
C MET E 156 -14.17 51.07 -11.13
N ASP E 157 -12.90 51.24 -10.78
CA ASP E 157 -12.38 52.54 -10.39
C ASP E 157 -12.09 53.36 -11.66
N GLY E 158 -11.48 52.70 -12.65
CA GLY E 158 -11.13 53.32 -13.91
C GLY E 158 -12.36 53.56 -14.78
N LEU E 159 -13.53 53.57 -14.15
CA LEU E 159 -14.78 53.87 -14.82
C LEU E 159 -15.54 55.01 -14.11
N THR E 160 -15.23 55.22 -12.83
CA THR E 160 -15.76 56.41 -12.14
C THR E 160 -14.89 57.62 -12.52
N ASN E 161 -13.94 57.35 -13.41
CA ASN E 161 -13.00 58.38 -13.86
C ASN E 161 -13.50 59.20 -15.04
N GLN E 162 -14.36 58.61 -15.86
CA GLN E 162 -14.97 59.33 -16.98
C GLN E 162 -16.18 60.03 -16.39
N CYS E 163 -16.88 59.30 -15.52
CA CYS E 163 -18.02 59.86 -14.79
C CYS E 163 -17.73 61.30 -14.36
N LYS E 164 -16.44 61.63 -14.27
CA LYS E 164 -15.98 62.97 -13.95
C LYS E 164 -16.32 63.91 -15.12
N MET E 165 -17.05 64.97 -14.83
CA MET E 165 -17.43 65.94 -15.84
C MET E 165 -18.54 65.40 -16.74
N ILE E 166 -18.75 64.08 -16.67
CA ILE E 166 -18.90 63.28 -17.88
C ILE E 166 -20.13 62.37 -17.77
N ASN E 167 -19.95 61.21 -17.14
CA ASN E 167 -20.97 60.63 -16.29
C ASN E 167 -21.91 59.70 -17.06
N GLU E 168 -21.49 58.44 -17.21
CA GLU E 168 -22.44 57.34 -17.38
C GLU E 168 -21.71 56.02 -17.56
N GLN E 169 -22.48 54.95 -17.74
CA GLN E 169 -22.08 53.64 -17.25
C GLN E 169 -21.67 52.72 -18.40
N PHE E 170 -20.37 52.65 -18.66
CA PHE E 170 -19.75 51.43 -19.23
C PHE E 170 -19.81 51.25 -20.76
N GLU E 171 -19.41 50.08 -21.26
CA GLU E 171 -19.31 49.87 -22.72
C GLU E 171 -19.12 48.44 -23.28
N PRO E 172 -17.95 47.79 -23.07
CA PRO E 172 -17.90 46.41 -23.58
C PRO E 172 -18.84 45.49 -22.80
N LEU E 173 -18.39 44.29 -22.47
CA LEU E 173 -19.33 43.27 -22.00
C LEU E 173 -18.65 42.10 -21.28
N VAL E 174 -17.90 41.31 -22.05
CA VAL E 174 -17.15 40.16 -21.54
C VAL E 174 -16.06 40.59 -20.57
N PRO E 175 -16.20 40.24 -19.27
CA PRO E 175 -15.26 40.65 -18.21
C PRO E 175 -13.80 40.71 -18.68
N GLU E 176 -13.12 39.57 -18.69
CA GLU E 176 -11.75 39.50 -19.22
C GLU E 176 -11.24 38.08 -19.53
N GLY E 177 -10.07 37.77 -18.97
CA GLY E 177 -9.34 36.54 -19.23
C GLY E 177 -8.00 36.82 -19.90
N ARG E 178 -7.70 38.10 -20.08
CA ARG E 178 -6.61 38.52 -20.96
C ARG E 178 -6.99 38.19 -22.40
N ASP E 179 -8.07 38.81 -22.92
CA ASP E 179 -8.57 38.53 -24.27
C ASP E 179 -9.23 39.66 -25.08
N ILE E 180 -10.22 40.31 -24.50
CA ILE E 180 -11.17 41.13 -25.27
C ILE E 180 -10.53 42.27 -26.09
N PHE E 181 -10.07 43.29 -25.35
CA PHE E 181 -9.34 44.45 -25.84
C PHE E 181 -7.91 44.32 -25.31
N ASP E 182 -7.63 43.15 -24.75
CA ASP E 182 -6.34 42.87 -24.14
C ASP E 182 -5.33 42.59 -25.23
N VAL E 183 -5.78 42.70 -26.48
CA VAL E 183 -4.89 42.50 -27.61
C VAL E 183 -4.10 43.79 -27.86
N TRP E 184 -4.79 44.91 -27.60
CA TRP E 184 -4.30 46.25 -27.94
C TRP E 184 -2.84 46.43 -27.57
N GLY E 185 -2.45 45.86 -26.45
CA GLY E 185 -1.07 45.91 -26.01
C GLY E 185 -0.12 45.41 -27.07
N ASN E 186 -0.48 44.35 -27.77
CA ASN E 186 0.37 43.81 -28.82
C ASN E 186 0.41 44.67 -30.09
N ASP E 187 -0.28 45.80 -30.10
CA ASP E 187 -0.28 46.66 -31.29
C ASP E 187 0.75 47.77 -31.24
N SER E 188 1.84 47.56 -31.98
CA SER E 188 3.00 48.47 -32.00
C SER E 188 2.68 49.97 -32.05
N ASN E 189 1.68 50.33 -32.84
CA ASN E 189 1.32 51.72 -33.09
C ASN E 189 0.43 52.30 -31.98
N TYR E 190 -0.24 51.41 -31.26
CA TYR E 190 -1.06 51.75 -30.10
C TYR E 190 -0.20 52.08 -28.88
N THR E 191 0.68 51.14 -28.49
CA THR E 191 1.60 51.39 -27.40
C THR E 191 2.26 52.74 -27.68
N LYS E 192 2.84 52.86 -28.87
CA LYS E 192 3.50 54.09 -29.30
C LYS E 192 2.69 55.34 -28.95
N ILE E 193 1.38 55.18 -28.85
CA ILE E 193 0.53 56.31 -28.51
C ILE E 193 0.49 56.52 -27.00
N VAL E 194 0.18 55.45 -26.25
CA VAL E 194 0.04 55.60 -24.81
C VAL E 194 1.32 56.21 -24.28
N ALA E 195 2.44 55.81 -24.86
CA ALA E 195 3.74 56.32 -24.44
C ALA E 195 3.91 57.81 -24.69
N ALA E 196 3.46 58.28 -25.85
CA ALA E 196 3.50 59.70 -26.15
C ALA E 196 2.59 60.53 -25.23
N VAL E 197 1.38 60.05 -24.96
CA VAL E 197 0.49 60.72 -24.01
C VAL E 197 1.15 60.84 -22.62
N ASP E 198 1.52 59.71 -22.03
CA ASP E 198 2.15 59.71 -20.73
C ASP E 198 3.34 60.66 -20.69
N MET E 199 4.26 60.49 -21.64
CA MET E 199 5.46 61.30 -21.70
C MET E 199 5.18 62.78 -21.90
N PHE E 200 4.09 63.08 -22.60
CA PHE E 200 3.68 64.45 -22.80
C PHE E 200 3.14 65.02 -21.48
N PHE E 201 2.16 64.33 -20.90
CA PHE E 201 1.54 64.78 -19.66
C PHE E 201 2.42 64.54 -18.45
N HIS E 202 3.60 63.98 -18.68
CA HIS E 202 4.60 64.02 -17.64
C HIS E 202 5.28 65.38 -17.67
N MET E 203 5.52 65.88 -18.88
CA MET E 203 6.15 67.18 -19.07
C MET E 203 5.25 68.33 -18.64
N PHE E 204 3.98 68.24 -18.99
CA PHE E 204 2.99 69.25 -18.62
C PHE E 204 2.06 68.67 -17.58
N LYS E 205 2.66 68.22 -16.48
CA LYS E 205 1.93 67.59 -15.38
C LYS E 205 0.65 68.34 -15.03
N LYS E 206 0.58 69.64 -15.40
CA LYS E 206 -0.53 70.50 -15.00
C LYS E 206 -1.77 70.44 -15.91
N HIS E 207 -1.53 70.47 -17.22
CA HIS E 207 -2.56 70.57 -18.27
C HIS E 207 -3.96 69.97 -17.95
N GLU E 208 -5.01 70.66 -18.38
CA GLU E 208 -6.39 70.24 -18.09
C GLU E 208 -6.68 68.79 -18.49
N CYS E 209 -6.07 68.36 -19.60
CA CYS E 209 -6.28 67.01 -20.11
C CYS E 209 -5.32 65.98 -19.52
N ALA E 210 -4.32 66.43 -18.75
CA ALA E 210 -3.28 65.55 -18.18
C ALA E 210 -3.82 64.41 -17.30
N SER E 211 -5.14 64.37 -17.10
CA SER E 211 -5.80 63.30 -16.35
C SER E 211 -5.85 62.04 -17.20
N PHE E 212 -5.46 62.20 -18.47
CA PHE E 212 -5.47 61.13 -19.46
C PHE E 212 -4.47 60.04 -19.15
N ARG E 213 -3.64 60.28 -18.15
CA ARG E 213 -2.62 59.32 -17.80
C ARG E 213 -3.19 58.12 -17.05
N TYR E 214 -4.48 58.12 -16.72
CA TYR E 214 -4.99 57.16 -15.74
C TYR E 214 -4.56 55.74 -16.06
N GLY E 215 -4.47 55.43 -17.33
CA GLY E 215 -4.05 54.09 -17.68
C GLY E 215 -2.81 54.13 -18.52
N THR E 216 -2.29 55.33 -18.71
CA THR E 216 -1.13 55.54 -19.57
C THR E 216 0.13 55.50 -18.72
N ILE E 217 -0.07 55.55 -17.41
CA ILE E 217 1.03 55.68 -16.45
C ILE E 217 1.81 54.39 -16.26
N VAL E 218 1.14 53.23 -16.42
CA VAL E 218 1.81 51.97 -16.22
C VAL E 218 2.70 51.65 -17.42
N SER E 219 3.01 52.69 -18.18
CA SER E 219 3.94 52.57 -19.28
C SER E 219 5.34 53.10 -18.95
N ARG E 220 5.41 54.03 -18.02
CA ARG E 220 6.65 54.66 -17.62
C ARG E 220 7.45 53.70 -16.74
N PHE E 221 8.64 53.33 -17.19
CA PHE E 221 9.43 52.31 -16.50
C PHE E 221 8.73 50.96 -16.48
N LYS E 222 8.06 50.66 -17.59
CA LYS E 222 7.52 49.34 -17.82
C LYS E 222 8.72 48.45 -18.07
N ASP E 223 8.81 47.35 -17.32
CA ASP E 223 9.92 46.41 -17.47
C ASP E 223 11.24 46.98 -16.89
N CYS E 224 11.11 47.78 -15.84
CA CYS E 224 12.26 48.39 -15.19
C CYS E 224 12.23 48.14 -13.68
N ALA E 225 11.89 46.91 -13.33
CA ALA E 225 11.65 46.54 -11.95
C ALA E 225 12.86 46.75 -11.08
N ALA E 226 13.91 46.00 -11.36
CA ALA E 226 15.11 46.08 -10.56
C ALA E 226 15.52 47.54 -10.41
N LEU E 227 15.64 48.23 -11.53
CA LEU E 227 16.02 49.64 -11.55
C LEU E 227 15.24 50.48 -10.54
N ALA E 228 14.11 49.96 -10.08
CA ALA E 228 13.26 50.74 -9.22
C ALA E 228 13.19 50.09 -7.86
N THR E 229 13.58 48.82 -7.80
CA THR E 229 13.70 48.17 -6.50
C THR E 229 15.02 48.62 -5.89
N PHE E 230 15.74 49.48 -6.61
CA PHE E 230 17.04 49.96 -6.17
C PHE E 230 16.89 51.32 -5.52
N GLY E 231 16.08 52.18 -6.11
CA GLY E 231 15.83 53.47 -5.50
C GLY E 231 15.03 53.25 -4.25
N HIS E 232 14.48 52.04 -4.14
CA HIS E 232 13.63 51.68 -3.03
C HIS E 232 14.52 51.25 -1.89
N LEU E 233 15.44 50.33 -2.20
CA LEU E 233 16.45 49.86 -1.25
C LEU E 233 17.20 51.05 -0.67
N CYS E 234 17.33 52.12 -1.44
CA CYS E 234 17.99 53.34 -0.98
C CYS E 234 17.14 54.12 0.01
N LYS E 235 15.89 54.33 -0.38
CA LYS E 235 14.98 55.14 0.42
C LYS E 235 14.74 54.48 1.75
N ILE E 236 14.84 53.15 1.77
CA ILE E 236 14.43 52.35 2.92
C ILE E 236 15.54 52.12 3.92
N THR E 237 16.77 52.41 3.50
CA THR E 237 17.93 52.31 4.37
C THR E 237 18.52 53.70 4.60
N GLY E 238 17.90 54.71 3.99
CA GLY E 238 18.38 56.07 4.11
C GLY E 238 19.77 56.26 3.53
N MET E 239 20.41 55.15 3.15
CA MET E 239 21.77 55.20 2.64
C MET E 239 21.89 55.87 1.28
N SER E 240 23.08 56.42 1.03
CA SER E 240 23.35 57.12 -0.21
C SER E 240 23.31 56.10 -1.31
N THR E 241 23.17 56.60 -2.52
CA THR E 241 23.17 55.73 -3.68
C THR E 241 24.55 55.04 -3.83
N GLU E 242 25.61 55.80 -3.59
CA GLU E 242 26.97 55.29 -3.68
C GLU E 242 27.29 54.31 -2.56
N ASP E 243 26.86 54.60 -1.33
CA ASP E 243 27.08 53.69 -0.18
C ASP E 243 26.37 52.34 -0.37
N VAL E 244 25.11 52.39 -0.80
CA VAL E 244 24.36 51.17 -0.99
C VAL E 244 25.10 50.28 -1.96
N THR E 245 25.59 50.87 -3.04
CA THR E 245 26.33 50.15 -4.07
C THR E 245 27.47 49.34 -3.49
N THR E 246 28.12 49.88 -2.49
CA THR E 246 29.26 49.21 -1.89
C THR E 246 28.84 47.98 -1.09
N TRP E 247 27.61 47.98 -0.60
CA TRP E 247 27.08 46.85 0.17
C TRP E 247 26.68 45.61 -0.66
N ILE E 248 26.93 45.69 -1.96
CA ILE E 248 26.78 44.54 -2.85
C ILE E 248 27.90 43.55 -2.56
N LEU E 249 27.54 42.29 -2.31
CA LEU E 249 28.49 41.32 -1.82
C LEU E 249 28.52 40.03 -2.65
N ASN E 250 27.80 40.00 -3.77
CA ASN E 250 27.83 38.84 -4.66
C ASN E 250 28.18 39.18 -6.11
N ARG E 251 29.16 38.46 -6.68
CA ARG E 251 29.61 38.69 -8.07
C ARG E 251 28.43 39.07 -9.00
N GLU E 252 27.59 38.10 -9.32
CA GLU E 252 26.53 38.31 -10.29
C GLU E 252 25.50 39.34 -9.85
N VAL E 253 25.63 39.87 -8.63
CA VAL E 253 24.80 41.01 -8.27
C VAL E 253 25.48 42.28 -8.74
N ALA E 254 26.79 42.35 -8.46
CA ALA E 254 27.63 43.39 -9.04
C ALA E 254 27.45 43.40 -10.55
N ASP E 255 27.72 42.27 -11.20
CA ASP E 255 27.49 42.14 -12.64
C ASP E 255 26.25 42.91 -13.08
N GLU E 256 25.12 42.64 -12.44
CA GLU E 256 23.84 43.22 -12.84
C GLU E 256 23.73 44.67 -12.46
N MET E 257 24.29 45.02 -11.32
CA MET E 257 24.27 46.42 -10.91
C MET E 257 25.01 47.25 -11.95
N VAL E 258 26.14 46.72 -12.43
CA VAL E 258 26.88 47.32 -13.54
C VAL E 258 25.94 47.49 -14.72
N GLN E 259 25.54 46.36 -15.29
CA GLN E 259 24.59 46.36 -16.38
C GLN E 259 23.59 47.53 -16.26
N MET E 260 22.97 47.70 -15.10
CA MET E 260 21.90 48.70 -14.98
C MET E 260 22.42 50.12 -15.08
N MET E 261 23.64 50.33 -14.61
CA MET E 261 24.16 51.69 -14.42
C MET E 261 24.91 52.22 -15.63
N LEU E 262 24.96 51.41 -16.70
CA LEU E 262 25.68 51.77 -17.93
C LEU E 262 25.40 53.20 -18.35
N PRO E 263 26.46 54.01 -18.41
CA PRO E 263 26.40 55.46 -18.60
C PRO E 263 25.80 55.85 -19.95
N GLY E 264 25.26 57.07 -20.01
CA GLY E 264 24.68 57.64 -21.21
C GLY E 264 23.42 56.92 -21.63
N GLN E 265 22.41 56.95 -20.77
CA GLN E 265 21.16 56.26 -21.07
C GLN E 265 20.00 57.06 -20.53
N GLU E 266 20.30 58.26 -20.02
CA GLU E 266 19.27 59.22 -19.63
C GLU E 266 18.40 58.77 -18.45
N ILE E 267 18.84 57.74 -17.72
CA ILE E 267 17.99 57.16 -16.66
C ILE E 267 17.75 58.15 -15.54
N ASP E 268 18.82 58.84 -15.11
CA ASP E 268 18.74 59.91 -14.10
C ASP E 268 18.11 61.20 -14.64
N LYS E 269 17.83 61.23 -15.95
CA LYS E 269 17.37 62.43 -16.63
C LYS E 269 15.91 62.78 -16.28
N ALA E 270 15.58 64.07 -16.38
CA ALA E 270 14.25 64.60 -16.12
C ALA E 270 13.12 63.93 -16.93
N ASP E 271 12.88 64.43 -18.14
CA ASP E 271 11.90 63.84 -19.07
C ASP E 271 12.63 63.31 -20.29
N SER E 272 12.63 61.99 -20.45
CA SER E 272 13.42 61.36 -21.49
C SER E 272 12.63 60.23 -22.04
N TYR E 273 13.10 59.68 -23.15
CA TYR E 273 12.48 58.50 -23.75
C TYR E 273 12.82 57.23 -22.99
N MET E 274 13.85 57.30 -22.14
CA MET E 274 14.35 56.11 -21.45
C MET E 274 13.27 55.26 -20.75
N PRO E 275 12.38 55.89 -19.97
CA PRO E 275 11.33 55.16 -19.25
C PRO E 275 10.42 54.35 -20.18
N TYR E 276 10.14 54.89 -21.36
CA TYR E 276 9.25 54.23 -22.32
C TYR E 276 10.04 53.45 -23.35
N LEU E 277 11.26 53.08 -22.99
CA LEU E 277 12.12 52.35 -23.91
C LEU E 277 11.38 51.15 -24.48
N ILE E 278 10.42 50.61 -23.74
CA ILE E 278 9.76 49.39 -24.15
C ILE E 278 8.56 49.65 -25.05
N ASP E 279 7.74 50.66 -24.71
CA ASP E 279 6.51 50.96 -25.46
C ASP E 279 6.65 51.88 -26.67
N PHE E 280 7.76 52.62 -26.77
CA PHE E 280 8.11 53.24 -28.04
C PHE E 280 8.92 52.27 -28.89
N GLY E 281 9.13 51.05 -28.40
CA GLY E 281 9.88 50.05 -29.15
C GLY E 281 11.36 50.37 -29.36
N LEU E 282 11.96 51.08 -28.42
CA LEU E 282 13.40 51.30 -28.50
C LEU E 282 14.16 50.02 -28.11
N SER E 283 13.52 49.17 -27.32
CA SER E 283 14.18 48.01 -26.77
C SER E 283 13.24 46.83 -26.79
N SER E 284 13.75 45.67 -27.20
CA SER E 284 12.93 44.47 -27.22
C SER E 284 13.24 43.57 -26.01
N LYS E 285 14.25 43.97 -25.24
CA LYS E 285 14.63 43.27 -24.02
C LYS E 285 15.24 44.28 -23.09
N SER E 286 14.50 44.70 -22.08
CA SER E 286 14.95 45.74 -21.16
C SER E 286 16.13 45.27 -20.31
N PRO E 287 17.13 46.14 -20.14
CA PRO E 287 18.23 45.79 -19.24
C PRO E 287 17.93 46.12 -17.77
N TYR E 288 16.75 46.65 -17.48
CA TYR E 288 16.40 47.09 -16.13
C TYR E 288 15.38 46.17 -15.48
N SER E 289 14.96 45.15 -16.24
CA SER E 289 13.91 44.24 -15.81
C SER E 289 14.37 43.43 -14.62
N SER E 290 13.42 42.84 -13.90
CA SER E 290 13.73 41.95 -12.78
C SER E 290 14.08 40.55 -13.27
N VAL E 291 14.04 40.38 -14.58
CA VAL E 291 14.26 39.07 -15.15
C VAL E 291 15.69 39.01 -15.66
N LYS E 292 16.27 40.19 -15.88
CA LYS E 292 17.65 40.31 -16.31
C LYS E 292 18.49 40.72 -15.11
N ASN E 293 17.82 40.97 -13.99
CA ASN E 293 18.51 41.33 -12.76
C ASN E 293 17.97 40.52 -11.58
N PRO E 294 17.89 39.20 -11.73
CA PRO E 294 17.28 38.30 -10.73
C PRO E 294 17.95 38.39 -9.37
N ALA E 295 19.27 38.15 -9.35
CA ALA E 295 20.07 38.32 -8.14
C ALA E 295 19.86 39.70 -7.53
N PHE E 296 20.13 40.75 -8.29
CA PHE E 296 19.91 42.06 -7.73
C PHE E 296 18.51 42.18 -7.13
N HIS E 297 17.52 41.86 -7.92
CA HIS E 297 16.14 41.96 -7.48
C HIS E 297 15.89 41.21 -6.18
N PHE E 298 16.35 39.96 -6.11
CA PHE E 298 16.09 39.14 -4.95
C PHE E 298 16.78 39.69 -3.74
N TRP E 299 18.03 40.09 -3.91
CA TRP E 299 18.83 40.60 -2.80
C TRP E 299 18.18 41.87 -2.29
N GLY E 300 18.04 42.85 -3.18
CA GLY E 300 17.53 44.13 -2.77
C GLY E 300 16.21 44.00 -2.05
N GLN E 301 15.35 43.16 -2.59
CA GLN E 301 14.02 43.03 -2.06
C GLN E 301 14.03 42.34 -0.69
N LEU E 302 14.76 41.23 -0.61
CA LEU E 302 14.87 40.50 0.64
C LEU E 302 15.34 41.44 1.70
N THR E 303 16.34 42.25 1.36
CA THR E 303 16.89 43.19 2.30
C THR E 303 15.81 44.16 2.76
N ALA E 304 15.20 44.84 1.81
CA ALA E 304 14.19 45.85 2.12
C ALA E 304 13.16 45.23 3.07
N LEU E 305 12.78 43.98 2.81
CA LEU E 305 11.81 43.28 3.64
C LEU E 305 12.25 43.18 5.12
N LEU E 306 13.41 42.59 5.37
CA LEU E 306 13.94 42.51 6.73
C LEU E 306 13.93 43.90 7.37
N LEU E 307 13.96 44.95 6.54
CA LEU E 307 14.03 46.34 7.02
C LEU E 307 12.66 46.99 7.15
N ARG E 308 11.63 46.15 7.09
CA ARG E 308 10.26 46.52 7.42
C ARG E 308 9.49 47.10 6.23
N SER E 309 9.98 46.85 5.02
CA SER E 309 9.28 47.28 3.80
C SER E 309 7.91 46.69 3.68
N THR E 310 6.90 47.52 3.39
CA THR E 310 5.57 47.01 3.06
C THR E 310 5.51 46.45 1.64
N ARG E 311 5.80 47.29 0.66
CA ARG E 311 5.99 46.87 -0.75
C ARG E 311 6.66 45.50 -0.98
N ALA E 312 7.82 45.27 -0.39
CA ALA E 312 8.60 44.08 -0.72
C ALA E 312 7.96 42.79 -0.23
N ARG E 313 7.00 42.91 0.69
CA ARG E 313 6.27 41.75 1.18
C ARG E 313 5.84 40.80 0.03
N ASN E 314 5.58 41.39 -1.13
CA ASN E 314 4.90 40.70 -2.23
C ASN E 314 5.74 40.61 -3.52
N ALA E 315 7.00 40.97 -3.45
CA ALA E 315 7.86 40.83 -4.62
C ALA E 315 8.01 39.36 -4.92
N ARG E 316 8.37 39.04 -6.15
CA ARG E 316 8.45 37.65 -6.55
C ARG E 316 9.85 37.15 -6.42
N GLN E 317 9.94 35.92 -5.94
CA GLN E 317 11.19 35.23 -5.85
C GLN E 317 11.55 34.69 -7.22
N PRO E 318 12.59 35.27 -7.84
CA PRO E 318 13.08 34.77 -9.13
C PRO E 318 13.60 33.36 -8.95
N ASP E 319 13.75 32.63 -10.08
CA ASP E 319 14.26 31.27 -10.06
C ASP E 319 15.70 31.23 -10.59
N ASP E 320 16.40 30.16 -10.27
CA ASP E 320 17.77 29.98 -10.76
C ASP E 320 18.73 31.11 -10.37
N ILE E 321 18.60 31.61 -9.15
CA ILE E 321 19.63 32.47 -8.54
C ILE E 321 20.26 31.75 -7.33
N GLU E 322 21.41 32.21 -6.86
CA GLU E 322 22.05 31.52 -5.75
C GLU E 322 21.48 31.97 -4.41
N TYR E 323 20.48 31.24 -3.90
CA TYR E 323 19.72 31.72 -2.74
C TYR E 323 20.51 31.89 -1.44
N THR E 324 21.26 30.88 -1.01
CA THR E 324 21.95 30.97 0.28
C THR E 324 23.26 31.69 0.16
N SER E 325 23.22 32.88 -0.37
CA SER E 325 24.38 33.75 -0.42
C SER E 325 23.76 35.11 -0.59
N LEU E 326 22.81 35.19 -1.51
CA LEU E 326 22.04 36.38 -1.65
C LEU E 326 21.38 36.66 -0.31
N THR E 327 20.72 35.67 0.28
CA THR E 327 20.07 35.80 1.59
C THR E 327 21.09 36.15 2.66
N THR E 328 22.13 35.33 2.79
CA THR E 328 23.15 35.63 3.81
C THR E 328 23.72 37.05 3.68
N ALA E 329 23.84 37.56 2.46
CA ALA E 329 24.30 38.91 2.17
C ALA E 329 23.23 39.97 2.48
N GLY E 330 21.97 39.57 2.34
CA GLY E 330 20.89 40.47 2.63
C GLY E 330 20.71 40.54 4.12
N LEU E 331 20.88 39.42 4.80
CA LEU E 331 20.71 39.39 6.23
C LEU E 331 21.69 40.35 6.85
N LEU E 332 22.96 40.21 6.47
CA LEU E 332 24.03 41.07 6.99
C LEU E 332 23.71 42.54 6.80
N TYR E 333 23.56 42.94 5.53
CA TYR E 333 23.28 44.32 5.20
C TYR E 333 22.13 44.82 6.07
N ALA E 334 21.09 44.01 6.18
CA ALA E 334 19.90 44.41 6.90
C ALA E 334 20.15 44.52 8.39
N TYR E 335 20.80 43.50 8.94
CA TYR E 335 21.15 43.50 10.36
C TYR E 335 22.04 44.68 10.71
N ALA E 336 22.87 45.11 9.76
CA ALA E 336 23.74 46.26 10.03
C ALA E 336 22.89 47.51 10.17
N VAL E 337 22.30 47.93 9.07
CA VAL E 337 21.38 49.05 9.08
C VAL E 337 20.43 48.95 10.27
N GLY E 338 20.08 47.73 10.62
CA GLY E 338 18.95 47.51 11.49
C GLY E 338 19.28 47.80 12.92
N SER E 339 20.43 47.33 13.35
CA SER E 339 20.82 47.35 14.74
C SER E 339 21.48 48.68 15.10
N SER E 340 22.23 49.26 14.16
CA SER E 340 22.84 50.56 14.41
C SER E 340 22.11 51.69 13.67
N ALA E 341 21.17 52.33 14.36
CA ALA E 341 20.37 53.41 13.78
C ALA E 341 21.22 54.64 13.47
N ASP E 342 20.72 55.55 12.64
CA ASP E 342 21.46 56.79 12.35
C ASP E 342 21.53 57.59 13.63
N LEU E 343 20.48 58.34 13.94
CA LEU E 343 20.37 59.03 15.23
C LEU E 343 21.48 60.07 15.44
N ALA E 344 21.06 61.32 15.57
CA ALA E 344 22.01 62.40 15.70
C ALA E 344 21.24 63.68 15.89
N GLN E 345 21.56 64.41 16.97
CA GLN E 345 20.82 65.64 17.26
C GLN E 345 20.82 66.56 16.04
N GLN E 346 19.68 67.20 15.77
CA GLN E 346 19.53 68.02 14.57
C GLN E 346 19.30 69.50 14.85
N PHE E 347 18.49 69.80 15.86
CA PHE E 347 18.27 71.17 16.32
C PHE E 347 18.65 71.36 17.80
N CYS E 348 18.83 72.61 18.25
CA CYS E 348 19.28 72.87 19.62
C CYS E 348 19.05 74.29 20.13
N VAL E 349 19.72 74.62 21.25
CA VAL E 349 19.76 75.97 21.81
C VAL E 349 21.13 76.35 22.46
N GLY E 350 22.20 76.31 21.68
CA GLY E 350 23.54 76.54 22.18
C GLY E 350 24.10 75.32 22.89
N ASP E 351 23.22 74.39 23.25
CA ASP E 351 23.58 73.15 23.97
C ASP E 351 23.36 71.92 23.08
N ASN E 352 24.43 71.24 22.68
CA ASN E 352 24.30 70.09 21.78
C ASN E 352 25.26 68.91 22.02
N LYS E 353 24.80 67.68 21.79
CA LYS E 353 25.62 66.52 22.14
C LYS E 353 26.86 66.31 21.26
N TYR E 354 28.03 66.54 21.85
CA TYR E 354 29.31 66.16 21.26
C TYR E 354 29.38 64.65 21.33
N THR E 355 29.03 64.00 20.23
CA THR E 355 28.90 62.53 20.21
C THR E 355 29.93 61.71 21.01
N PRO E 356 31.25 61.94 20.80
CA PRO E 356 32.26 61.14 21.53
C PRO E 356 32.22 61.26 23.06
N ASP E 357 32.53 60.14 23.71
CA ASP E 357 32.62 60.05 25.16
C ASP E 357 34.06 59.65 25.51
N ASP E 358 34.33 58.36 25.31
CA ASP E 358 35.65 57.85 24.98
C ASP E 358 35.41 56.84 23.85
N SER E 359 34.23 57.02 23.23
CA SER E 359 33.70 56.36 21.99
C SER E 359 34.38 55.13 21.35
N THR E 360 34.69 54.13 22.16
CA THR E 360 35.30 52.90 21.66
C THR E 360 34.23 51.91 21.17
N GLY E 361 34.57 50.61 21.25
CA GLY E 361 33.68 49.51 20.91
C GLY E 361 33.17 48.75 22.15
N GLY E 362 31.84 48.60 22.22
CA GLY E 362 31.11 48.27 23.45
C GLY E 362 31.38 46.95 24.17
N LEU E 363 30.69 45.88 23.76
CA LEU E 363 30.94 44.55 24.30
C LEU E 363 32.33 44.08 23.84
N THR E 364 33.32 44.98 23.97
CA THR E 364 34.65 44.79 23.38
C THR E 364 34.64 43.74 22.25
N THR E 365 34.97 42.50 22.61
CA THR E 365 35.11 41.46 21.61
C THR E 365 33.75 40.98 21.10
N ASN E 366 33.71 40.66 19.80
CA ASN E 366 32.52 40.13 19.14
C ASN E 366 31.31 41.06 19.22
N ALA E 367 31.54 42.23 19.84
CA ALA E 367 30.61 43.34 19.73
C ALA E 367 30.72 43.85 18.30
N PRO E 368 29.59 43.87 17.61
CA PRO E 368 29.49 44.18 16.17
C PRO E 368 29.65 45.67 15.91
N PRO E 369 30.28 46.00 14.78
CA PRO E 369 30.79 47.33 14.42
C PRO E 369 29.85 48.50 14.62
N GLN E 370 30.45 49.67 14.56
CA GLN E 370 29.83 50.90 15.03
C GLN E 370 28.76 51.41 14.06
N GLY E 371 29.18 51.93 12.92
CA GLY E 371 28.24 52.50 11.98
C GLY E 371 27.80 51.50 10.92
N ARG E 372 27.84 51.95 9.67
CA ARG E 372 27.39 51.13 8.57
C ARG E 372 28.49 50.98 7.55
N ASP E 373 29.70 50.70 8.01
CA ASP E 373 30.74 50.45 7.04
C ASP E 373 30.87 49.00 6.61
N VAL E 374 30.91 48.82 5.30
CA VAL E 374 31.01 47.52 4.65
C VAL E 374 32.23 46.75 5.10
N VAL E 375 33.35 47.47 5.19
CA VAL E 375 34.60 46.83 5.56
C VAL E 375 34.58 46.50 7.03
N GLU E 376 34.10 47.43 7.85
CA GLU E 376 34.01 47.18 9.28
C GLU E 376 33.18 45.91 9.51
N TRP E 377 32.03 45.86 8.86
CA TRP E 377 31.12 44.75 9.06
C TRP E 377 31.63 43.47 8.44
N LEU E 378 32.04 43.55 7.18
CA LEU E 378 32.59 42.40 6.47
C LEU E 378 33.68 41.70 7.32
N GLY E 379 34.55 42.53 7.90
CA GLY E 379 35.64 42.07 8.73
C GLY E 379 35.08 41.43 9.98
N TRP E 380 34.13 42.10 10.62
CA TRP E 380 33.45 41.51 11.76
C TRP E 380 32.76 40.17 11.42
N PHE E 381 32.34 40.01 10.16
CA PHE E 381 31.72 38.76 9.75
C PHE E 381 32.82 37.72 9.61
N GLU E 382 33.88 38.05 8.89
CA GLU E 382 35.06 37.18 8.87
C GLU E 382 35.30 36.67 10.29
N ASP E 383 35.15 37.57 11.24
CA ASP E 383 35.32 37.31 12.68
C ASP E 383 34.38 36.21 13.13
N GLN E 384 33.09 36.34 12.83
CA GLN E 384 32.13 35.37 13.32
C GLN E 384 32.12 34.08 12.53
N ASN E 385 33.27 33.70 11.98
CA ASN E 385 33.37 32.45 11.19
C ASN E 385 32.59 32.56 9.88
N ARG E 386 32.38 33.78 9.41
CA ARG E 386 31.57 34.03 8.21
C ARG E 386 30.30 33.16 8.22
N LYS E 387 29.51 33.32 9.29
CA LYS E 387 28.34 32.49 9.55
C LYS E 387 27.41 33.25 10.51
N PRO E 388 26.14 33.40 10.13
CA PRO E 388 25.19 34.21 10.90
C PRO E 388 25.10 33.90 12.41
N THR E 389 25.24 34.94 13.22
CA THR E 389 25.13 34.83 14.67
C THR E 389 23.70 34.57 15.09
N PRO E 390 23.49 34.24 16.37
CA PRO E 390 22.14 34.10 16.94
C PRO E 390 21.35 35.41 17.13
N ASP E 391 21.95 36.52 17.58
CA ASP E 391 21.15 37.76 17.64
C ASP E 391 20.74 38.20 16.24
N MET E 392 21.65 38.08 15.28
CA MET E 392 21.31 38.52 13.95
C MET E 392 20.33 37.55 13.29
N MET E 393 20.42 36.28 13.66
CA MET E 393 19.40 35.33 13.23
C MET E 393 18.07 35.60 13.95
N GLN E 394 18.15 36.03 15.20
CA GLN E 394 16.97 36.40 15.97
C GLN E 394 16.33 37.62 15.33
N TYR E 395 17.16 38.50 14.77
CA TYR E 395 16.68 39.74 14.16
C TYR E 395 15.75 39.43 13.01
N ALA E 396 16.21 38.50 12.17
CA ALA E 396 15.45 38.04 11.01
C ALA E 396 14.11 37.48 11.42
N LYS E 397 14.08 36.72 12.51
CA LYS E 397 12.84 36.13 12.99
C LYS E 397 11.82 37.18 13.39
N ARG E 398 12.22 38.17 14.17
CA ARG E 398 11.31 39.24 14.57
C ARG E 398 10.73 40.00 13.35
N ALA E 399 11.55 40.13 12.30
CA ALA E 399 11.14 40.88 11.13
C ALA E 399 10.14 40.14 10.27
N VAL E 400 10.14 38.81 10.36
CA VAL E 400 9.30 37.97 9.48
C VAL E 400 8.17 37.22 10.16
N MET E 401 8.35 36.81 11.42
CA MET E 401 7.19 36.28 12.14
C MET E 401 6.12 37.37 12.09
N SER E 402 4.88 37.05 12.46
CA SER E 402 3.86 38.11 12.51
C SER E 402 3.56 38.79 11.17
N LEU E 403 4.21 38.34 10.10
CA LEU E 403 3.78 38.68 8.74
C LEU E 403 2.58 37.80 8.38
N GLN E 404 1.59 38.37 7.70
CA GLN E 404 0.46 37.55 7.25
C GLN E 404 0.02 37.85 5.82
N GLY E 405 -0.78 36.95 5.25
CA GLY E 405 -1.38 37.16 3.94
C GLY E 405 -0.35 37.03 2.84
N LEU E 406 0.46 35.98 2.96
CA LEU E 406 1.63 35.79 2.10
C LEU E 406 1.34 34.99 0.85
N ARG E 407 1.45 35.66 -0.29
CA ARG E 407 1.30 35.01 -1.59
C ARG E 407 2.43 34.02 -1.76
N GLU E 408 2.26 33.04 -2.64
CA GLU E 408 3.29 32.01 -2.80
C GLU E 408 4.27 32.37 -3.90
N LYS E 409 5.50 31.87 -3.78
CA LYS E 409 6.57 32.28 -4.69
C LYS E 409 6.82 33.80 -4.60
N THR E 410 6.75 34.35 -3.39
CA THR E 410 7.19 35.73 -3.15
C THR E 410 8.46 35.74 -2.30
N ILE E 411 9.19 36.85 -2.29
CA ILE E 411 10.33 36.92 -1.38
C ILE E 411 9.77 37.11 0.02
N GLY E 412 8.53 37.56 0.11
CA GLY E 412 7.88 37.60 1.40
C GLY E 412 7.68 36.21 1.94
N LYS E 413 7.11 35.33 1.12
CA LYS E 413 6.82 33.98 1.58
C LYS E 413 8.11 33.27 1.84
N TYR E 414 9.14 33.62 1.06
CA TYR E 414 10.44 32.98 1.24
C TYR E 414 11.02 33.25 2.61
N ALA E 415 11.09 34.53 2.95
CA ALA E 415 11.69 35.01 4.17
C ALA E 415 11.06 34.41 5.45
N LYS E 416 9.74 34.32 5.48
CA LYS E 416 9.10 33.75 6.66
C LYS E 416 9.48 32.29 6.85
N SER E 417 9.54 31.54 5.75
CA SER E 417 9.92 30.13 5.80
C SER E 417 11.38 29.91 6.17
N GLU E 418 12.25 30.84 5.80
CA GLU E 418 13.67 30.72 6.08
C GLU E 418 13.99 31.14 7.51
N PHE E 419 13.26 32.12 8.05
CA PHE E 419 13.62 32.66 9.36
C PHE E 419 12.63 32.41 10.52
N ASP E 420 11.35 32.16 10.21
CA ASP E 420 10.33 31.94 11.25
C ASP E 420 10.16 30.48 11.65
N LYS E 421 10.90 30.11 12.69
CA LYS E 421 10.86 28.78 13.30
C LYS E 421 11.99 28.70 14.35
U IUM G . -21.66 23.83 -42.63
U IUM H . 27.25 3.90 -5.15
U IUM I . 39.82 39.13 12.01
U IUM J . 41.65 12.56 9.42
U IUM K . -25.92 -6.31 -36.07
U IUM L . 17.24 -19.86 10.53
U IUM M . 34.64 -10.26 19.90
U IUM N . -38.75 -26.44 -16.31
U IUM O . 1.44 -28.53 34.41
U IUM P . 22.08 -21.69 39.22
U IUM Q . -55.63 -29.09 9.40
U IUM R . -14.32 -19.28 58.36
U IUM S . -28.17 52.54 -32.99
U IUM T . 27.91 34.05 -6.30
U IUM U . 29.55 57.59 27.25
U IUM V . -27.17 -21.23 33.52
U IUM W . -12.08 -22.72 10.61
U IUM X . 0.36 -7.71 -8.36
U IUM Y . 6.00 17.85 -17.05
U IUM Z . 2.27 44.21 -11.71
#